data_3COU
# 
_entry.id   3COU 
# 
_audit_conform.dict_name       mmcif_pdbx.dic 
_audit_conform.dict_version    5.377 
_audit_conform.dict_location   http://mmcif.pdb.org/dictionaries/ascii/mmcif_pdbx.dic 
# 
loop_
_database_2.database_id 
_database_2.database_code 
_database_2.pdbx_database_accession 
_database_2.pdbx_DOI 
PDB   3COU         pdb_00003cou 10.2210/pdb3cou/pdb 
RCSB  RCSB047036   ?            ?                   
WWPDB D_1000047036 ?            ?                   
# 
_pdbx_database_status.entry_id                        3COU 
_pdbx_database_status.deposit_site                    RCSB 
_pdbx_database_status.process_site                    RCSB 
_pdbx_database_status.recvd_initial_deposition_date   2008-03-29 
_pdbx_database_status.status_code                     REL 
_pdbx_database_status.status_code_sf                  REL 
_pdbx_database_status.status_code_mr                  ? 
_pdbx_database_status.SG_entry                        Y 
_pdbx_database_status.pdb_format_compatible           Y 
_pdbx_database_status.status_code_cs                  ? 
_pdbx_database_status.status_code_nmr_data            ? 
_pdbx_database_status.methods_development_category    ? 
# 
loop_
_audit_author.name 
_audit_author.pdbx_ordinal 
'Tresaugues, L.'                       1  
'Moche, M.'                            2  
'Arrowsmith, C.H.'                     3  
'Berglund, H.'                         4  
'Busam, R.D.'                          5  
'Collins, R.'                          6  
'Dahlgren, L.G.'                       7  
'Edwards, A.M.'                        8  
'Flodin, S.'                           9  
'Flores, A.'                           10 
'Graslund, S.'                         11 
'Hammarstrom, M.'                      12 
'Herman, M.D.'                         13 
'Johansson, A.'                        14 
'Johansson, I.'                        15 
'Kallas, A.'                           16 
'Karlberg, T.'                         17 
'Kotenyova, T.'                        18 
'Lehtio, L.'                           19 
'Nilsson, M.E.'                        20 
'Nyman, T.'                            21 
'Persson, C.'                          22 
'Sagemark, J.'                         23 
'Schueler, H.'                         24 
'Svensson, L.'                         25 
'Thorsell, A.G.'                       26 
'Van Den Berg, S.'                     27 
'Welin, M.'                            28 
'Weigelt, J.'                          29 
'Wikstrom, M.'                         30 
'Nordlund, P.'                         31 
'Structural Genomics Consortium (SGC)' 32 
# 
_citation.id                        primary 
_citation.title                     'Crystal structure of human Nudix motif 16 (NUDT16).' 
_citation.journal_abbrev            'To be Published' 
_citation.journal_volume            ? 
_citation.page_first                ? 
_citation.page_last                 ? 
_citation.year                      ? 
_citation.journal_id_ASTM           ? 
_citation.country                   ? 
_citation.journal_id_ISSN           ? 
_citation.journal_id_CSD            0353 
_citation.book_publisher            ? 
_citation.pdbx_database_id_PubMed   ? 
_citation.pdbx_database_id_DOI      ? 
# 
loop_
_citation_author.citation_id 
_citation_author.name 
_citation_author.ordinal 
_citation_author.identifier_ORCID 
primary 'Tresaugues, L.'   1  ? 
primary 'Moche, M.'        2  ? 
primary 'Arrowsmith, C.H.' 3  ? 
primary 'Berglund, H.'     4  ? 
primary 'Busam, R.D.'      5  ? 
primary 'Collins, R.'      6  ? 
primary 'Dahlgren, L.G.'   7  ? 
primary 'Edwards, A.M.'    8  ? 
primary 'Flodin, S.'       9  ? 
primary 'Flores, A.'       10 ? 
primary 'Graslund, S.'     11 ? 
primary 'Hammarstrom, M.'  12 ? 
primary 'Herman, M.D.'     13 ? 
primary 'Johansson, A.'    14 ? 
primary 'Johansson, I.'    15 ? 
primary 'Kallas, A.'       16 ? 
primary 'Karlberg, T.'     17 ? 
primary 'Kotenyova, T.'    18 ? 
primary 'Lehtio, L.'       19 ? 
primary 'Nilsson, M.E.'    20 ? 
primary 'Nyman, T.'        21 ? 
primary 'Persson, C.'      22 ? 
primary 'Sagemark, J.'     23 ? 
primary 'Schueler, H.'     24 ? 
primary 'Svensson, L.'     25 ? 
primary 'Thorsell, A.G.'   26 ? 
primary 'Van Den Berg, S.' 27 ? 
primary 'Welin, M.'        28 ? 
primary 'Weigelt, J.'      29 ? 
primary 'Wikstrom, M.'     30 ? 
primary 'Nordlund, P.'     31 ? 
# 
_cell.length_a           142.130 
_cell.length_b           142.130 
_cell.length_c           142.130 
_cell.angle_alpha        90.000 
_cell.angle_beta         90.000 
_cell.angle_gamma        90.000 
_cell.entry_id           3COU 
_cell.pdbx_unique_axis   ? 
_cell.Z_PDB              48 
_cell.length_a_esd       ? 
_cell.length_b_esd       ? 
_cell.length_c_esd       ? 
_cell.angle_alpha_esd    ? 
_cell.angle_beta_esd     ? 
_cell.angle_gamma_esd    ? 
# 
_symmetry.space_group_name_H-M             'F 2 3' 
_symmetry.entry_id                         3COU 
_symmetry.Int_Tables_number                196 
_symmetry.pdbx_full_space_group_name_H-M   ? 
_symmetry.cell_setting                     ? 
_symmetry.space_group_name_Hall            ? 
# 
loop_
_entity.id 
_entity.type 
_entity.src_method 
_entity.pdbx_description 
_entity.formula_weight 
_entity.pdbx_number_of_molecules 
_entity.pdbx_ec 
_entity.pdbx_mutation 
_entity.pdbx_fragment 
_entity.details 
1 polymer man 'Nucleoside diphosphate-linked moiety X motif 16' 23889.180 1   3.6.1.- A22V ? ? 
2 water   nat water                                             18.015    196 ?       ?    ? ? 
# 
_entity_name_com.entity_id   1 
_entity_name_com.name        'Nudix motif 16' 
# 
_entity_poly.entity_id                      1 
_entity_poly.type                           'polypeptide(L)' 
_entity_poly.nstd_linkage                   no 
_entity_poly.nstd_monomer                   no 
_entity_poly.pdbx_seq_one_letter_code       
;MHHHHHHSSGVDLGTENLYFQSMAGARRLELGEALALGSGWRHVCHALLYAPDPGMLFGRIPLRYAILMQMRFDGRLGFP
GGFVDTQDRSLEDGLNRELREELGEAAAAFRVERTDYRSSHVGSGPRVVAHFYAKRLTLEELLAVEAGATRAKDHGLEVL
GLVRVPLYTLRDGVGGLPTFLENSFIGSAREQLLEALQDLGLLQSGSISGLKIPAHH
;
_entity_poly.pdbx_seq_one_letter_code_can   
;MHHHHHHSSGVDLGTENLYFQSMAGARRLELGEALALGSGWRHVCHALLYAPDPGMLFGRIPLRYAILMQMRFDGRLGFP
GGFVDTQDRSLEDGLNRELREELGEAAAAFRVERTDYRSSHVGSGPRVVAHFYAKRLTLEELLAVEAGATRAKDHGLEVL
GLVRVPLYTLRDGVGGLPTFLENSFIGSAREQLLEALQDLGLLQSGSISGLKIPAHH
;
_entity_poly.pdbx_strand_id                 A 
_entity_poly.pdbx_target_identifier         ? 
# 
loop_
_entity_poly_seq.entity_id 
_entity_poly_seq.num 
_entity_poly_seq.mon_id 
_entity_poly_seq.hetero 
1 1   MET n 
1 2   HIS n 
1 3   HIS n 
1 4   HIS n 
1 5   HIS n 
1 6   HIS n 
1 7   HIS n 
1 8   SER n 
1 9   SER n 
1 10  GLY n 
1 11  VAL n 
1 12  ASP n 
1 13  LEU n 
1 14  GLY n 
1 15  THR n 
1 16  GLU n 
1 17  ASN n 
1 18  LEU n 
1 19  TYR n 
1 20  PHE n 
1 21  GLN n 
1 22  SER n 
1 23  MET n 
1 24  ALA n 
1 25  GLY n 
1 26  ALA n 
1 27  ARG n 
1 28  ARG n 
1 29  LEU n 
1 30  GLU n 
1 31  LEU n 
1 32  GLY n 
1 33  GLU n 
1 34  ALA n 
1 35  LEU n 
1 36  ALA n 
1 37  LEU n 
1 38  GLY n 
1 39  SER n 
1 40  GLY n 
1 41  TRP n 
1 42  ARG n 
1 43  HIS n 
1 44  VAL n 
1 45  CYS n 
1 46  HIS n 
1 47  ALA n 
1 48  LEU n 
1 49  LEU n 
1 50  TYR n 
1 51  ALA n 
1 52  PRO n 
1 53  ASP n 
1 54  PRO n 
1 55  GLY n 
1 56  MET n 
1 57  LEU n 
1 58  PHE n 
1 59  GLY n 
1 60  ARG n 
1 61  ILE n 
1 62  PRO n 
1 63  LEU n 
1 64  ARG n 
1 65  TYR n 
1 66  ALA n 
1 67  ILE n 
1 68  LEU n 
1 69  MET n 
1 70  GLN n 
1 71  MET n 
1 72  ARG n 
1 73  PHE n 
1 74  ASP n 
1 75  GLY n 
1 76  ARG n 
1 77  LEU n 
1 78  GLY n 
1 79  PHE n 
1 80  PRO n 
1 81  GLY n 
1 82  GLY n 
1 83  PHE n 
1 84  VAL n 
1 85  ASP n 
1 86  THR n 
1 87  GLN n 
1 88  ASP n 
1 89  ARG n 
1 90  SER n 
1 91  LEU n 
1 92  GLU n 
1 93  ASP n 
1 94  GLY n 
1 95  LEU n 
1 96  ASN n 
1 97  ARG n 
1 98  GLU n 
1 99  LEU n 
1 100 ARG n 
1 101 GLU n 
1 102 GLU n 
1 103 LEU n 
1 104 GLY n 
1 105 GLU n 
1 106 ALA n 
1 107 ALA n 
1 108 ALA n 
1 109 ALA n 
1 110 PHE n 
1 111 ARG n 
1 112 VAL n 
1 113 GLU n 
1 114 ARG n 
1 115 THR n 
1 116 ASP n 
1 117 TYR n 
1 118 ARG n 
1 119 SER n 
1 120 SER n 
1 121 HIS n 
1 122 VAL n 
1 123 GLY n 
1 124 SER n 
1 125 GLY n 
1 126 PRO n 
1 127 ARG n 
1 128 VAL n 
1 129 VAL n 
1 130 ALA n 
1 131 HIS n 
1 132 PHE n 
1 133 TYR n 
1 134 ALA n 
1 135 LYS n 
1 136 ARG n 
1 137 LEU n 
1 138 THR n 
1 139 LEU n 
1 140 GLU n 
1 141 GLU n 
1 142 LEU n 
1 143 LEU n 
1 144 ALA n 
1 145 VAL n 
1 146 GLU n 
1 147 ALA n 
1 148 GLY n 
1 149 ALA n 
1 150 THR n 
1 151 ARG n 
1 152 ALA n 
1 153 LYS n 
1 154 ASP n 
1 155 HIS n 
1 156 GLY n 
1 157 LEU n 
1 158 GLU n 
1 159 VAL n 
1 160 LEU n 
1 161 GLY n 
1 162 LEU n 
1 163 VAL n 
1 164 ARG n 
1 165 VAL n 
1 166 PRO n 
1 167 LEU n 
1 168 TYR n 
1 169 THR n 
1 170 LEU n 
1 171 ARG n 
1 172 ASP n 
1 173 GLY n 
1 174 VAL n 
1 175 GLY n 
1 176 GLY n 
1 177 LEU n 
1 178 PRO n 
1 179 THR n 
1 180 PHE n 
1 181 LEU n 
1 182 GLU n 
1 183 ASN n 
1 184 SER n 
1 185 PHE n 
1 186 ILE n 
1 187 GLY n 
1 188 SER n 
1 189 ALA n 
1 190 ARG n 
1 191 GLU n 
1 192 GLN n 
1 193 LEU n 
1 194 LEU n 
1 195 GLU n 
1 196 ALA n 
1 197 LEU n 
1 198 GLN n 
1 199 ASP n 
1 200 LEU n 
1 201 GLY n 
1 202 LEU n 
1 203 LEU n 
1 204 GLN n 
1 205 SER n 
1 206 GLY n 
1 207 SER n 
1 208 ILE n 
1 209 SER n 
1 210 GLY n 
1 211 LEU n 
1 212 LYS n 
1 213 ILE n 
1 214 PRO n 
1 215 ALA n 
1 216 HIS n 
1 217 HIS n 
# 
_entity_src_gen.entity_id                          1 
_entity_src_gen.pdbx_src_id                        1 
_entity_src_gen.pdbx_alt_source_flag               sample 
_entity_src_gen.pdbx_seq_type                      ? 
_entity_src_gen.pdbx_beg_seq_num                   ? 
_entity_src_gen.pdbx_end_seq_num                   ? 
_entity_src_gen.gene_src_common_name               human 
_entity_src_gen.gene_src_genus                     Homo 
_entity_src_gen.pdbx_gene_src_gene                 NUDT16 
_entity_src_gen.gene_src_species                   ? 
_entity_src_gen.gene_src_strain                    ? 
_entity_src_gen.gene_src_tissue                    ? 
_entity_src_gen.gene_src_tissue_fraction           ? 
_entity_src_gen.gene_src_details                   ? 
_entity_src_gen.pdbx_gene_src_fragment             ? 
_entity_src_gen.pdbx_gene_src_scientific_name      'Homo sapiens' 
_entity_src_gen.pdbx_gene_src_ncbi_taxonomy_id     9606 
_entity_src_gen.pdbx_gene_src_variant              ? 
_entity_src_gen.pdbx_gene_src_cell_line            ? 
_entity_src_gen.pdbx_gene_src_atcc                 ? 
_entity_src_gen.pdbx_gene_src_organ                ? 
_entity_src_gen.pdbx_gene_src_organelle            ? 
_entity_src_gen.pdbx_gene_src_cell                 ? 
_entity_src_gen.pdbx_gene_src_cellular_location    ? 
_entity_src_gen.host_org_common_name               ? 
_entity_src_gen.pdbx_host_org_scientific_name      'Escherichia coli' 
_entity_src_gen.pdbx_host_org_ncbi_taxonomy_id     562 
_entity_src_gen.host_org_genus                     Escherichia 
_entity_src_gen.pdbx_host_org_gene                 ? 
_entity_src_gen.pdbx_host_org_organ                ? 
_entity_src_gen.host_org_species                   ? 
_entity_src_gen.pdbx_host_org_tissue               ? 
_entity_src_gen.pdbx_host_org_tissue_fraction      ? 
_entity_src_gen.pdbx_host_org_strain               'BL21(DE3)R3 pRARE' 
_entity_src_gen.pdbx_host_org_variant              ? 
_entity_src_gen.pdbx_host_org_cell_line            ? 
_entity_src_gen.pdbx_host_org_atcc                 ? 
_entity_src_gen.pdbx_host_org_culture_collection   ? 
_entity_src_gen.pdbx_host_org_cell                 ? 
_entity_src_gen.pdbx_host_org_organelle            ? 
_entity_src_gen.pdbx_host_org_cellular_location    ? 
_entity_src_gen.pdbx_host_org_vector_type          Plasmid 
_entity_src_gen.pdbx_host_org_vector               ? 
_entity_src_gen.host_org_details                   ? 
_entity_src_gen.expression_system_id               ? 
_entity_src_gen.plasmid_name                       pNIC-BSA4 
_entity_src_gen.plasmid_details                    ? 
_entity_src_gen.pdbx_description                   ? 
# 
_struct_ref.id                         1 
_struct_ref.db_name                    UNP 
_struct_ref.db_code                    NUD16_HUMAN 
_struct_ref.pdbx_db_accession          Q96DE0 
_struct_ref.entity_id                  1 
_struct_ref.pdbx_seq_one_letter_code   
;MAGARRLELGEALALGSGWRHACHALLYAPDPGMLFGRIPLRYAILMQMRFDGRLGFPGGFVDTQDRSLEDGLNRELREE
LGEAAAAFRVERTDYRSSHVGSGPRVVAHFYAKRLTLEELLAVEAGATRAKDHGLEVLGLVRVPLYTLRDGVGGLPTFLE
NSFIGSAREQLLEALQDLGLLQSGSISGLKIPAHH
;
_struct_ref.pdbx_align_begin           1 
_struct_ref.pdbx_db_isoform            ? 
# 
_struct_ref_seq.align_id                      1 
_struct_ref_seq.ref_id                        1 
_struct_ref_seq.pdbx_PDB_id_code              3COU 
_struct_ref_seq.pdbx_strand_id                A 
_struct_ref_seq.seq_align_beg                 23 
_struct_ref_seq.pdbx_seq_align_beg_ins_code   ? 
_struct_ref_seq.seq_align_end                 217 
_struct_ref_seq.pdbx_seq_align_end_ins_code   ? 
_struct_ref_seq.pdbx_db_accession             Q96DE0 
_struct_ref_seq.db_align_beg                  1 
_struct_ref_seq.pdbx_db_align_beg_ins_code    ? 
_struct_ref_seq.db_align_end                  195 
_struct_ref_seq.pdbx_db_align_end_ins_code    ? 
_struct_ref_seq.pdbx_auth_seq_align_beg       1 
_struct_ref_seq.pdbx_auth_seq_align_end       195 
# 
loop_
_struct_ref_seq_dif.align_id 
_struct_ref_seq_dif.pdbx_pdb_id_code 
_struct_ref_seq_dif.mon_id 
_struct_ref_seq_dif.pdbx_pdb_strand_id 
_struct_ref_seq_dif.seq_num 
_struct_ref_seq_dif.pdbx_pdb_ins_code 
_struct_ref_seq_dif.pdbx_seq_db_name 
_struct_ref_seq_dif.pdbx_seq_db_accession_code 
_struct_ref_seq_dif.db_mon_id 
_struct_ref_seq_dif.pdbx_seq_db_seq_num 
_struct_ref_seq_dif.details 
_struct_ref_seq_dif.pdbx_auth_seq_num 
_struct_ref_seq_dif.pdbx_ordinal 
1 3COU MET A 1  ? UNP Q96DE0 ?   ?  'expression tag'      -21 1  
1 3COU HIS A 2  ? UNP Q96DE0 ?   ?  'expression tag'      -20 2  
1 3COU HIS A 3  ? UNP Q96DE0 ?   ?  'expression tag'      -19 3  
1 3COU HIS A 4  ? UNP Q96DE0 ?   ?  'expression tag'      -18 4  
1 3COU HIS A 5  ? UNP Q96DE0 ?   ?  'expression tag'      -17 5  
1 3COU HIS A 6  ? UNP Q96DE0 ?   ?  'expression tag'      -16 6  
1 3COU HIS A 7  ? UNP Q96DE0 ?   ?  'expression tag'      -15 7  
1 3COU SER A 8  ? UNP Q96DE0 ?   ?  'expression tag'      -14 8  
1 3COU SER A 9  ? UNP Q96DE0 ?   ?  'expression tag'      -13 9  
1 3COU GLY A 10 ? UNP Q96DE0 ?   ?  'expression tag'      -12 10 
1 3COU VAL A 11 ? UNP Q96DE0 ?   ?  'expression tag'      -11 11 
1 3COU ASP A 12 ? UNP Q96DE0 ?   ?  'expression tag'      -10 12 
1 3COU LEU A 13 ? UNP Q96DE0 ?   ?  'expression tag'      -9  13 
1 3COU GLY A 14 ? UNP Q96DE0 ?   ?  'expression tag'      -8  14 
1 3COU THR A 15 ? UNP Q96DE0 ?   ?  'expression tag'      -7  15 
1 3COU GLU A 16 ? UNP Q96DE0 ?   ?  'expression tag'      -6  16 
1 3COU ASN A 17 ? UNP Q96DE0 ?   ?  'expression tag'      -5  17 
1 3COU LEU A 18 ? UNP Q96DE0 ?   ?  'expression tag'      -4  18 
1 3COU TYR A 19 ? UNP Q96DE0 ?   ?  'expression tag'      -3  19 
1 3COU PHE A 20 ? UNP Q96DE0 ?   ?  'expression tag'      -2  20 
1 3COU GLN A 21 ? UNP Q96DE0 ?   ?  'expression tag'      -1  21 
1 3COU SER A 22 ? UNP Q96DE0 ?   ?  'expression tag'      0   22 
1 3COU VAL A 44 ? UNP Q96DE0 ALA 22 'engineered mutation' 22  23 
# 
loop_
_chem_comp.id 
_chem_comp.type 
_chem_comp.mon_nstd_flag 
_chem_comp.name 
_chem_comp.pdbx_synonyms 
_chem_comp.formula 
_chem_comp.formula_weight 
ALA 'L-peptide linking' y ALANINE         ? 'C3 H7 N O2'     89.093  
ARG 'L-peptide linking' y ARGININE        ? 'C6 H15 N4 O2 1' 175.209 
ASN 'L-peptide linking' y ASPARAGINE      ? 'C4 H8 N2 O3'    132.118 
ASP 'L-peptide linking' y 'ASPARTIC ACID' ? 'C4 H7 N O4'     133.103 
CYS 'L-peptide linking' y CYSTEINE        ? 'C3 H7 N O2 S'   121.158 
GLN 'L-peptide linking' y GLUTAMINE       ? 'C5 H10 N2 O3'   146.144 
GLU 'L-peptide linking' y 'GLUTAMIC ACID' ? 'C5 H9 N O4'     147.129 
GLY 'peptide linking'   y GLYCINE         ? 'C2 H5 N O2'     75.067  
HIS 'L-peptide linking' y HISTIDINE       ? 'C6 H10 N3 O2 1' 156.162 
HOH non-polymer         . WATER           ? 'H2 O'           18.015  
ILE 'L-peptide linking' y ISOLEUCINE      ? 'C6 H13 N O2'    131.173 
LEU 'L-peptide linking' y LEUCINE         ? 'C6 H13 N O2'    131.173 
LYS 'L-peptide linking' y LYSINE          ? 'C6 H15 N2 O2 1' 147.195 
MET 'L-peptide linking' y METHIONINE      ? 'C5 H11 N O2 S'  149.211 
PHE 'L-peptide linking' y PHENYLALANINE   ? 'C9 H11 N O2'    165.189 
PRO 'L-peptide linking' y PROLINE         ? 'C5 H9 N O2'     115.130 
SER 'L-peptide linking' y SERINE          ? 'C3 H7 N O3'     105.093 
THR 'L-peptide linking' y THREONINE       ? 'C4 H9 N O3'     119.119 
TRP 'L-peptide linking' y TRYPTOPHAN      ? 'C11 H12 N2 O2'  204.225 
TYR 'L-peptide linking' y TYROSINE        ? 'C9 H11 N O3'    181.189 
VAL 'L-peptide linking' y VALINE          ? 'C5 H11 N O2'    117.146 
# 
_exptl.crystals_number   1 
_exptl.entry_id          3COU 
_exptl.method            'X-RAY DIFFRACTION' 
# 
_exptl_crystal.id                    1 
_exptl_crystal.density_Matthews      2.50 
_exptl_crystal.density_meas          ? 
_exptl_crystal.density_percent_sol   50.88 
_exptl_crystal.description           ? 
_exptl_crystal.F_000                 ? 
_exptl_crystal.preparation           ? 
# 
_exptl_crystal_grow.crystal_id      1 
_exptl_crystal_grow.method          'VAPOR DIFFUSION, SITTING DROP' 
_exptl_crystal_grow.pH              9.5 
_exptl_crystal_grow.temp            277 
_exptl_crystal_grow.temp_details    ? 
_exptl_crystal_grow.pdbx_details    '0.1M CHES pH 9.5, 20% (w/v) PEG 8000, VAPOR DIFFUSION, SITTING DROP, temperature 277K' 
_exptl_crystal_grow.pdbx_pH_range   . 
# 
_diffrn.id                     1 
_diffrn.ambient_temp           100 
_diffrn.ambient_temp_details   ? 
_diffrn.crystal_id             1 
# 
_diffrn_detector.diffrn_id              1 
_diffrn_detector.detector               CCD 
_diffrn_detector.type                   'MARMOSAIC 225 mm CCD' 
_diffrn_detector.pdbx_collection_date   2008-02-06 
_diffrn_detector.details                Mirrors 
# 
_diffrn_radiation.diffrn_id                        1 
_diffrn_radiation.wavelength_id                    1 
_diffrn_radiation.pdbx_diffrn_protocol             'SINGLE WAVELENGTH' 
_diffrn_radiation.monochromator                    'Double crystal' 
_diffrn_radiation.pdbx_monochromatic_or_laue_m_l   M 
_diffrn_radiation.pdbx_scattering_type             x-ray 
# 
_diffrn_radiation_wavelength.id           1 
_diffrn_radiation_wavelength.wavelength   0.9795 
_diffrn_radiation_wavelength.wt           1.0 
# 
_diffrn_source.diffrn_id                   1 
_diffrn_source.source                      SYNCHROTRON 
_diffrn_source.type                        'BESSY BEAMLINE 14.1' 
_diffrn_source.pdbx_wavelength             ? 
_diffrn_source.pdbx_wavelength_list        0.9795 
_diffrn_source.pdbx_synchrotron_site       BESSY 
_diffrn_source.pdbx_synchrotron_beamline   14.1 
# 
_reflns.entry_id                     3COU 
_reflns.d_resolution_high            1.800 
_reflns.d_resolution_low             20.0 
_reflns.number_all                   ? 
_reflns.number_obs                   22101 
_reflns.pdbx_Rmerge_I_obs            0.067 
_reflns.pdbx_netI_over_sigmaI        8.900 
_reflns.pdbx_Rsym_value              0.067 
_reflns.pdbx_redundancy              5.800 
_reflns.percent_possible_obs         99.900 
_reflns.observed_criterion_sigma_F   ? 
_reflns.observed_criterion_sigma_I   ? 
_reflns.B_iso_Wilson_estimate        ? 
_reflns.R_free_details               ? 
_reflns.limit_h_max                  ? 
_reflns.limit_h_min                  ? 
_reflns.limit_k_max                  ? 
_reflns.limit_k_min                  ? 
_reflns.limit_l_max                  ? 
_reflns.limit_l_min                  ? 
_reflns.observed_criterion_F_max     ? 
_reflns.observed_criterion_F_min     ? 
_reflns.pdbx_chi_squared             ? 
_reflns.pdbx_scaling_rejects         ? 
_reflns.pdbx_diffrn_id               1 
_reflns.pdbx_ordinal                 1 
# 
_reflns_shell.d_res_high             1.80 
_reflns_shell.d_res_low              1.90 
_reflns_shell.number_measured_obs    ? 
_reflns_shell.number_measured_all    12059 
_reflns_shell.number_unique_obs      ? 
_reflns_shell.Rmerge_I_obs           0.574 
_reflns_shell.meanI_over_sigI_obs    1.3 
_reflns_shell.pdbx_Rsym_value        0.574 
_reflns_shell.pdbx_chi_squared       ? 
_reflns_shell.pdbx_redundancy        3.80 
_reflns_shell.percent_possible_obs   ? 
_reflns_shell.number_unique_all      3212 
_reflns_shell.percent_possible_all   100.00 
_reflns_shell.pdbx_diffrn_id         ? 
_reflns_shell.pdbx_ordinal           1 
# 
_refine.entry_id                                 3COU 
_refine.ls_d_res_high                            1.800 
_refine.ls_d_res_low                             19.710 
_refine.pdbx_ls_sigma_F                          0.00 
_refine.ls_percent_reflns_obs                    98.570 
_refine.ls_number_reflns_obs                     21790 
_refine.pdbx_ls_cross_valid_method               THROUGHOUT 
_refine.pdbx_R_Free_selection_details            RANDOM 
_refine.ls_R_factor_obs                          0.186 
_refine.ls_R_factor_R_work                       0.184 
_refine.ls_R_factor_R_free                       0.217 
_refine.ls_percent_reflns_R_free                 5.100 
_refine.ls_number_reflns_R_free                  1117 
_refine.B_iso_mean                               13.855 
_refine.correlation_coeff_Fo_to_Fc               0.959 
_refine.correlation_coeff_Fo_to_Fc_free          0.945 
_refine.pdbx_overall_ESU_R                       0.115 
_refine.pdbx_overall_ESU_R_Free                  0.112 
_refine.solvent_model_details                    MASK 
_refine.pdbx_solvent_vdw_probe_radii             1.200 
_refine.pdbx_solvent_ion_probe_radii             0.800 
_refine.pdbx_solvent_shrinkage_radii             0.800 
_refine.pdbx_method_to_determine_struct          'MOLECULAR REPLACEMENT' 
_refine.pdbx_stereochemistry_target_values       'MAXIMUM LIKELIHOOD' 
_refine.pdbx_ls_sigma_I                          ? 
_refine.ls_number_reflns_all                     21790 
_refine.ls_R_factor_all                          0.186 
_refine.ls_redundancy_reflns_obs                 ? 
_refine.pdbx_data_cutoff_high_absF               ? 
_refine.pdbx_data_cutoff_low_absF                ? 
_refine.ls_number_parameters                     ? 
_refine.ls_number_restraints                     ? 
_refine.ls_R_factor_R_free_error                 ? 
_refine.ls_R_factor_R_free_error_details         ? 
_refine.pdbx_starting_model                      'PDB entry 1U20' 
_refine.pdbx_stereochem_target_val_spec_case     ? 
_refine.solvent_model_param_bsol                 ? 
_refine.solvent_model_param_ksol                 ? 
_refine.occupancy_max                            ? 
_refine.occupancy_min                            ? 
_refine.pdbx_isotropic_thermal_model             ? 
_refine.aniso_B[1][1]                            ? 
_refine.aniso_B[1][2]                            ? 
_refine.aniso_B[1][3]                            ? 
_refine.aniso_B[2][2]                            ? 
_refine.aniso_B[2][3]                            ? 
_refine.aniso_B[3][3]                            ? 
_refine.details                                  ? 
_refine.B_iso_min                                ? 
_refine.B_iso_max                                ? 
_refine.overall_SU_R_Cruickshank_DPI             ? 
_refine.overall_SU_R_free                        ? 
_refine.overall_SU_ML                            ? 
_refine.overall_SU_B                             ? 
_refine.pdbx_data_cutoff_high_rms_absF           ? 
_refine.ls_wR_factor_R_free                      ? 
_refine.ls_wR_factor_R_work                      ? 
_refine.overall_FOM_free_R_set                   ? 
_refine.overall_FOM_work_R_set                   ? 
_refine.pdbx_overall_phase_error                 ? 
_refine.pdbx_refine_id                           'X-RAY DIFFRACTION' 
_refine.pdbx_diffrn_id                           1 
_refine.pdbx_TLS_residual_ADP_flag               ? 
_refine.pdbx_overall_SU_R_free_Cruickshank_DPI   ? 
_refine.pdbx_overall_SU_R_Blow_DPI               ? 
_refine.pdbx_overall_SU_R_free_Blow_DPI          ? 
# 
_refine_hist.pdbx_refine_id                   'X-RAY DIFFRACTION' 
_refine_hist.cycle_id                         LAST 
_refine_hist.pdbx_number_atoms_protein        1436 
_refine_hist.pdbx_number_atoms_nucleic_acid   0 
_refine_hist.pdbx_number_atoms_ligand         0 
_refine_hist.number_atoms_solvent             196 
_refine_hist.number_atoms_total               1632 
_refine_hist.d_res_high                       1.800 
_refine_hist.d_res_low                        19.710 
# 
loop_
_refine_ls_restr.type 
_refine_ls_restr.number 
_refine_ls_restr.dev_ideal 
_refine_ls_restr.dev_ideal_target 
_refine_ls_restr.weight 
_refine_ls_restr.pdbx_refine_id 
_refine_ls_restr.pdbx_restraint_function 
r_bond_refined_d         1467 0.018  0.021  ? 'X-RAY DIFFRACTION' ? 
r_bond_other_d           1044 0.000  0.020  ? 'X-RAY DIFFRACTION' ? 
r_angle_refined_deg      1986 1.620  1.985  ? 'X-RAY DIFFRACTION' ? 
r_angle_other_deg        2503 4.291  3.000  ? 'X-RAY DIFFRACTION' ? 
r_dihedral_angle_1_deg   189  6.280  5.000  ? 'X-RAY DIFFRACTION' ? 
r_dihedral_angle_2_deg   71   30.476 21.408 ? 'X-RAY DIFFRACTION' ? 
r_dihedral_angle_3_deg   249  13.255 15.000 ? 'X-RAY DIFFRACTION' ? 
r_dihedral_angle_4_deg   21   13.107 15.000 ? 'X-RAY DIFFRACTION' ? 
r_chiral_restr           216  0.100  0.200  ? 'X-RAY DIFFRACTION' ? 
r_gen_planes_refined     1681 0.007  0.020  ? 'X-RAY DIFFRACTION' ? 
r_gen_planes_other       339  0.009  0.020  ? 'X-RAY DIFFRACTION' ? 
r_nbd_refined            281  0.202  0.200  ? 'X-RAY DIFFRACTION' ? 
r_nbd_other              1076 0.258  0.200  ? 'X-RAY DIFFRACTION' ? 
r_nbtor_refined          660  0.173  0.200  ? 'X-RAY DIFFRACTION' ? 
r_nbtor_other            762  0.109  0.200  ? 'X-RAY DIFFRACTION' ? 
r_xyhbond_nbd_refined    135  0.195  0.200  ? 'X-RAY DIFFRACTION' ? 
r_symmetry_vdw_refined   15   0.198  0.200  ? 'X-RAY DIFFRACTION' ? 
r_symmetry_vdw_other     48   0.304  0.200  ? 'X-RAY DIFFRACTION' ? 
r_symmetry_hbond_refined 25   0.177  0.200  ? 'X-RAY DIFFRACTION' ? 
r_mcbond_it              908  0.969  1.500  ? 'X-RAY DIFFRACTION' ? 
r_mcbond_other           382  0.000  1.500  ? 'X-RAY DIFFRACTION' ? 
r_mcangle_it             1441 1.638  2.000  ? 'X-RAY DIFFRACTION' ? 
r_scbond_it              559  2.765  3.000  ? 'X-RAY DIFFRACTION' ? 
r_scangle_it             543  4.154  4.500  ? 'X-RAY DIFFRACTION' ? 
# 
_refine_ls_shell.d_res_high                       1.800 
_refine_ls_shell.d_res_low                        1.847 
_refine_ls_shell.pdbx_total_number_of_bins_used   20 
_refine_ls_shell.percent_reflns_obs               99.940 
_refine_ls_shell.number_reflns_R_work             1543 
_refine_ls_shell.R_factor_all                     ? 
_refine_ls_shell.R_factor_R_work                  0.299 
_refine_ls_shell.R_factor_R_free                  0.309 
_refine_ls_shell.percent_reflns_R_free            ? 
_refine_ls_shell.number_reflns_R_free             86 
_refine_ls_shell.R_factor_R_free_error            ? 
_refine_ls_shell.number_reflns_all                1629 
_refine_ls_shell.number_reflns_obs                1543 
_refine_ls_shell.redundancy_reflns_obs            ? 
_refine_ls_shell.pdbx_refine_id                   'X-RAY DIFFRACTION' 
# 
_struct.entry_id                  3COU 
_struct.title                     'Crystal structure of human Nudix motif 16 (NUDT16)' 
_struct.pdbx_model_details        ? 
_struct.pdbx_CASP_flag            ? 
_struct.pdbx_model_type_details   ? 
# 
_struct_keywords.entry_id        3COU 
_struct_keywords.pdbx_keywords   HYDROLASE 
_struct_keywords.text            
'NUDIX, HYDROLASE, NUDT16, mRNA DECAPPING, mRNA TURNOVER, STRUCTURAL GENOMICS CONSORTIUM, SGC, Magnesium, Manganese, Metal-binding' 
# 
loop_
_struct_asym.id 
_struct_asym.pdbx_blank_PDB_chainid_flag 
_struct_asym.pdbx_modified 
_struct_asym.entity_id 
_struct_asym.details 
A N N 1 ? 
B N N 2 ? 
# 
_struct_biol.id        1 
_struct_biol.details   ? 
# 
loop_
_struct_conf.conf_type_id 
_struct_conf.id 
_struct_conf.pdbx_PDB_helix_id 
_struct_conf.beg_label_comp_id 
_struct_conf.beg_label_asym_id 
_struct_conf.beg_label_seq_id 
_struct_conf.pdbx_beg_PDB_ins_code 
_struct_conf.end_label_comp_id 
_struct_conf.end_label_asym_id 
_struct_conf.end_label_seq_id 
_struct_conf.pdbx_end_PDB_ins_code 
_struct_conf.beg_auth_comp_id 
_struct_conf.beg_auth_asym_id 
_struct_conf.beg_auth_seq_id 
_struct_conf.end_auth_comp_id 
_struct_conf.end_auth_asym_id 
_struct_conf.end_auth_seq_id 
_struct_conf.pdbx_PDB_helix_class 
_struct_conf.details 
_struct_conf.pdbx_PDB_helix_length 
HELX_P HELX_P1 1 GLU A 30  ? LEU A 37  ? GLU A 8   LEU A 15  1 ? 8  
HELX_P HELX_P2 2 PHE A 58  ? ARG A 60  ? PHE A 36  ARG A 38  5 ? 3  
HELX_P HELX_P3 3 SER A 90  ? GLY A 104 ? SER A 68  GLY A 82  1 ? 15 
HELX_P HELX_P4 4 GLU A 105 ? PHE A 110 ? GLU A 83  PHE A 88  5 ? 6  
HELX_P HELX_P5 5 GLU A 113 ? THR A 115 ? GLU A 91  THR A 93  5 ? 3  
HELX_P HELX_P6 6 THR A 138 ? ALA A 149 ? THR A 116 ALA A 127 1 ? 12 
HELX_P HELX_P7 7 THR A 150 ? ALA A 152 ? THR A 128 ALA A 130 5 ? 3  
HELX_P HELX_P8 8 GLY A 176 ? LEU A 181 ? GLY A 154 LEU A 159 1 ? 6  
HELX_P HELX_P9 9 SER A 188 ? LEU A 200 ? SER A 166 LEU A 178 1 ? 13 
# 
_struct_conf_type.id          HELX_P 
_struct_conf_type.criteria    ? 
_struct_conf_type.reference   ? 
# 
_struct_mon_prot_cis.pdbx_id                1 
_struct_mon_prot_cis.label_comp_id          GLY 
_struct_mon_prot_cis.label_seq_id           25 
_struct_mon_prot_cis.label_asym_id          A 
_struct_mon_prot_cis.label_alt_id           . 
_struct_mon_prot_cis.pdbx_PDB_ins_code      ? 
_struct_mon_prot_cis.auth_comp_id           GLY 
_struct_mon_prot_cis.auth_seq_id            3 
_struct_mon_prot_cis.auth_asym_id           A 
_struct_mon_prot_cis.pdbx_label_comp_id_2   ALA 
_struct_mon_prot_cis.pdbx_label_seq_id_2    26 
_struct_mon_prot_cis.pdbx_label_asym_id_2   A 
_struct_mon_prot_cis.pdbx_PDB_ins_code_2    ? 
_struct_mon_prot_cis.pdbx_auth_comp_id_2    ALA 
_struct_mon_prot_cis.pdbx_auth_seq_id_2     4 
_struct_mon_prot_cis.pdbx_auth_asym_id_2    A 
_struct_mon_prot_cis.pdbx_PDB_model_num     1 
_struct_mon_prot_cis.pdbx_omega_angle       -12.72 
# 
loop_
_struct_sheet.id 
_struct_sheet.type 
_struct_sheet.number_strands 
_struct_sheet.details 
A ? 6 ? 
B ? 4 ? 
# 
loop_
_struct_sheet_order.sheet_id 
_struct_sheet_order.range_id_1 
_struct_sheet_order.range_id_2 
_struct_sheet_order.offset 
_struct_sheet_order.sense 
A 1 2 ? anti-parallel 
A 2 3 ? anti-parallel 
A 3 4 ? parallel      
A 4 5 ? anti-parallel 
B 1 2 ? anti-parallel 
B 2 3 ? anti-parallel 
# 
loop_
_struct_sheet_range.sheet_id 
_struct_sheet_range.id 
_struct_sheet_range.beg_label_comp_id 
_struct_sheet_range.beg_label_asym_id 
_struct_sheet_range.beg_label_seq_id 
_struct_sheet_range.pdbx_beg_PDB_ins_code 
_struct_sheet_range.end_label_comp_id 
_struct_sheet_range.end_label_asym_id 
_struct_sheet_range.end_label_seq_id 
_struct_sheet_range.pdbx_end_PDB_ins_code 
_struct_sheet_range.beg_auth_comp_id 
_struct_sheet_range.beg_auth_asym_id 
_struct_sheet_range.beg_auth_seq_id 
_struct_sheet_range.end_auth_comp_id 
_struct_sheet_range.end_auth_asym_id 
_struct_sheet_range.end_auth_seq_id 
A 1 ARG A 27  ? LEU A 29  ? ARG A 5   LEU A 7   
A 2 TYR A 117 ? VAL A 122 ? TYR A 95  VAL A 100 
A 3 VAL A 128 ? ARG A 136 ? VAL A 106 ARG A 114 
A 4 ARG A 42  ? LEU A 57  ? ARG A 20  LEU A 35  
A 5 ILE A 61  ? ARG A 72  ? ILE A 39  ARG A 50  
A 6 GLY A 81  ? PHE A 83  ? GLY A 59  PHE A 61  
B 1 LEU A 77  ? GLY A 78  ? LEU A 55  GLY A 56  
B 2 ILE A 61  ? ARG A 72  ? ILE A 39  ARG A 50  
B 3 ARG A 42  ? LEU A 57  ? ARG A 20  LEU A 35  
B 4 VAL A 159 ? ARG A 164 ? VAL A 137 ARG A 142 
# 
loop_
_pdbx_struct_sheet_hbond.sheet_id 
_pdbx_struct_sheet_hbond.range_id_1 
_pdbx_struct_sheet_hbond.range_id_2 
_pdbx_struct_sheet_hbond.range_1_label_atom_id 
_pdbx_struct_sheet_hbond.range_1_label_comp_id 
_pdbx_struct_sheet_hbond.range_1_label_asym_id 
_pdbx_struct_sheet_hbond.range_1_label_seq_id 
_pdbx_struct_sheet_hbond.range_1_PDB_ins_code 
_pdbx_struct_sheet_hbond.range_1_auth_atom_id 
_pdbx_struct_sheet_hbond.range_1_auth_comp_id 
_pdbx_struct_sheet_hbond.range_1_auth_asym_id 
_pdbx_struct_sheet_hbond.range_1_auth_seq_id 
_pdbx_struct_sheet_hbond.range_2_label_atom_id 
_pdbx_struct_sheet_hbond.range_2_label_comp_id 
_pdbx_struct_sheet_hbond.range_2_label_asym_id 
_pdbx_struct_sheet_hbond.range_2_label_seq_id 
_pdbx_struct_sheet_hbond.range_2_PDB_ins_code 
_pdbx_struct_sheet_hbond.range_2_auth_atom_id 
_pdbx_struct_sheet_hbond.range_2_auth_comp_id 
_pdbx_struct_sheet_hbond.range_2_auth_asym_id 
_pdbx_struct_sheet_hbond.range_2_auth_seq_id 
A 1 2 N ARG A 27  ? N ARG A 5   O VAL A 122 ? O VAL A 100 
A 2 3 N SER A 119 ? N SER A 97  O PHE A 132 ? O PHE A 110 
A 3 4 O HIS A 131 ? O HIS A 109 N VAL A 44  ? N VAL A 22  
A 4 5 N LEU A 57  ? N LEU A 35  O ILE A 61  ? O ILE A 39  
B 1 2 O GLY A 78  ? O GLY A 56  N GLN A 70  ? N GLN A 48  
B 2 3 O ILE A 61  ? O ILE A 39  N LEU A 57  ? N LEU A 35  
# 
_atom_sites.entry_id                    3COU 
_atom_sites.fract_transf_matrix[1][1]   0.00067133 
_atom_sites.fract_transf_matrix[1][2]   -0.00147300 
_atom_sites.fract_transf_matrix[1][3]   0.00684725 
_atom_sites.fract_transf_matrix[2][1]   0.00558801 
_atom_sites.fract_transf_matrix[2][2]   0.00425954 
_atom_sites.fract_transf_matrix[2][3]   0.00036846 
_atom_sites.fract_transf_matrix[3][1]   -0.00422241 
_atom_sites.fract_transf_matrix[3][2]   0.00540295 
_atom_sites.fract_transf_matrix[3][3]   0.00157628 
_atom_sites.fract_transf_vector[1]      0.434342 
_atom_sites.fract_transf_vector[2]      0.241734 
_atom_sites.fract_transf_vector[3]      0.065149 
# 
loop_
_atom_type.symbol 
C 
N 
O 
S 
# 
loop_
_atom_site.group_PDB 
_atom_site.id 
_atom_site.type_symbol 
_atom_site.label_atom_id 
_atom_site.label_alt_id 
_atom_site.label_comp_id 
_atom_site.label_asym_id 
_atom_site.label_entity_id 
_atom_site.label_seq_id 
_atom_site.pdbx_PDB_ins_code 
_atom_site.Cartn_x 
_atom_site.Cartn_y 
_atom_site.Cartn_z 
_atom_site.occupancy 
_atom_site.B_iso_or_equiv 
_atom_site.pdbx_formal_charge 
_atom_site.auth_seq_id 
_atom_site.auth_comp_id 
_atom_site.auth_asym_id 
_atom_site.auth_atom_id 
_atom_site.pdbx_PDB_model_num 
ATOM   1    N N   . GLY A 1 25  ? 14.631  11.916  -6.376  1.00 39.83 ? 3   GLY A N   1 
ATOM   2    C CA  . GLY A 1 25  ? 13.211  12.041  -6.862  1.00 39.48 ? 3   GLY A CA  1 
ATOM   3    C C   . GLY A 1 25  ? 12.329  11.656  -5.678  1.00 38.73 ? 3   GLY A C   1 
ATOM   4    O O   . GLY A 1 25  ? 12.780  11.776  -4.525  1.00 40.23 ? 3   GLY A O   1 
ATOM   5    N N   . ALA A 1 26  ? 11.092  11.210  -5.909  1.00 36.29 ? 4   ALA A N   1 
ATOM   6    C CA  . ALA A 1 26  ? 10.437  11.310  -7.177  1.00 33.68 ? 4   ALA A CA  1 
ATOM   7    C C   . ALA A 1 26  ? 9.765   12.671  -7.188  1.00 32.72 ? 4   ALA A C   1 
ATOM   8    O O   . ALA A 1 26  ? 9.543   13.290  -6.137  1.00 34.13 ? 4   ALA A O   1 
ATOM   9    C CB  . ALA A 1 26  ? 9.411   10.195  -7.319  1.00 33.71 ? 4   ALA A CB  1 
ATOM   10   N N   . ARG A 1 27  ? 9.421   13.150  -8.367  1.00 30.59 ? 5   ARG A N   1 
ATOM   11   C CA  . ARG A 1 27  ? 8.626   14.363  -8.475  1.00 29.10 ? 5   ARG A CA  1 
ATOM   12   C C   . ARG A 1 27  ? 7.138   14.049  -8.404  1.00 26.75 ? 5   ARG A C   1 
ATOM   13   O O   . ARG A 1 27  ? 6.663   13.173  -9.103  1.00 25.32 ? 5   ARG A O   1 
ATOM   14   C CB  . ARG A 1 27  ? 8.895   15.047  -9.814  1.00 29.03 ? 5   ARG A CB  1 
ATOM   15   C CG  . ARG A 1 27  ? 8.114   16.295  -9.954  1.00 30.21 ? 5   ARG A CG  1 
ATOM   16   C CD  . ARG A 1 27  ? 8.576   17.125  -11.164 1.00 30.50 ? 5   ARG A CD  1 
ATOM   17   N NE  . ARG A 1 27  ? 7.597   17.009  -12.228 1.00 32.70 ? 5   ARG A NE  1 
ATOM   18   C CZ  . ARG A 1 27  ? 7.729   16.234  -13.288 1.00 32.30 ? 5   ARG A CZ  1 
ATOM   19   N NH1 . ARG A 1 27  ? 6.732   16.209  -14.154 1.00 31.38 ? 5   ARG A NH1 1 
ATOM   20   N NH2 . ARG A 1 27  ? 8.838   15.486  -13.487 1.00 34.26 ? 5   ARG A NH2 1 
ATOM   21   N N   . ARG A 1 28  ? 6.394   14.829  -7.642  1.00 25.01 ? 6   ARG A N   1 
ATOM   22   C CA  . ARG A 1 28  ? 4.940   14.712  -7.626  1.00 25.32 ? 6   ARG A CA  1 
ATOM   23   C C   . ARG A 1 28  ? 4.281   15.339  -8.872  1.00 25.26 ? 6   ARG A C   1 
ATOM   24   O O   . ARG A 1 28  ? 4.651   16.445  -9.303  1.00 23.40 ? 6   ARG A O   1 
ATOM   25   C CB  . ARG A 1 28  ? 4.422   15.352  -6.346  1.00 25.05 ? 6   ARG A CB  1 
ATOM   26   C CG  . ARG A 1 28  ? 3.027   14.983  -6.001  1.00 25.48 ? 6   ARG A CG  1 
ATOM   27   C CD  . ARG A 1 28  ? 2.565   15.735  -4.787  1.00 24.85 ? 6   ARG A CD  1 
ATOM   28   N NE  . ARG A 1 28  ? 1.252   15.282  -4.288  1.00 26.34 ? 6   ARG A NE  1 
ATOM   29   C CZ  . ARG A 1 28  ? 1.042   14.572  -3.178  1.00 22.58 ? 6   ARG A CZ  1 
ATOM   30   N NH1 . ARG A 1 28  ? 2.041   14.162  -2.415  1.00 22.65 ? 6   ARG A NH1 1 
ATOM   31   N NH2 . ARG A 1 28  ? -0.195  14.273  -2.834  1.00 25.11 ? 6   ARG A NH2 1 
ATOM   32   N N   . LEU A 1 29  ? 3.313   14.621  -9.457  1.00 24.61 ? 7   LEU A N   1 
ATOM   33   C CA  . LEU A 1 29  ? 2.539   15.081  -10.639 1.00 25.47 ? 7   LEU A CA  1 
ATOM   34   C C   . LEU A 1 29  ? 1.069   15.128  -10.250 1.00 25.18 ? 7   LEU A C   1 
ATOM   35   O O   . LEU A 1 29  ? 0.626   14.290  -9.451  1.00 23.62 ? 7   LEU A O   1 
ATOM   36   C CB  . LEU A 1 29  ? 2.627   14.085  -11.832 1.00 26.27 ? 7   LEU A CB  1 
ATOM   37   C CG  . LEU A 1 29  ? 3.830   14.080  -12.775 1.00 27.61 ? 7   LEU A CG  1 
ATOM   38   C CD1 . LEU A 1 29  ? 5.169   13.738  -12.045 1.00 26.98 ? 7   LEU A CD1 1 
ATOM   39   C CD2 . LEU A 1 29  ? 3.579   13.137  -13.928 1.00 25.94 ? 7   LEU A CD2 1 
ATOM   40   N N   . GLU A 1 30  ? 0.326   16.081  -10.818 1.00 24.09 ? 8   GLU A N   1 
ATOM   41   C CA  . GLU A 1 30  ? -1.114  16.007  -10.863 1.00 25.48 ? 8   GLU A CA  1 
ATOM   42   C C   . GLU A 1 30  ? -1.576  14.865  -11.780 1.00 23.78 ? 8   GLU A C   1 
ATOM   43   O O   . GLU A 1 30  ? -0.926  14.518  -12.790 1.00 22.85 ? 8   GLU A O   1 
ATOM   44   C CB  . GLU A 1 30  ? -1.731  17.338  -11.328 1.00 25.14 ? 8   GLU A CB  1 
ATOM   45   C CG  . GLU A 1 30  ? -1.600  18.467  -10.323 1.00 28.86 ? 8   GLU A CG  1 
ATOM   46   C CD  . GLU A 1 30  ? -2.280  19.773  -10.807 1.00 33.04 ? 8   GLU A CD  1 
ATOM   47   O OE1 . GLU A 1 30  ? -3.113  19.707  -11.780 1.00 41.90 ? 8   GLU A OE1 1 
ATOM   48   O OE2 . GLU A 1 30  ? -2.008  20.872  -10.212 1.00 43.46 ? 8   GLU A OE2 1 
ATOM   49   N N   . LEU A 1 31  ? -2.737  14.313  -11.425 1.00 23.27 ? 9   LEU A N   1 
ATOM   50   C CA  . LEU A 1 31  ? -3.312  13.179  -12.105 1.00 23.14 ? 9   LEU A CA  1 
ATOM   51   C C   . LEU A 1 31  ? -3.528  13.469  -13.603 1.00 23.50 ? 9   LEU A C   1 
ATOM   52   O O   . LEU A 1 31  ? -3.211  12.643  -14.440 1.00 22.99 ? 9   LEU A O   1 
ATOM   53   C CB  . LEU A 1 31  ? -4.631  12.778  -11.414 1.00 22.71 ? 9   LEU A CB  1 
ATOM   54   C CG  . LEU A 1 31  ? -5.283  11.487  -11.948 1.00 22.50 ? 9   LEU A CG  1 
ATOM   55   C CD1 . LEU A 1 31  ? -4.246  10.336  -11.987 1.00 18.23 ? 9   LEU A CD1 1 
ATOM   56   C CD2 . LEU A 1 31  ? -6.546  11.094  -11.148 1.00 21.89 ? 9   LEU A CD2 1 
ATOM   57   N N   . GLY A 1 32  ? -4.029  14.662  -13.941 1.00 24.93 ? 10  GLY A N   1 
ATOM   58   C CA  . GLY A 1 32  ? -4.251  15.012  -15.349 1.00 25.05 ? 10  GLY A CA  1 
ATOM   59   C C   . GLY A 1 32  ? -2.960  14.981  -16.141 1.00 25.50 ? 10  GLY A C   1 
ATOM   60   O O   . GLY A 1 32  ? -2.897  14.504  -17.275 1.00 26.66 ? 10  GLY A O   1 
ATOM   61   N N   . GLU A 1 33  ? -1.914  15.477  -15.516 1.00 26.09 ? 11  GLU A N   1 
ATOM   62   C CA  . GLU A 1 33  ? -0.569  15.483  -16.093 1.00 25.97 ? 11  GLU A CA  1 
ATOM   63   C C   . GLU A 1 33  ? -0.029  14.060  -16.323 1.00 25.79 ? 11  GLU A C   1 
ATOM   64   O O   . GLU A 1 33  ? 0.477   13.727  -17.415 1.00 25.65 ? 11  GLU A O   1 
ATOM   65   C CB  . GLU A 1 33  ? 0.323   16.292  -15.153 1.00 26.61 ? 11  GLU A CB  1 
ATOM   66   C CG  . GLU A 1 33  ? 1.740   16.540  -15.603 1.00 26.65 ? 11  GLU A CG  1 
ATOM   67   C CD  . GLU A 1 33  ? 2.543   17.317  -14.549 1.00 28.73 ? 11  GLU A CD  1 
ATOM   68   O OE1 . GLU A 1 33  ? 1.976   17.799  -13.494 1.00 34.26 ? 11  GLU A OE1 1 
ATOM   69   O OE2 . GLU A 1 33  ? 3.757   17.425  -14.777 1.00 33.28 ? 11  GLU A OE2 1 
ATOM   70   N N   . ALA A 1 34  ? -0.159  13.215  -15.296 1.00 25.00 ? 12  ALA A N   1 
ATOM   71   C CA  . ALA A 1 34  ? 0.201   11.794  -15.391 1.00 25.33 ? 12  ALA A CA  1 
ATOM   72   C C   . ALA A 1 34  ? -0.572  11.028  -16.496 1.00 25.00 ? 12  ALA A C   1 
ATOM   73   O O   . ALA A 1 34  ? 0.005   10.202  -17.215 1.00 24.80 ? 12  ALA A O   1 
ATOM   74   C CB  . ALA A 1 34  ? -0.014  11.150  -14.075 1.00 23.18 ? 12  ALA A CB  1 
ATOM   75   N N   . LEU A 1 35  ? -1.856  11.344  -16.640 1.00 25.73 ? 13  LEU A N   1 
ATOM   76   C CA  . LEU A 1 35  ? -2.720  10.697  -17.636 1.00 27.41 ? 13  LEU A CA  1 
ATOM   77   C C   . LEU A 1 35  ? -2.454  11.215  -19.069 1.00 29.12 ? 13  LEU A C   1 
ATOM   78   O O   . LEU A 1 35  ? -2.877  10.582  -20.046 1.00 30.66 ? 13  LEU A O   1 
ATOM   79   C CB  . LEU A 1 35  ? -4.195  10.852  -17.259 1.00 27.02 ? 13  LEU A CB  1 
ATOM   80   C CG  . LEU A 1 35  ? -4.771  10.130  -16.018 1.00 27.27 ? 13  LEU A CG  1 
ATOM   81   C CD1 . LEU A 1 35  ? -6.261  10.429  -15.846 1.00 26.24 ? 13  LEU A CD1 1 
ATOM   82   C CD2 . LEU A 1 35  ? -4.530  8.616   -16.059 1.00 23.56 ? 13  LEU A CD2 1 
ATOM   83   N N   . ALA A 1 36  ? -1.750  12.339  -19.192 1.00 30.06 ? 14  ALA A N   1 
ATOM   84   C CA  . ALA A 1 36  ? -1.374  12.903  -20.488 1.00 30.44 ? 14  ALA A CA  1 
ATOM   85   C C   . ALA A 1 36  ? -0.058  12.332  -21.012 1.00 31.64 ? 14  ALA A C   1 
ATOM   86   O O   . ALA A 1 36  ? 0.243   12.500  -22.195 1.00 32.90 ? 14  ALA A O   1 
ATOM   87   C CB  . ALA A 1 36  ? -1.294  14.434  -20.412 1.00 30.35 ? 14  ALA A CB  1 
ATOM   88   N N   . LEU A 1 37  ? 0.716   11.654  -20.166 1.00 31.52 ? 15  LEU A N   1 
ATOM   89   C CA  . LEU A 1 37  ? 2.001   11.072  -20.582 1.00 31.93 ? 15  LEU A CA  1 
ATOM   90   C C   . LEU A 1 37  ? 1.878   10.128  -21.790 1.00 32.31 ? 15  LEU A C   1 
ATOM   91   O O   . LEU A 1 37  ? 0.821   9.547   -22.060 1.00 33.27 ? 15  LEU A O   1 
ATOM   92   C CB  . LEU A 1 37  ? 2.661   10.331  -19.411 1.00 32.09 ? 15  LEU A CB  1 
ATOM   93   C CG  . LEU A 1 37  ? 3.109   11.200  -18.226 1.00 31.70 ? 15  LEU A CG  1 
ATOM   94   C CD1 . LEU A 1 37  ? 3.489   10.317  -17.068 1.00 31.53 ? 15  LEU A CD1 1 
ATOM   95   C CD2 . LEU A 1 37  ? 4.260   12.111  -18.619 1.00 30.83 ? 15  LEU A CD2 1 
ATOM   96   N N   . GLY A 1 38  ? 2.964   9.983   -22.532 1.00 32.51 ? 16  GLY A N   1 
ATOM   97   C CA  . GLY A 1 38  ? 2.920   9.215   -23.783 1.00 32.03 ? 16  GLY A CA  1 
ATOM   98   C C   . GLY A 1 38  ? 2.829   7.702   -23.591 1.00 31.91 ? 16  GLY A C   1 
ATOM   99   O O   . GLY A 1 38  ? 3.126   7.167   -22.515 1.00 31.55 ? 16  GLY A O   1 
ATOM   100  N N   . SER A 1 39  ? 2.471   7.011   -24.668 1.00 31.13 ? 17  SER A N   1 
ATOM   101  C CA  . SER A 1 39  ? 2.326   5.549   -24.680 1.00 29.52 ? 17  SER A CA  1 
ATOM   102  C C   . SER A 1 39  ? 3.561   4.736   -24.252 1.00 28.47 ? 17  SER A C   1 
ATOM   103  O O   . SER A 1 39  ? 3.441   3.519   -23.987 1.00 28.29 ? 17  SER A O   1 
ATOM   104  C CB  . SER A 1 39  ? 1.861   5.081   -26.079 1.00 30.13 ? 17  SER A CB  1 
ATOM   105  O OG  . SER A 1 39  ? 2.949   4.893   -26.978 1.00 31.46 ? 17  SER A OG  1 
ATOM   106  N N   . GLY A 1 40  ? 4.739   5.374   -24.204 1.00 25.86 ? 18  GLY A N   1 
ATOM   107  C CA  . GLY A 1 40  ? 5.950   4.719   -23.702 1.00 25.31 ? 18  GLY A CA  1 
ATOM   108  C C   . GLY A 1 40  ? 6.013   4.614   -22.189 1.00 23.92 ? 18  GLY A C   1 
ATOM   109  O O   . GLY A 1 40  ? 6.815   3.833   -21.649 1.00 24.55 ? 18  GLY A O   1 
ATOM   110  N N   . TRP A 1 41  ? 5.154   5.386   -21.519 1.00 22.70 ? 19  TRP A N   1 
ATOM   111  C CA  . TRP A 1 41  ? 5.058   5.427   -20.057 1.00 21.62 ? 19  TRP A CA  1 
ATOM   112  C C   . TRP A 1 41  ? 4.177   4.289   -19.512 1.00 20.49 ? 19  TRP A C   1 
ATOM   113  O O   . TRP A 1 41  ? 3.103   4.037   -20.015 1.00 19.86 ? 19  TRP A O   1 
ATOM   114  C CB  . TRP A 1 41  ? 4.498   6.788   -19.594 1.00 21.62 ? 19  TRP A CB  1 
ATOM   115  C CG  . TRP A 1 41  ? 5.531   7.853   -19.735 1.00 22.67 ? 19  TRP A CG  1 
ATOM   116  C CD1 . TRP A 1 41  ? 5.876   8.532   -20.885 1.00 23.31 ? 19  TRP A CD1 1 
ATOM   117  C CD2 . TRP A 1 41  ? 6.427   8.301   -18.716 1.00 22.89 ? 19  TRP A CD2 1 
ATOM   118  N NE1 . TRP A 1 41  ? 6.933   9.355   -20.630 1.00 22.33 ? 19  TRP A NE1 1 
ATOM   119  C CE2 . TRP A 1 41  ? 7.285   9.256   -19.311 1.00 22.24 ? 19  TRP A CE2 1 
ATOM   120  C CE3 . TRP A 1 41  ? 6.577   8.003   -17.360 1.00 20.00 ? 19  TRP A CE3 1 
ATOM   121  C CZ2 . TRP A 1 41  ? 8.266   9.927   -18.591 1.00 20.14 ? 19  TRP A CZ2 1 
ATOM   122  C CZ3 . TRP A 1 41  ? 7.580   8.642   -16.645 1.00 21.78 ? 19  TRP A CZ3 1 
ATOM   123  C CH2 . TRP A 1 41  ? 8.415   9.605   -17.266 1.00 21.98 ? 19  TRP A CH2 1 
ATOM   124  N N   A ARG A 1 42  ? 4.683   3.570   -18.527 0.50 20.10 ? 20  ARG A N   1 
ATOM   125  N N   B ARG A 1 42  ? 4.671   3.620   -18.480 0.50 20.20 ? 20  ARG A N   1 
ATOM   126  C CA  A ARG A 1 42  ? 3.865   2.596   -17.829 0.50 19.80 ? 20  ARG A CA  1 
ATOM   127  C CA  B ARG A 1 42  ? 3.939   2.562   -17.792 0.50 19.96 ? 20  ARG A CA  1 
ATOM   128  C C   A ARG A 1 42  ? 3.357   3.229   -16.545 0.50 19.16 ? 20  ARG A C   1 
ATOM   129  C C   B ARG A 1 42  ? 3.425   3.122   -16.468 0.50 19.25 ? 20  ARG A C   1 
ATOM   130  O O   A ARG A 1 42  ? 3.968   4.176   -16.007 0.50 19.00 ? 20  ARG A O   1 
ATOM   131  O O   B ARG A 1 42  ? 4.137   3.881   -15.787 0.50 19.27 ? 20  ARG A O   1 
ATOM   132  C CB  A ARG A 1 42  ? 4.638   1.312   -17.603 0.50 20.01 ? 20  ARG A CB  1 
ATOM   133  C CB  B ARG A 1 42  ? 4.863   1.386   -17.555 0.50 20.26 ? 20  ARG A CB  1 
ATOM   134  C CG  A ARG A 1 42  ? 4.442   0.347   -18.757 0.50 21.40 ? 20  ARG A CG  1 
ATOM   135  C CG  B ARG A 1 42  ? 5.549   0.897   -18.816 0.50 21.54 ? 20  ARG A CG  1 
ATOM   136  C CD  A ARG A 1 42  ? 5.501   -0.725  -18.843 0.50 21.92 ? 20  ARG A CD  1 
ATOM   137  C CD  B ARG A 1 42  ? 6.387   -0.312  -18.550 0.50 22.66 ? 20  ARG A CD  1 
ATOM   138  N NE  A ARG A 1 42  ? 5.403   -1.785  -17.841 0.50 23.70 ? 20  ARG A NE  1 
ATOM   139  N NE  B ARG A 1 42  ? 7.572   0.020   -17.783 0.50 26.17 ? 20  ARG A NE  1 
ATOM   140  C CZ  A ARG A 1 42  ? 4.430   -2.690  -17.774 0.50 24.31 ? 20  ARG A CZ  1 
ATOM   141  C CZ  B ARG A 1 42  ? 8.535   -0.835  -17.459 0.50 25.57 ? 20  ARG A CZ  1 
ATOM   142  N NH1 A ARG A 1 42  ? 3.384   -2.647  -18.600 0.50 24.56 ? 20  ARG A NH1 1 
ATOM   143  N NH1 B ARG A 1 42  ? 8.470   -2.108  -17.824 0.50 26.55 ? 20  ARG A NH1 1 
ATOM   144  N NH2 A ARG A 1 42  ? 4.483   -3.623  -16.833 0.50 23.17 ? 20  ARG A NH2 1 
ATOM   145  N NH2 B ARG A 1 42  ? 9.574   -0.409  -16.748 0.50 26.47 ? 20  ARG A NH2 1 
ATOM   146  N N   . HIS A 1 43  ? 2.194   2.760   -16.111 1.00 17.71 ? 21  HIS A N   1 
ATOM   147  C CA  . HIS A 1 43  ? 1.532   3.262   -14.923 1.00 16.10 ? 21  HIS A CA  1 
ATOM   148  C C   . HIS A 1 43  ? 1.478   2.119   -13.933 1.00 14.88 ? 21  HIS A C   1 
ATOM   149  O O   . HIS A 1 43  ? 1.052   1.030   -14.297 1.00 14.99 ? 21  HIS A O   1 
ATOM   150  C CB  . HIS A 1 43  ? 0.118   3.668   -15.232 1.00 16.44 ? 21  HIS A CB  1 
ATOM   151  C CG  . HIS A 1 43  ? 0.025   4.929   -16.014 1.00 17.30 ? 21  HIS A CG  1 
ATOM   152  N ND1 . HIS A 1 43  ? 0.382   4.994   -17.343 1.00 21.01 ? 21  HIS A ND1 1 
ATOM   153  C CD2 . HIS A 1 43  ? -0.360  6.169   -15.662 1.00 14.80 ? 21  HIS A CD2 1 
ATOM   154  C CE1 . HIS A 1 43  ? 0.214   6.231   -17.775 1.00 18.20 ? 21  HIS A CE1 1 
ATOM   155  N NE2 . HIS A 1 43  ? -0.241  6.962   -16.772 1.00 19.03 ? 21  HIS A NE2 1 
ATOM   156  N N   . VAL A 1 44  ? 1.955   2.365   -12.719 1.00 13.04 ? 22  VAL A N   1 
ATOM   157  C CA  . VAL A 1 44  ? 1.852   1.389   -11.618 1.00 12.61 ? 22  VAL A CA  1 
ATOM   158  C C   . VAL A 1 44  ? 0.935   1.989   -10.513 1.00 12.45 ? 22  VAL A C   1 
ATOM   159  O O   . VAL A 1 44  ? 0.982   3.195   -10.213 1.00 11.61 ? 22  VAL A O   1 
ATOM   160  C CB  . VAL A 1 44  ? 3.236   0.945   -11.071 1.00 11.45 ? 22  VAL A CB  1 
ATOM   161  C CG1 . VAL A 1 44  ? 4.031   2.081   -10.398 1.00 10.14 ? 22  VAL A CG1 1 
ATOM   162  C CG2 . VAL A 1 44  ? 3.096   -0.230  -10.074 1.00 13.51 ? 22  VAL A CG2 1 
ATOM   163  N N   . CYS A 1 45  ? 0.102   1.132   -9.913  1.00 10.01 ? 23  CYS A N   1 
ATOM   164  C CA  . CYS A 1 45  ? -0.822  1.555   -8.890  1.00 9.34  ? 23  CYS A CA  1 
ATOM   165  C C   . CYS A 1 45  ? -0.680  0.718   -7.650  1.00 8.07  ? 23  CYS A C   1 
ATOM   166  O O   . CYS A 1 45  ? -0.567  -0.513  -7.734  1.00 7.47  ? 23  CYS A O   1 
ATOM   167  C CB  . CYS A 1 45  ? -2.250  1.484   -9.381  1.00 10.16 ? 23  CYS A CB  1 
ATOM   168  S SG  . CYS A 1 45  ? -2.643  2.519   -10.792 1.00 11.84 ? 23  CYS A SG  1 
ATOM   169  N N   . HIS A 1 46  ? -0.590  1.402   -6.497  1.00 8.97  ? 24  HIS A N   1 
ATOM   170  C CA  . HIS A 1 46  ? -0.526  0.699   -5.183  1.00 9.23  ? 24  HIS A CA  1 
ATOM   171  C C   . HIS A 1 46  ? -1.548  1.303   -4.228  1.00 8.59  ? 24  HIS A C   1 
ATOM   172  O O   . HIS A 1 46  ? -1.939  2.460   -4.384  1.00 8.83  ? 24  HIS A O   1 
ATOM   173  C CB  . HIS A 1 46  ? 0.869   0.720   -4.569  1.00 10.50 ? 24  HIS A CB  1 
ATOM   174  C CG  . HIS A 1 46  ? 1.960   0.265   -5.496  1.00 12.60 ? 24  HIS A CG  1 
ATOM   175  N ND1 . HIS A 1 46  ? 2.252   -1.076  -5.734  1.00 12.54 ? 24  HIS A ND1 1 
ATOM   176  C CD2 . HIS A 1 46  ? 2.794   0.978   -6.276  1.00 13.64 ? 24  HIS A CD2 1 
ATOM   177  C CE1 . HIS A 1 46  ? 3.220   -1.141  -6.634  1.00 14.01 ? 24  HIS A CE1 1 
ATOM   178  N NE2 . HIS A 1 46  ? 3.543   0.087   -6.994  1.00 17.40 ? 24  HIS A NE2 1 
ATOM   179  N N   . ALA A 1 47  ? -1.972  0.504   -3.244  1.00 7.66  ? 25  ALA A N   1 
ATOM   180  C CA  . ALA A 1 47  ? -2.983  0.881   -2.256  1.00 7.62  ? 25  ALA A CA  1 
ATOM   181  C C   . ALA A 1 47  ? -2.565  0.559   -0.837  1.00 7.46  ? 25  ALA A C   1 
ATOM   182  O O   . ALA A 1 47  ? -2.093  -0.542  -0.550  1.00 6.60  ? 25  ALA A O   1 
ATOM   183  C CB  . ALA A 1 47  ? -4.335  0.182   -2.565  1.00 6.69  ? 25  ALA A CB  1 
ATOM   184  N N   . LEU A 1 48  ? -2.737  1.557   0.026   1.00 7.15  ? 26  LEU A N   1 
ATOM   185  C CA  . LEU A 1 48  ? -2.712  1.379   1.442   1.00 8.09  ? 26  LEU A CA  1 
ATOM   186  C C   . LEU A 1 48  ? -4.132  0.992   1.874   1.00 5.98  ? 26  LEU A C   1 
ATOM   187  O O   . LEU A 1 48  ? -5.091  1.794   1.759   1.00 5.93  ? 26  LEU A O   1 
ATOM   188  C CB  . LEU A 1 48  ? -2.263  2.681   2.129   1.00 6.26  ? 26  LEU A CB  1 
ATOM   189  C CG  . LEU A 1 48  ? -2.117  2.708   3.646   1.00 7.82  ? 26  LEU A CG  1 
ATOM   190  C CD1 . LEU A 1 48  ? -1.156  3.826   4.067   1.00 7.60  ? 26  LEU A CD1 1 
ATOM   191  C CD2 . LEU A 1 48  ? -3.474  2.822   4.349   1.00 7.90  ? 26  LEU A CD2 1 
ATOM   192  N N   . LEU A 1 49  ? -4.252  -0.218  2.406   1.00 7.65  ? 27  LEU A N   1 
ATOM   193  C CA  . LEU A 1 49  ? -5.505  -0.730  2.938   1.00 7.19  ? 27  LEU A CA  1 
ATOM   194  C C   . LEU A 1 49  ? -5.411  -0.600  4.426   1.00 8.04  ? 27  LEU A C   1 
ATOM   195  O O   . LEU A 1 49  ? -4.423  -1.011  5.046   1.00 7.35  ? 27  LEU A O   1 
ATOM   196  C CB  . LEU A 1 49  ? -5.708  -2.223  2.584   1.00 8.60  ? 27  LEU A CB  1 
ATOM   197  C CG  . LEU A 1 49  ? -5.591  -2.655  1.111   1.00 7.01  ? 27  LEU A CG  1 
ATOM   198  C CD1 . LEU A 1 49  ? -5.665  -4.214  0.807   1.00 7.20  ? 27  LEU A CD1 1 
ATOM   199  C CD2 . LEU A 1 49  ? -6.605  -1.794  0.280   1.00 7.41  ? 27  LEU A CD2 1 
ATOM   200  N N   . TYR A 1 50  ? -6.457  -0.046  5.003   1.00 10.04 ? 28  TYR A N   1 
ATOM   201  C CA  . TYR A 1 50  ? -6.523  0.165   6.430   1.00 11.12 ? 28  TYR A CA  1 
ATOM   202  C C   . TYR A 1 50  ? -7.941  0.055   6.954   1.00 11.02 ? 28  TYR A C   1 
ATOM   203  O O   . TYR A 1 50  ? -8.933  0.257   6.220   1.00 9.76  ? 28  TYR A O   1 
ATOM   204  C CB  . TYR A 1 50  ? -5.878  1.491   6.790   1.00 13.25 ? 28  TYR A CB  1 
ATOM   205  C CG  . TYR A 1 50  ? -6.784  2.662   6.603   1.00 13.92 ? 28  TYR A CG  1 
ATOM   206  C CD1 . TYR A 1 50  ? -7.449  3.188   7.696   1.00 17.56 ? 28  TYR A CD1 1 
ATOM   207  C CD2 . TYR A 1 50  ? -7.055  3.161   5.360   1.00 15.49 ? 28  TYR A CD2 1 
ATOM   208  C CE1 . TYR A 1 50  ? -8.304  4.204   7.562   1.00 18.29 ? 28  TYR A CE1 1 
ATOM   209  C CE2 . TYR A 1 50  ? -7.920  4.226   5.212   1.00 19.83 ? 28  TYR A CE2 1 
ATOM   210  C CZ  . TYR A 1 50  ? -8.536  4.723   6.342   1.00 16.44 ? 28  TYR A CZ  1 
ATOM   211  O OH  . TYR A 1 50  ? -9.425  5.769   6.281   1.00 23.20 ? 28  TYR A OH  1 
ATOM   212  N N   . ALA A 1 51  ? -8.016  -0.212  8.257   1.00 9.99  ? 29  ALA A N   1 
ATOM   213  C CA  . ALA A 1 51  ? -9.275  -0.436  8.991   1.00 10.70 ? 29  ALA A CA  1 
ATOM   214  C C   . ALA A 1 51  ? -9.079  0.120   10.401  1.00 11.36 ? 29  ALA A C   1 
ATOM   215  O O   . ALA A 1 51  ? -8.036  -0.132  11.023  1.00 10.55 ? 29  ALA A O   1 
ATOM   216  C CB  . ALA A 1 51  ? -9.600  -1.911  9.097   1.00 9.32  ? 29  ALA A CB  1 
ATOM   217  N N   . PRO A 1 52  ? -10.132 0.760   10.947  1.00 13.57 ? 30  PRO A N   1 
ATOM   218  C CA  . PRO A 1 52  ? -10.101 1.138   12.361  1.00 13.93 ? 30  PRO A CA  1 
ATOM   219  C C   . PRO A 1 52  ? -9.982  -0.115  13.228  1.00 14.12 ? 30  PRO A C   1 
ATOM   220  O O   . PRO A 1 52  ? -10.535 -1.187  12.929  1.00 13.80 ? 30  PRO A O   1 
ATOM   221  C CB  . PRO A 1 52  ? -11.443 1.874   12.586  1.00 15.01 ? 30  PRO A CB  1 
ATOM   222  C CG  . PRO A 1 52  ? -12.062 2.008   11.276  1.00 14.56 ? 30  PRO A CG  1 
ATOM   223  C CD  . PRO A 1 52  ? -11.437 1.051   10.318  1.00 13.57 ? 30  PRO A CD  1 
ATOM   224  N N   . ASP A 1 53  ? -9.164  -0.003  14.265  1.00 14.84 ? 31  ASP A N   1 
ATOM   225  C CA  . ASP A 1 53  ? -8.869  -1.109  15.149  1.00 15.73 ? 31  ASP A CA  1 
ATOM   226  C C   . ASP A 1 53  ? -8.955  -0.586  16.568  1.00 17.03 ? 31  ASP A C   1 
ATOM   227  O O   . ASP A 1 53  ? -8.127  0.210   16.975  1.00 16.20 ? 31  ASP A O   1 
ATOM   228  C CB  . ASP A 1 53  ? -7.465  -1.603  14.901  1.00 16.31 ? 31  ASP A CB  1 
ATOM   229  C CG  . ASP A 1 53  ? -7.177  -2.901  15.602  1.00 16.54 ? 31  ASP A CG  1 
ATOM   230  O OD1 . ASP A 1 53  ? -7.876  -3.242  16.593  1.00 18.86 ? 31  ASP A OD1 1 
ATOM   231  O OD2 . ASP A 1 53  ? -6.241  -3.604  15.181  1.00 17.54 ? 31  ASP A OD2 1 
ATOM   232  N N   . PRO A 1 54  ? -9.932  -1.063  17.326  1.00 18.30 ? 32  PRO A N   1 
ATOM   233  C CA  . PRO A 1 54  ? -10.120 -0.529  18.672  1.00 19.13 ? 32  PRO A CA  1 
ATOM   234  C C   . PRO A 1 54  ? -9.188  -1.160  19.714  1.00 20.11 ? 32  PRO A C   1 
ATOM   235  O O   . PRO A 1 54  ? -9.254  -0.775  20.869  1.00 19.34 ? 32  PRO A O   1 
ATOM   236  C CB  . PRO A 1 54  ? -11.586 -0.890  18.978  1.00 19.21 ? 32  PRO A CB  1 
ATOM   237  C CG  . PRO A 1 54  ? -11.765 -2.215  18.300  1.00 18.75 ? 32  PRO A CG  1 
ATOM   238  C CD  . PRO A 1 54  ? -10.900 -2.133  17.024  1.00 19.05 ? 32  PRO A CD  1 
ATOM   239  N N   . GLY A 1 55  ? -8.406  -2.164  19.295  1.00 20.13 ? 33  GLY A N   1 
ATOM   240  C CA  . GLY A 1 55  ? -7.492  -2.903  20.120  1.00 20.51 ? 33  GLY A CA  1 
ATOM   241  C C   . GLY A 1 55  ? -6.431  -2.093  20.848  1.00 20.13 ? 33  GLY A C   1 
ATOM   242  O O   . GLY A 1 55  ? -6.066  -1.020  20.424  1.00 19.68 ? 33  GLY A O   1 
ATOM   243  N N   . MET A 1 56  ? -5.937  -2.664  21.949  1.00 21.60 ? 34  MET A N   1 
ATOM   244  C CA  . MET A 1 56  ? -4.938  -2.054  22.828  1.00 22.13 ? 34  MET A CA  1 
ATOM   245  C C   . MET A 1 56  ? -3.787  -3.011  23.039  1.00 22.65 ? 34  MET A C   1 
ATOM   246  O O   . MET A 1 56  ? -3.975  -4.082  23.587  1.00 23.07 ? 34  MET A O   1 
ATOM   247  C CB  . MET A 1 56  ? -5.592  -1.747  24.182  1.00 23.55 ? 34  MET A CB  1 
ATOM   248  C CG  . MET A 1 56  ? -6.747  -0.795  24.063  1.00 23.21 ? 34  MET A CG  1 
ATOM   249  S SD  . MET A 1 56  ? -6.185  0.875   23.824  1.00 30.62 ? 34  MET A SD  1 
ATOM   250  C CE  . MET A 1 56  ? -7.679  1.604   23.135  1.00 29.20 ? 34  MET A CE  1 
ATOM   251  N N   . LEU A 1 57  ? -2.590  -2.651  22.593  1.00 23.19 ? 35  LEU A N   1 
ATOM   252  C CA  . LEU A 1 57  ? -1.424  -3.470  22.876  1.00 23.96 ? 35  LEU A CA  1 
ATOM   253  C C   . LEU A 1 57  ? -1.078  -3.394  24.376  1.00 24.76 ? 35  LEU A C   1 
ATOM   254  O O   . LEU A 1 57  ? -1.011  -2.304  24.966  1.00 25.02 ? 35  LEU A O   1 
ATOM   255  C CB  . LEU A 1 57  ? -0.231  -3.079  22.002  1.00 22.91 ? 35  LEU A CB  1 
ATOM   256  C CG  . LEU A 1 57  ? 1.106   -3.802  22.189  1.00 22.90 ? 35  LEU A CG  1 
ATOM   257  C CD1 . LEU A 1 57  ? 1.026   -5.249  21.724  1.00 23.99 ? 35  LEU A CD1 1 
ATOM   258  C CD2 . LEU A 1 57  ? 2.229   -3.023  21.491  1.00 21.07 ? 35  LEU A CD2 1 
ATOM   259  N N   . PHE A 1 58  ? -0.846  -4.577  24.955  1.00 26.37 ? 36  PHE A N   1 
ATOM   260  C CA  . PHE A 1 58  ? -0.545  -4.738  26.392  1.00 27.38 ? 36  PHE A CA  1 
ATOM   261  C C   . PHE A 1 58  ? -1.636  -4.074  27.204  1.00 28.89 ? 36  PHE A C   1 
ATOM   262  O O   . PHE A 1 58  ? -1.381  -3.566  28.311  1.00 31.10 ? 36  PHE A O   1 
ATOM   263  C CB  . PHE A 1 58  ? 0.822   -4.122  26.768  1.00 27.28 ? 36  PHE A CB  1 
ATOM   264  C CG  . PHE A 1 58  ? 1.955   -4.592  25.919  1.00 26.60 ? 36  PHE A CG  1 
ATOM   265  C CD1 . PHE A 1 58  ? 2.099   -5.937  25.618  1.00 25.59 ? 36  PHE A CD1 1 
ATOM   266  C CD2 . PHE A 1 58  ? 2.880   -3.691  25.416  1.00 26.82 ? 36  PHE A CD2 1 
ATOM   267  C CE1 . PHE A 1 58  ? 3.170   -6.374  24.828  1.00 28.31 ? 36  PHE A CE1 1 
ATOM   268  C CE2 . PHE A 1 58  ? 3.934   -4.129  24.616  1.00 26.77 ? 36  PHE A CE2 1 
ATOM   269  C CZ  . PHE A 1 58  ? 4.065   -5.473  24.332  1.00 26.26 ? 36  PHE A CZ  1 
ATOM   270  N N   . GLY A 1 59  ? -2.845  -4.059  26.641  1.00 29.19 ? 37  GLY A N   1 
ATOM   271  C CA  . GLY A 1 59  ? -3.973  -3.396  27.239  1.00 28.71 ? 37  GLY A CA  1 
ATOM   272  C C   . GLY A 1 59  ? -3.845  -1.908  27.453  1.00 28.94 ? 37  GLY A C   1 
ATOM   273  O O   . GLY A 1 59  ? -4.649  -1.337  28.160  1.00 30.00 ? 37  GLY A O   1 
ATOM   274  N N   . ARG A 1 60  ? -2.861  -1.244  26.866  1.00 28.12 ? 38  ARG A N   1 
ATOM   275  C CA  . ARG A 1 60  ? -2.702  0.159   27.169  1.00 28.02 ? 38  ARG A CA  1 
ATOM   276  C C   . ARG A 1 60  ? -2.271  1.031   26.020  1.00 26.65 ? 38  ARG A C   1 
ATOM   277  O O   . ARG A 1 60  ? -2.453  2.226   26.079  1.00 26.35 ? 38  ARG A O   1 
ATOM   278  C CB  . ARG A 1 60  ? -1.766  0.350   28.368  1.00 29.23 ? 38  ARG A CB  1 
ATOM   279  C CG  . ARG A 1 60  ? -0.532  -0.523  28.378  1.00 31.06 ? 38  ARG A CG  1 
ATOM   280  C CD  . ARG A 1 60  ? 0.578   0.043   29.311  1.00 32.21 ? 38  ARG A CD  1 
ATOM   281  N NE  . ARG A 1 60  ? 1.874   -0.574  29.012  1.00 34.43 ? 38  ARG A NE  1 
ATOM   282  C CZ  . ARG A 1 60  ? 2.862   -0.014  28.295  1.00 36.93 ? 38  ARG A CZ  1 
ATOM   283  N NH1 . ARG A 1 60  ? 2.765   1.225   27.794  1.00 38.16 ? 38  ARG A NH1 1 
ATOM   284  N NH2 . ARG A 1 60  ? 3.979   -0.705  28.076  1.00 38.90 ? 38  ARG A NH2 1 
ATOM   285  N N   . ILE A 1 61  ? -1.735  0.436   24.961  1.00 25.12 ? 39  ILE A N   1 
ATOM   286  C CA  . ILE A 1 61  ? -1.264  1.191   23.830  1.00 24.41 ? 39  ILE A CA  1 
ATOM   287  C C   . ILE A 1 61  ? -2.290  1.076   22.688  1.00 23.25 ? 39  ILE A C   1 
ATOM   288  O O   . ILE A 1 61  ? -2.515  -0.034  22.172  1.00 21.88 ? 39  ILE A O   1 
ATOM   289  C CB  . ILE A 1 61  ? 0.088   0.678   23.328  1.00 24.73 ? 39  ILE A CB  1 
ATOM   290  C CG1 . ILE A 1 61  ? 1.102   0.657   24.488  1.00 24.94 ? 39  ILE A CG1 1 
ATOM   291  C CG2 . ILE A 1 61  ? 0.540   1.536   22.168  1.00 24.14 ? 39  ILE A CG2 1 
ATOM   292  C CD1 . ILE A 1 61  ? 2.446   0.132   24.083  1.00 24.87 ? 39  ILE A CD1 1 
ATOM   293  N N   . PRO A 1 62  ? -2.928  2.203   22.331  1.00 21.45 ? 40  PRO A N   1 
ATOM   294  C CA  . PRO A 1 62  ? -3.918  2.140   21.247  1.00 20.27 ? 40  PRO A CA  1 
ATOM   295  C C   . PRO A 1 62  ? -3.295  1.743   19.907  1.00 18.37 ? 40  PRO A C   1 
ATOM   296  O O   . PRO A 1 62  ? -2.343  2.371   19.469  1.00 18.41 ? 40  PRO A O   1 
ATOM   297  C CB  . PRO A 1 62  ? -4.527  3.565   21.195  1.00 19.68 ? 40  PRO A CB  1 
ATOM   298  C CG  . PRO A 1 62  ? -3.678  4.406   22.090  1.00 22.49 ? 40  PRO A CG  1 
ATOM   299  C CD  . PRO A 1 62  ? -2.787  3.560   22.901  1.00 22.11 ? 40  PRO A CD  1 
ATOM   300  N N   . LEU A 1 63  ? -3.870  0.728   19.271  1.00 16.29 ? 41  LEU A N   1 
ATOM   301  C CA  . LEU A 1 63  ? -3.476  0.331   17.905  1.00 15.95 ? 41  LEU A CA  1 
ATOM   302  C C   . LEU A 1 63  ? -3.932  1.325   16.860  1.00 15.15 ? 41  LEU A C   1 
ATOM   303  O O   . LEU A 1 63  ? -3.223  1.548   15.865  1.00 13.80 ? 41  LEU A O   1 
ATOM   304  C CB  . LEU A 1 63  ? -4.009  -1.070  17.563  1.00 15.27 ? 41  LEU A CB  1 
ATOM   305  C CG  . LEU A 1 63  ? -3.472  -2.220  18.429  1.00 14.43 ? 41  LEU A CG  1 
ATOM   306  C CD1 . LEU A 1 63  ? -4.130  -3.525  18.013  1.00 13.58 ? 41  LEU A CD1 1 
ATOM   307  C CD2 . LEU A 1 63  ? -1.960  -2.307  18.343  1.00 15.17 ? 41  LEU A CD2 1 
ATOM   308  N N   . ARG A 1 64  ? -5.128  1.889   17.082  1.00 14.40 ? 42  ARG A N   1 
ATOM   309  C CA  . ARG A 1 64  ? -5.734  2.913   16.255  1.00 15.30 ? 42  ARG A CA  1 
ATOM   310  C C   . ARG A 1 64  ? -6.250  2.385   14.918  1.00 14.13 ? 42  ARG A C   1 
ATOM   311  O O   . ARG A 1 64  ? -7.429  2.556   14.605  1.00 12.98 ? 42  ARG A O   1 
ATOM   312  C CB  . ARG A 1 64  ? -4.774  4.109   16.006  1.00 15.99 ? 42  ARG A CB  1 
ATOM   313  C CG  . ARG A 1 64  ? -4.360  4.871   17.285  1.00 21.70 ? 42  ARG A CG  1 
ATOM   314  C CD  . ARG A 1 64  ? -5.576  5.478   17.957  1.00 30.69 ? 42  ARG A CD  1 
ATOM   315  N NE  . ARG A 1 64  ? -6.266  6.451   17.090  1.00 34.78 ? 42  ARG A NE  1 
ATOM   316  C CZ  . ARG A 1 64  ? -5.780  7.666   16.793  1.00 39.13 ? 42  ARG A CZ  1 
ATOM   317  N NH1 . ARG A 1 64  ? -4.592  8.082   17.266  1.00 40.35 ? 42  ARG A NH1 1 
ATOM   318  N NH2 . ARG A 1 64  ? -6.484  8.470   15.999  1.00 39.41 ? 42  ARG A NH2 1 
ATOM   319  N N   . TYR A 1 65  ? -5.331  1.849   14.104  1.00 13.17 ? 43  TYR A N   1 
ATOM   320  C CA  . TYR A 1 65  ? -5.635  1.300   12.763  1.00 13.53 ? 43  TYR A CA  1 
ATOM   321  C C   . TYR A 1 65  ? -4.799  0.065   12.462  1.00 11.50 ? 43  TYR A C   1 
ATOM   322  O O   . TYR A 1 65  ? -3.657  -0.030  12.889  1.00 13.24 ? 43  TYR A O   1 
ATOM   323  C CB  . TYR A 1 65  ? -5.388  2.307   11.620  1.00 13.89 ? 43  TYR A CB  1 
ATOM   324  C CG  . TYR A 1 65  ? -6.247  3.510   11.740  1.00 17.05 ? 43  TYR A CG  1 
ATOM   325  C CD1 . TYR A 1 65  ? -7.554  3.508   11.233  1.00 16.64 ? 43  TYR A CD1 1 
ATOM   326  C CD2 . TYR A 1 65  ? -5.795  4.637   12.436  1.00 17.10 ? 43  TYR A CD2 1 
ATOM   327  C CE1 . TYR A 1 65  ? -8.384  4.617   11.404  1.00 20.29 ? 43  TYR A CE1 1 
ATOM   328  C CE2 . TYR A 1 65  ? -6.601  5.723   12.622  1.00 20.63 ? 43  TYR A CE2 1 
ATOM   329  C CZ  . TYR A 1 65  ? -7.907  5.713   12.095  1.00 20.32 ? 43  TYR A CZ  1 
ATOM   330  O OH  . TYR A 1 65  ? -8.696  6.828   12.263  1.00 21.40 ? 43  TYR A OH  1 
ATOM   331  N N   . ALA A 1 66  ? -5.390  -0.842  11.684  1.00 10.34 ? 44  ALA A N   1 
ATOM   332  C CA  . ALA A 1 66  ? -4.670  -1.933  11.054  1.00 9.61  ? 44  ALA A CA  1 
ATOM   333  C C   . ALA A 1 66  ? -4.330  -1.432  9.645   1.00 8.43  ? 44  ALA A C   1 
ATOM   334  O O   . ALA A 1 66  ? -5.231  -1.073  8.867   1.00 7.82  ? 44  ALA A O   1 
ATOM   335  C CB  . ALA A 1 66  ? -5.537  -3.201  10.973  1.00 8.75  ? 44  ALA A CB  1 
ATOM   336  N N   . ILE A 1 67  ? -3.046  -1.337  9.354   1.00 7.03  ? 45  ILE A N   1 
ATOM   337  C CA  . ILE A 1 67  ? -2.562  -0.884  8.062   1.00 7.52  ? 45  ILE A CA  1 
ATOM   338  C C   . ILE A 1 67  ? -1.634  -1.935  7.462   1.00 8.23  ? 45  ILE A C   1 
ATOM   339  O O   . ILE A 1 67  ? -0.632  -2.316  8.065   1.00 10.11 ? 45  ILE A O   1 
ATOM   340  C CB  . ILE A 1 67  ? -1.807  0.531   8.134   1.00 6.88  ? 45  ILE A CB  1 
ATOM   341  C CG1 . ILE A 1 67  ? -2.782  1.583   8.652   1.00 7.51  ? 45  ILE A CG1 1 
ATOM   342  C CG2 . ILE A 1 67  ? -1.197  0.845   6.760   1.00 6.74  ? 45  ILE A CG2 1 
ATOM   343  C CD1 . ILE A 1 67  ? -2.176  2.902   8.930   1.00 7.55  ? 45  ILE A CD1 1 
ATOM   344  N N   . LEU A 1 68  ? -1.919  -2.357  6.239   1.00 7.54  ? 46  LEU A N   1 
ATOM   345  C CA  . LEU A 1 68  ? -1.124  -3.428  5.629   1.00 8.00  ? 46  LEU A CA  1 
ATOM   346  C C   . LEU A 1 68  ? -0.021  -2.978  4.676   1.00 8.17  ? 46  LEU A C   1 
ATOM   347  O O   . LEU A 1 68  ? -0.205  -2.104  3.800   1.00 7.40  ? 46  LEU A O   1 
ATOM   348  C CB  . LEU A 1 68  ? -2.018  -4.426  4.926   1.00 6.60  ? 46  LEU A CB  1 
ATOM   349  C CG  . LEU A 1 68  ? -3.059  -5.215  5.724   1.00 10.93 ? 46  LEU A CG  1 
ATOM   350  C CD1 . LEU A 1 68  ? -3.887  -6.074  4.707   1.00 10.85 ? 46  LEU A CD1 1 
ATOM   351  C CD2 . LEU A 1 68  ? -2.418  -6.156  6.754   1.00 11.19 ? 46  LEU A CD2 1 
ATOM   352  N N   . MET A 1 69  ? 1.144   -3.566  4.900   1.00 8.17  ? 47  MET A N   1 
ATOM   353  C CA  . MET A 1 69  ? 2.219   -3.533  3.899   1.00 8.47  ? 47  MET A CA  1 
ATOM   354  C C   . MET A 1 69  ? 2.625   -4.984  3.523   1.00 7.96  ? 47  MET A C   1 
ATOM   355  O O   . MET A 1 69  ? 2.191   -5.937  4.155   1.00 7.04  ? 47  MET A O   1 
ATOM   356  C CB  . MET A 1 69  ? 3.382   -2.708  4.366   1.00 6.87  ? 47  MET A CB  1 
ATOM   357  C CG  . MET A 1 69  ? 3.034   -1.236  4.564   1.00 9.44  ? 47  MET A CG  1 
ATOM   358  S SD  . MET A 1 69  ? 4.411   -0.090  4.778   1.00 10.76 ? 47  MET A SD  1 
ATOM   359  C CE  . MET A 1 69  ? 5.141   -0.031  3.148   1.00 8.91  ? 47  MET A CE  1 
ATOM   360  N N   . GLN A 1 70  ? 3.407   -5.106  2.460   1.00 9.13  ? 48  GLN A N   1 
ATOM   361  C CA  . GLN A 1 70  ? 3.810   -6.395  1.890   1.00 9.71  ? 48  GLN A CA  1 
ATOM   362  C C   . GLN A 1 70  ? 5.343   -6.429  1.712   1.00 10.53 ? 48  GLN A C   1 
ATOM   363  O O   . GLN A 1 70  ? 5.918   -5.523  1.098   1.00 8.57  ? 48  GLN A O   1 
ATOM   364  C CB  . GLN A 1 70  ? 3.162   -6.567  0.490   1.00 10.00 ? 48  GLN A CB  1 
ATOM   365  C CG  . GLN A 1 70  ? 3.492   -7.917  -0.215  1.00 10.87 ? 48  GLN A CG  1 
ATOM   366  C CD  . GLN A 1 70  ? 2.538   -9.084  0.121   1.00 13.43 ? 48  GLN A CD  1 
ATOM   367  O OE1 . GLN A 1 70  ? 2.852   -9.942  0.967   1.00 14.17 ? 48  GLN A OE1 1 
ATOM   368  N NE2 . GLN A 1 70  ? 1.376   -9.136  -0.559  1.00 12.53 ? 48  GLN A NE2 1 
ATOM   369  N N   . MET A 1 71  ? 5.968   -7.471  2.231   1.00 11.11 ? 49  MET A N   1 
ATOM   370  C CA  . MET A 1 71  ? 7.358   -7.773  1.895   1.00 12.19 ? 49  MET A CA  1 
ATOM   371  C C   . MET A 1 71  ? 7.460   -8.349  0.467   1.00 11.68 ? 49  MET A C   1 
ATOM   372  O O   . MET A 1 71  ? 6.840   -9.372  0.124   1.00 12.74 ? 49  MET A O   1 
ATOM   373  C CB  . MET A 1 71  ? 7.929   -8.708  2.990   1.00 12.66 ? 49  MET A CB  1 
ATOM   374  C CG  . MET A 1 71  ? 9.308   -9.274  2.767   1.00 14.78 ? 49  MET A CG  1 
ATOM   375  S SD  . MET A 1 71  ? 10.524  -7.988  2.986   1.00 20.08 ? 49  MET A SD  1 
ATOM   376  C CE  . MET A 1 71  ? 10.538  -7.679  4.749   1.00 13.63 ? 49  MET A CE  1 
ATOM   377  N N   . ARG A 1 72  ? 8.255   -7.680  -0.374  1.00 11.85 ? 50  ARG A N   1 
ATOM   378  C CA  . ARG A 1 72  ? 8.396   -8.062  -1.764  1.00 13.56 ? 50  ARG A CA  1 
ATOM   379  C C   . ARG A 1 72  ? 9.587   -8.986  -1.975  1.00 12.35 ? 50  ARG A C   1 
ATOM   380  O O   . ARG A 1 72  ? 10.460  -9.062  -1.146  1.00 11.10 ? 50  ARG A O   1 
ATOM   381  C CB  . ARG A 1 72  ? 8.570   -6.829  -2.637  1.00 14.18 ? 50  ARG A CB  1 
ATOM   382  C CG  . ARG A 1 72  ? 7.634   -5.629  -2.325  1.00 18.28 ? 50  ARG A CG  1 
ATOM   383  C CD  . ARG A 1 72  ? 8.400   -4.309  -2.648  1.00 22.15 ? 50  ARG A CD  1 
ATOM   384  N NE  . ARG A 1 72  ? 8.389   -3.952  -4.087  1.00 31.56 ? 50  ARG A NE  1 
ATOM   385  C CZ  . ARG A 1 72  ? 9.160   -4.453  -5.066  1.00 32.15 ? 50  ARG A CZ  1 
ATOM   386  N NH1 . ARG A 1 72  ? 10.049  -5.390  -4.851  1.00 36.56 ? 50  ARG A NH1 1 
ATOM   387  N NH2 . ARG A 1 72  ? 9.051   -3.977  -6.285  1.00 32.91 ? 50  ARG A NH2 1 
ATOM   388  N N   . PHE A 1 73  ? 9.605   -9.641  -3.122  1.00 11.80 ? 51  PHE A N   1 
ATOM   389  C CA  . PHE A 1 73  ? 10.678  -10.560 -3.517  1.00 12.84 ? 51  PHE A CA  1 
ATOM   390  C C   . PHE A 1 73  ? 12.112  -10.001 -3.390  1.00 12.76 ? 51  PHE A C   1 
ATOM   391  O O   . PHE A 1 73  ? 13.045  -10.763 -3.176  1.00 12.66 ? 51  PHE A O   1 
ATOM   392  C CB  . PHE A 1 73  ? 10.427  -11.116 -4.955  1.00 12.90 ? 51  PHE A CB  1 
ATOM   393  C CG  . PHE A 1 73  ? 10.626  -10.099 -6.036  1.00 14.66 ? 51  PHE A CG  1 
ATOM   394  C CD1 . PHE A 1 73  ? 11.883  -9.935  -6.621  1.00 17.94 ? 51  PHE A CD1 1 
ATOM   395  C CD2 . PHE A 1 73  ? 9.594   -9.250  -6.423  1.00 17.02 ? 51  PHE A CD2 1 
ATOM   396  C CE1 . PHE A 1 73  ? 12.111  -8.973  -7.566  1.00 15.77 ? 51  PHE A CE1 1 
ATOM   397  C CE2 . PHE A 1 73  ? 9.823   -8.245  -7.393  1.00 14.89 ? 51  PHE A CE2 1 
ATOM   398  C CZ  . PHE A 1 73  ? 11.088  -8.125  -7.962  1.00 15.57 ? 51  PHE A CZ  1 
ATOM   399  N N   . ASP A 1 74  ? 12.283  -8.683  -3.510  1.00 12.65 ? 52  ASP A N   1 
ATOM   400  C CA  . ASP A 1 74  ? 13.595  -8.069  -3.337  1.00 13.46 ? 52  ASP A CA  1 
ATOM   401  C C   . ASP A 1 74  ? 13.991  -7.672  -1.901  1.00 12.66 ? 52  ASP A C   1 
ATOM   402  O O   . ASP A 1 74  ? 15.005  -7.016  -1.728  1.00 12.07 ? 52  ASP A O   1 
ATOM   403  C CB  . ASP A 1 74  ? 13.717  -6.815  -4.230  1.00 13.37 ? 52  ASP A CB  1 
ATOM   404  C CG  . ASP A 1 74  ? 12.616  -5.770  -3.983  1.00 16.42 ? 52  ASP A CG  1 
ATOM   405  O OD1 . ASP A 1 74  ? 11.719  -5.932  -3.140  1.00 12.93 ? 52  ASP A OD1 1 
ATOM   406  O OD2 . ASP A 1 74  ? 12.653  -4.727  -4.665  1.00 21.56 ? 52  ASP A OD2 1 
ATOM   407  N N   . GLY A 1 75  ? 13.186  -8.023  -0.881  1.00 13.20 ? 53  GLY A N   1 
ATOM   408  C CA  . GLY A 1 75  ? 13.546  -7.817  0.511   1.00 11.83 ? 53  GLY A CA  1 
ATOM   409  C C   . GLY A 1 75  ? 13.128  -6.455  1.029   1.00 11.68 ? 53  GLY A C   1 
ATOM   410  O O   . GLY A 1 75  ? 13.509  -6.072  2.148   1.00 14.26 ? 53  GLY A O   1 
ATOM   411  N N   A ARG A 1 76  ? 12.322  -5.752  0.230   0.50 11.85 ? 54  ARG A N   1 
ATOM   412  N N   B ARG A 1 76  ? 12.322  -5.752  0.237   0.50 11.88 ? 54  ARG A N   1 
ATOM   413  C CA  A ARG A 1 76  ? 11.810  -4.419  0.559   0.50 11.26 ? 54  ARG A CA  1 
ATOM   414  C CA  B ARG A 1 76  ? 11.804  -4.437  0.596   0.50 11.33 ? 54  ARG A CA  1 
ATOM   415  C C   A ARG A 1 76  ? 10.291  -4.481  0.854   0.50 10.20 ? 54  ARG A C   1 
ATOM   416  C C   B ARG A 1 76  ? 10.289  -4.495  0.869   0.50 10.23 ? 54  ARG A C   1 
ATOM   417  O O   A ARG A 1 76  ? 9.554   -5.254  0.239   0.50 10.43 ? 54  ARG A O   1 
ATOM   418  O O   B ARG A 1 76  ? 9.557   -5.269  0.253   0.50 10.47 ? 54  ARG A O   1 
ATOM   419  C CB  A ARG A 1 76  ? 12.062  -3.440  -0.604  0.50 11.38 ? 54  ARG A CB  1 
ATOM   420  C CB  B ARG A 1 76  ? 12.062  -3.441  -0.530  0.50 11.46 ? 54  ARG A CB  1 
ATOM   421  C CG  A ARG A 1 76  ? 13.414  -3.570  -1.268  0.50 12.13 ? 54  ARG A CG  1 
ATOM   422  C CG  B ARG A 1 76  ? 13.500  -3.087  -0.734  0.50 12.36 ? 54  ARG A CG  1 
ATOM   423  C CD  A ARG A 1 76  ? 13.759  -2.427  -2.216  0.50 12.40 ? 54  ARG A CD  1 
ATOM   424  C CD  B ARG A 1 76  ? 13.651  -2.040  -1.804  0.50 12.59 ? 54  ARG A CD  1 
ATOM   425  N NE  A ARG A 1 76  ? 15.218  -2.328  -2.317  0.50 14.59 ? 54  ARG A NE  1 
ATOM   426  N NE  B ARG A 1 76  ? 15.057  -1.833  -2.122  0.50 13.67 ? 54  ARG A NE  1 
ATOM   427  C CZ  A ARG A 1 76  ? 15.986  -2.836  -3.286  0.50 13.74 ? 54  ARG A CZ  1 
ATOM   428  C CZ  B ARG A 1 76  ? 15.905  -1.033  -1.473  0.50 13.28 ? 54  ARG A CZ  1 
ATOM   429  N NH1 A ARG A 1 76  ? 15.466  -3.471  -4.314  0.50 15.92 ? 54  ARG A NH1 1 
ATOM   430  N NH1 B ARG A 1 76  ? 15.521  -0.285  -0.434  0.50 10.79 ? 54  ARG A NH1 1 
ATOM   431  N NH2 A ARG A 1 76  ? 17.312  -2.714  -3.211  0.50 15.89 ? 54  ARG A NH2 1 
ATOM   432  N NH2 B ARG A 1 76  ? 17.178  -0.974  -1.889  0.50 15.48 ? 54  ARG A NH2 1 
ATOM   433  N N   . LEU A 1 77  ? 9.856   -3.655  1.798   1.00 10.74 ? 55  LEU A N   1 
ATOM   434  C CA  . LEU A 1 77  ? 8.441   -3.462  2.126   1.00 9.91  ? 55  LEU A CA  1 
ATOM   435  C C   . LEU A 1 77  ? 7.846   -2.465  1.138   1.00 10.11 ? 55  LEU A C   1 
ATOM   436  O O   . LEU A 1 77  ? 8.503   -1.484  0.722   1.00 8.75  ? 55  LEU A O   1 
ATOM   437  C CB  . LEU A 1 77  ? 8.290   -2.884  3.544   1.00 9.97  ? 55  LEU A CB  1 
ATOM   438  C CG  . LEU A 1 77  ? 8.667   -3.783  4.717   1.00 11.24 ? 55  LEU A CG  1 
ATOM   439  C CD1 . LEU A 1 77  ? 8.596   -3.057  6.030   1.00 11.05 ? 55  LEU A CD1 1 
ATOM   440  C CD2 . LEU A 1 77  ? 7.676   -4.938  4.724   1.00 11.82 ? 55  LEU A CD2 1 
ATOM   441  N N   . GLY A 1 78  ? 6.648   -2.778  0.698   1.00 8.60  ? 56  GLY A N   1 
ATOM   442  C CA  . GLY A 1 78  ? 5.835   -1.862  -0.045  1.00 8.87  ? 56  GLY A CA  1 
ATOM   443  C C   . GLY A 1 78  ? 4.350   -2.078  0.109   1.00 8.23  ? 56  GLY A C   1 
ATOM   444  O O   . GLY A 1 78  ? 3.903   -2.773  1.017   1.00 7.77  ? 56  GLY A O   1 
ATOM   445  N N   . PHE A 1 79  ? 3.613   -1.480  -0.804  1.00 7.77  ? 57  PHE A N   1 
ATOM   446  C CA  . PHE A 1 79  ? 2.172   -1.625  -0.828  1.00 8.13  ? 57  PHE A CA  1 
ATOM   447  C C   . PHE A 1 79  ? 1.710   -2.565  -1.962  1.00 8.36  ? 57  PHE A C   1 
ATOM   448  O O   . PHE A 1 79  ? 2.306   -2.633  -3.059  1.00 7.88  ? 57  PHE A O   1 
ATOM   449  C CB  . PHE A 1 79  ? 1.462   -0.281  -0.919  1.00 8.75  ? 57  PHE A CB  1 
ATOM   450  C CG  . PHE A 1 79  ? 1.682   0.608   0.270   1.00 7.02  ? 57  PHE A CG  1 
ATOM   451  C CD1 . PHE A 1 79  ? 1.017   0.363   1.456   1.00 8.47  ? 57  PHE A CD1 1 
ATOM   452  C CD2 . PHE A 1 79  ? 2.518   1.722   0.174   1.00 8.07  ? 57  PHE A CD2 1 
ATOM   453  C CE1 . PHE A 1 79  ? 1.210   1.133   2.564   1.00 7.47  ? 57  PHE A CE1 1 
ATOM   454  C CE2 . PHE A 1 79  ? 2.709   2.517   1.258   1.00 9.26  ? 57  PHE A CE2 1 
ATOM   455  C CZ  . PHE A 1 79  ? 2.065   2.214   2.481   1.00 10.29 ? 57  PHE A CZ  1 
ATOM   456  N N   . PRO A 1 80  ? 0.591   -3.225  -1.720  1.00 7.33  ? 58  PRO A N   1 
ATOM   457  C CA  . PRO A 1 80  ? 0.059   -4.117  -2.750  1.00 8.22  ? 58  PRO A CA  1 
ATOM   458  C C   . PRO A 1 80  ? -0.436  -3.331  -3.976  1.00 8.37  ? 58  PRO A C   1 
ATOM   459  O O   . PRO A 1 80  ? -0.844  -2.190  -3.848  1.00 8.88  ? 58  PRO A O   1 
ATOM   460  C CB  . PRO A 1 80  ? -1.115  -4.820  -2.064  1.00 8.08  ? 58  PRO A CB  1 
ATOM   461  C CG  . PRO A 1 80  ? -1.423  -4.013  -0.847  1.00 8.00  ? 58  PRO A CG  1 
ATOM   462  C CD  . PRO A 1 80  ? -0.186  -3.274  -0.465  1.00 7.64  ? 58  PRO A CD  1 
ATOM   463  N N   . GLY A 1 81  ? -0.347  -3.984  -5.120  1.00 9.21  ? 59  GLY A N   1 
ATOM   464  C CA  . GLY A 1 81  ? -0.776  -3.431  -6.429  1.00 9.63  ? 59  GLY A CA  1 
ATOM   465  C C   . GLY A 1 81  ? 0.152   -3.899  -7.508  1.00 9.59  ? 59  GLY A C   1 
ATOM   466  O O   . GLY A 1 81  ? 0.681   -4.986  -7.416  1.00 10.75 ? 59  GLY A O   1 
ATOM   467  N N   . GLY A 1 82  ? 0.262   -3.126  -8.590  1.00 9.59  ? 60  GLY A N   1 
ATOM   468  C CA  . GLY A 1 82  ? 1.136   -3.428  -9.699  1.00 10.35 ? 60  GLY A CA  1 
ATOM   469  C C   . GLY A 1 82  ? 0.806   -2.619  -10.957 1.00 10.23 ? 60  GLY A C   1 
ATOM   470  O O   . GLY A 1 82  ? 0.108   -1.598  -10.889 1.00 8.97  ? 60  GLY A O   1 
ATOM   471  N N   . PHE A 1 83  ? 1.301   -3.099  -12.090 1.00 11.19 ? 61  PHE A N   1 
ATOM   472  C CA  . PHE A 1 83  ? 1.262   -2.362  -13.338 1.00 11.84 ? 61  PHE A CA  1 
ATOM   473  C C   . PHE A 1 83  ? -0.069  -2.484  -14.032 1.00 12.84 ? 61  PHE A C   1 
ATOM   474  O O   . PHE A 1 83  ? -0.644  -3.574  -14.075 1.00 13.06 ? 61  PHE A O   1 
ATOM   475  C CB  . PHE A 1 83  ? 2.351   -2.832  -14.280 1.00 13.03 ? 61  PHE A CB  1 
ATOM   476  C CG  . PHE A 1 83  ? 3.683   -2.241  -13.977 1.00 14.38 ? 61  PHE A CG  1 
ATOM   477  C CD1 . PHE A 1 83  ? 3.995   -0.975  -14.458 1.00 17.25 ? 61  PHE A CD1 1 
ATOM   478  C CD2 . PHE A 1 83  ? 4.596   -2.906  -13.175 1.00 17.25 ? 61  PHE A CD2 1 
ATOM   479  C CE1 . PHE A 1 83  ? 5.230   -0.404  -14.183 1.00 18.66 ? 61  PHE A CE1 1 
ATOM   480  C CE2 . PHE A 1 83  ? 5.815   -2.344  -12.908 1.00 19.83 ? 61  PHE A CE2 1 
ATOM   481  C CZ  . PHE A 1 83  ? 6.116   -1.064  -13.413 1.00 14.72 ? 61  PHE A CZ  1 
ATOM   482  N N   . VAL A 1 84  ? -0.547  -1.347  -14.505 1.00 13.13 ? 62  VAL A N   1 
ATOM   483  C CA  . VAL A 1 84  ? -1.707  -1.206  -15.403 1.00 14.66 ? 62  VAL A CA  1 
ATOM   484  C C   . VAL A 1 84  ? -1.286  -1.813  -16.712 1.00 15.57 ? 62  VAL A C   1 
ATOM   485  O O   . VAL A 1 84  ? -0.152  -1.618  -17.120 1.00 17.20 ? 62  VAL A O   1 
ATOM   486  C CB  . VAL A 1 84  ? -2.051  0.314   -15.601 1.00 14.16 ? 62  VAL A CB  1 
ATOM   487  C CG1 . VAL A 1 84  ? -3.165  0.533   -16.614 1.00 12.60 ? 62  VAL A CG1 1 
ATOM   488  C CG2 . VAL A 1 84  ? -2.407  0.981   -14.263 1.00 15.73 ? 62  VAL A CG2 1 
ATOM   489  N N   . ASP A 1 85  ? -2.136  -2.612  -17.349 1.00 16.52 ? 63  ASP A N   1 
ATOM   490  C CA  . ASP A 1 85  ? -1.822  -3.181  -18.676 1.00 16.30 ? 63  ASP A CA  1 
ATOM   491  C C   . ASP A 1 85  ? -2.672  -2.588  -19.794 1.00 16.93 ? 63  ASP A C   1 
ATOM   492  O O   . ASP A 1 85  ? -3.514  -1.716  -19.578 1.00 16.01 ? 63  ASP A O   1 
ATOM   493  C CB  . ASP A 1 85  ? -1.859  -4.733  -18.659 1.00 15.65 ? 63  ASP A CB  1 
ATOM   494  C CG  . ASP A 1 85  ? -3.241  -5.309  -18.451 1.00 14.18 ? 63  ASP A CG  1 
ATOM   495  O OD1 . ASP A 1 85  ? -4.252  -4.706  -18.896 1.00 13.79 ? 63  ASP A OD1 1 
ATOM   496  O OD2 . ASP A 1 85  ? -3.290  -6.417  -17.879 1.00 16.80 ? 63  ASP A OD2 1 
ATOM   497  N N   . THR A 1 86  ? -2.455  -3.058  -21.017 1.00 19.78 ? 64  THR A N   1 
ATOM   498  C CA  . THR A 1 86  ? -3.120  -2.440  -22.176 1.00 20.49 ? 64  THR A CA  1 
ATOM   499  C C   . THR A 1 86  ? -4.612  -2.733  -22.296 1.00 21.11 ? 64  THR A C   1 
ATOM   500  O O   . THR A 1 86  ? -5.283  -2.126  -23.103 1.00 22.98 ? 64  THR A O   1 
ATOM   501  C CB  . THR A 1 86  ? -2.458  -2.896  -23.481 1.00 21.58 ? 64  THR A CB  1 
ATOM   502  O OG1 . THR A 1 86  ? -2.346  -4.333  -23.456 1.00 23.17 ? 64  THR A OG1 1 
ATOM   503  C CG2 . THR A 1 86  ? -1.090  -2.259  -23.598 1.00 22.68 ? 64  THR A CG2 1 
ATOM   504  N N   . GLN A 1 87  ? -5.136  -3.656  -21.503 1.00 21.17 ? 65  GLN A N   1 
ATOM   505  C CA  . GLN A 1 87  ? -6.576  -3.919  -21.489 1.00 21.22 ? 65  GLN A CA  1 
ATOM   506  C C   . GLN A 1 87  ? -7.300  -3.410  -20.249 1.00 19.85 ? 65  GLN A C   1 
ATOM   507  O O   . GLN A 1 87  ? -8.496  -3.675  -20.085 1.00 20.72 ? 65  GLN A O   1 
ATOM   508  C CB  . GLN A 1 87  ? -6.823  -5.399  -21.622 1.00 22.05 ? 65  GLN A CB  1 
ATOM   509  C CG  . GLN A 1 87  ? -6.531  -5.956  -22.985 1.00 24.91 ? 65  GLN A CG  1 
ATOM   510  C CD  . GLN A 1 87  ? -6.842  -7.426  -22.995 1.00 26.79 ? 65  GLN A CD  1 
ATOM   511  O OE1 . GLN A 1 87  ? -7.997  -7.814  -22.851 1.00 35.56 ? 65  GLN A OE1 1 
ATOM   512  N NE2 . GLN A 1 87  ? -5.813  -8.267  -23.125 1.00 35.81 ? 65  GLN A NE2 1 
ATOM   513  N N   . ASP A 1 88  ? -6.590  -2.711  -19.353 1.00 18.56 ? 66  ASP A N   1 
ATOM   514  C CA  . ASP A 1 88  ? -7.263  -2.033  -18.272 1.00 18.12 ? 66  ASP A CA  1 
ATOM   515  C C   . ASP A 1 88  ? -7.931  -0.772  -18.846 1.00 18.07 ? 66  ASP A C   1 
ATOM   516  O O   . ASP A 1 88  ? -7.277  0.050   -19.457 1.00 19.45 ? 66  ASP A O   1 
ATOM   517  C CB  . ASP A 1 88  ? -6.281  -1.676  -17.167 1.00 17.36 ? 66  ASP A CB  1 
ATOM   518  C CG  . ASP A 1 88  ? -5.791  -2.882  -16.405 1.00 15.37 ? 66  ASP A CG  1 
ATOM   519  O OD1 . ASP A 1 88  ? -6.573  -3.833  -16.142 1.00 13.54 ? 66  ASP A OD1 1 
ATOM   520  O OD2 . ASP A 1 88  ? -4.608  -2.870  -16.011 1.00 16.12 ? 66  ASP A OD2 1 
ATOM   521  N N   . ARG A 1 89  ? -9.214  -0.614  -18.625 1.00 17.47 ? 67  ARG A N   1 
ATOM   522  C CA  . ARG A 1 89  ? -9.963  0.560   -19.080 1.00 18.22 ? 67  ARG A CA  1 
ATOM   523  C C   . ARG A 1 89  ? -9.766  1.822   -18.240 1.00 17.94 ? 67  ARG A C   1 
ATOM   524  O O   . ARG A 1 89  ? -10.158 2.916   -18.662 1.00 18.33 ? 67  ARG A O   1 
ATOM   525  C CB  . ARG A 1 89  ? -11.462 0.209   -19.132 1.00 19.05 ? 67  ARG A CB  1 
ATOM   526  C CG  . ARG A 1 89  ? -11.731 -0.905  -20.124 1.00 23.42 ? 67  ARG A CG  1 
ATOM   527  C CD  . ARG A 1 89  ? -11.664 -0.405  -21.551 1.00 28.75 ? 67  ARG A CD  1 
ATOM   528  N NE  . ARG A 1 89  ? -13.003 0.027   -21.921 1.00 34.21 ? 67  ARG A NE  1 
ATOM   529  C CZ  . ARG A 1 89  ? -13.349 0.585   -23.079 1.00 37.25 ? 67  ARG A CZ  1 
ATOM   530  N NH1 . ARG A 1 89  ? -12.417 0.792   -24.035 1.00 36.81 ? 67  ARG A NH1 1 
ATOM   531  N NH2 . ARG A 1 89  ? -14.653 0.899   -23.287 1.00 33.55 ? 67  ARG A NH2 1 
ATOM   532  N N   . SER A 1 90  ? -9.166  1.661   -17.063 1.00 15.58 ? 68  SER A N   1 
ATOM   533  C CA  . SER A 1 90  ? -8.980  2.718   -16.119 1.00 15.10 ? 68  SER A CA  1 
ATOM   534  C C   . SER A 1 90  ? -7.831  2.315   -15.178 1.00 13.89 ? 68  SER A C   1 
ATOM   535  O O   . SER A 1 90  ? -7.573  1.126   -14.991 1.00 11.90 ? 68  SER A O   1 
ATOM   536  C CB  . SER A 1 90  ? -10.220 2.947   -15.298 1.00 14.99 ? 68  SER A CB  1 
ATOM   537  O OG  . SER A 1 90  ? -10.436 1.885   -14.367 1.00 14.44 ? 68  SER A OG  1 
ATOM   538  N N   . LEU A 1 91  ? -7.174  3.314   -14.595 1.00 12.32 ? 69  LEU A N   1 
ATOM   539  C CA  . LEU A 1 91  ? -6.220  3.055   -13.504 1.00 11.73 ? 69  LEU A CA  1 
ATOM   540  C C   . LEU A 1 91  ? -6.813  2.165   -12.390 1.00 11.02 ? 69  LEU A C   1 
ATOM   541  O O   . LEU A 1 91  ? -6.125  1.251   -11.892 1.00 10.39 ? 69  LEU A O   1 
ATOM   542  C CB  . LEU A 1 91  ? -5.721  4.380   -12.879 1.00 11.21 ? 69  LEU A CB  1 
ATOM   543  C CG  . LEU A 1 91  ? -4.834  5.290   -13.741 1.00 12.00 ? 69  LEU A CG  1 
ATOM   544  C CD1 . LEU A 1 91  ? -4.449  6.528   -12.897 1.00 13.98 ? 69  LEU A CD1 1 
ATOM   545  C CD2 . LEU A 1 91  ? -3.621  4.564   -14.284 1.00 9.31  ? 69  LEU A CD2 1 
ATOM   546  N N   . GLU A 1 92  ? -8.061  2.436   -12.022 1.00 9.56  ? 70  GLU A N   1 
ATOM   547  C CA  . GLU A 1 92  ? -8.730  1.724   -10.920 1.00 10.56 ? 70  GLU A CA  1 
ATOM   548  C C   . GLU A 1 92  ? -9.009  0.273   -11.344 1.00 9.78  ? 70  GLU A C   1 
ATOM   549  O O   . GLU A 1 92  ? -8.879  -0.646  -10.552 1.00 10.58 ? 70  GLU A O   1 
ATOM   550  C CB  . GLU A 1 92  ? -9.997  2.474   -10.484 1.00 10.20 ? 70  GLU A CB  1 
ATOM   551  C CG  . GLU A 1 92  ? -9.712  3.789   -9.694  1.00 11.72 ? 70  GLU A CG  1 
ATOM   552  C CD  . GLU A 1 92  ? -9.272  4.937   -10.609 1.00 14.42 ? 70  GLU A CD  1 
ATOM   553  O OE1 . GLU A 1 92  ? -9.580  4.942   -11.835 1.00 12.90 ? 70  GLU A OE1 1 
ATOM   554  O OE2 . GLU A 1 92  ? -8.569  5.822   -10.117 1.00 17.49 ? 70  GLU A OE2 1 
ATOM   555  N N   . ASP A 1 93  ? -9.374  0.049   -12.596 1.00 8.97  ? 71  ASP A N   1 
ATOM   556  C CA  . ASP A 1 93  ? -9.509  -1.350  -13.057 1.00 9.85  ? 71  ASP A CA  1 
ATOM   557  C C   . ASP A 1 93  ? -8.175  -2.130  -12.956 1.00 9.55  ? 71  ASP A C   1 
ATOM   558  O O   . ASP A 1 93  ? -8.139  -3.255  -12.449 1.00 9.14  ? 71  ASP A O   1 
ATOM   559  C CB  . ASP A 1 93  ? -10.074 -1.436  -14.460 1.00 10.10 ? 71  ASP A CB  1 
ATOM   560  C CG  . ASP A 1 93  ? -11.583 -1.221  -14.516 1.00 15.31 ? 71  ASP A CG  1 
ATOM   561  O OD1 . ASP A 1 93  ? -12.204 -0.982  -13.466 1.00 14.87 ? 71  ASP A OD1 1 
ATOM   562  O OD2 . ASP A 1 93  ? -12.160 -1.321  -15.619 1.00 23.22 ? 71  ASP A OD2 1 
ATOM   563  N N   . GLY A 1 94  ? -7.077  -1.530  -13.415 1.00 9.19  ? 72  GLY A N   1 
ATOM   564  C CA  . GLY A 1 94  ? -5.748  -2.090  -13.222 1.00 8.50  ? 72  GLY A CA  1 
ATOM   565  C C   . GLY A 1 94  ? -5.369  -2.339  -11.753 1.00 6.67  ? 72  GLY A C   1 
ATOM   566  O O   . GLY A 1 94  ? -4.916  -3.431  -11.393 1.00 7.18  ? 72  GLY A O   1 
ATOM   567  N N   . LEU A 1 95  ? -5.595  -1.361  -10.905 1.00 6.49  ? 73  LEU A N   1 
ATOM   568  C CA  . LEU A 1 95  ? -5.317  -1.501  -9.488  1.00 6.72  ? 73  LEU A CA  1 
ATOM   569  C C   . LEU A 1 95  ? -6.058  -2.691  -8.893  1.00 6.11  ? 73  LEU A C   1 
ATOM   570  O O   . LEU A 1 95  ? -5.448  -3.510  -8.230  1.00 5.63  ? 73  LEU A O   1 
ATOM   571  C CB  . LEU A 1 95  ? -5.636  -0.221  -8.742  1.00 6.65  ? 73  LEU A CB  1 
ATOM   572  C CG  . LEU A 1 95  ? -5.440  -0.290  -7.235  1.00 5.97  ? 73  LEU A CG  1 
ATOM   573  C CD1 . LEU A 1 95  ? -4.016  -0.666  -6.741  1.00 7.94  ? 73  LEU A CD1 1 
ATOM   574  C CD2 . LEU A 1 95  ? -5.936  1.040   -6.689  1.00 8.83  ? 73  LEU A CD2 1 
ATOM   575  N N   . ASN A 1 96  ? -7.386  -2.728  -9.066  1.00 6.77  ? 74  ASN A N   1 
ATOM   576  C CA  . ASN A 1 96  ? -8.197  -3.789  -8.493  1.00 6.91  ? 74  ASN A CA  1 
ATOM   577  C C   . ASN A 1 96  ? -7.829  -5.161  -9.026  1.00 6.76  ? 74  ASN A C   1 
ATOM   578  O O   . ASN A 1 96  ? -7.758  -6.116  -8.246  1.00 5.53  ? 74  ASN A O   1 
ATOM   579  C CB  . ASN A 1 96  ? -9.701  -3.512  -8.581  1.00 7.85  ? 74  ASN A CB  1 
ATOM   580  C CG  . ASN A 1 96  ? -10.114 -2.393  -7.672  1.00 5.31  ? 74  ASN A CG  1 
ATOM   581  O OD1 . ASN A 1 96  ? -10.021 -2.495  -6.463  1.00 8.80  ? 74  ASN A OD1 1 
ATOM   582  N ND2 . ASN A 1 96  ? -10.527 -1.291  -8.277  1.00 7.87  ? 74  ASN A ND2 1 
ATOM   583  N N   . ARG A 1 97  ? -7.492  -5.243  -10.309 1.00 8.03  ? 75  ARG A N   1 
ATOM   584  C CA  . ARG A 1 97  ? -7.034  -6.506  -10.912 1.00 6.86  ? 75  ARG A CA  1 
ATOM   585  C C   . ARG A 1 97  ? -5.743  -7.015  -10.233 1.00 6.94  ? 75  ARG A C   1 
ATOM   586  O O   . ARG A 1 97  ? -5.637  -8.184  -9.801  1.00 7.60  ? 75  ARG A O   1 
ATOM   587  C CB  . ARG A 1 97  ? -6.807  -6.293  -12.408 1.00 7.35  ? 75  ARG A CB  1 
ATOM   588  C CG  . ARG A 1 97  ? -6.449  -7.613  -13.148 1.00 8.08  ? 75  ARG A CG  1 
ATOM   589  C CD  . ARG A 1 97  ? -6.235  -7.410  -14.651 1.00 9.38  ? 75  ARG A CD  1 
ATOM   590  N NE  . ARG A 1 97  ? -5.382  -6.246  -14.883 1.00 11.52 ? 75  ARG A NE  1 
ATOM   591  C CZ  . ARG A 1 97  ? -4.085  -6.194  -14.550 1.00 12.53 ? 75  ARG A CZ  1 
ATOM   592  N NH1 . ARG A 1 97  ? -3.448  -7.212  -13.992 1.00 11.98 ? 75  ARG A NH1 1 
ATOM   593  N NH2 . ARG A 1 97  ? -3.407  -5.086  -14.757 1.00 10.93 ? 75  ARG A NH2 1 
ATOM   594  N N   . GLU A 1 98  ? -4.780  -6.128  -10.118 1.00 6.57  ? 76  GLU A N   1 
ATOM   595  C CA  . GLU A 1 98  ? -3.482  -6.424  -9.480  1.00 7.58  ? 76  GLU A CA  1 
ATOM   596  C C   . GLU A 1 98  ? -3.637  -6.784  -7.980  1.00 7.27  ? 76  GLU A C   1 
ATOM   597  O O   . GLU A 1 98  ? -2.952  -7.695  -7.487  1.00 7.18  ? 76  GLU A O   1 
ATOM   598  C CB  . GLU A 1 98  ? -2.524  -5.260  -9.702  1.00 8.11  ? 76  GLU A CB  1 
ATOM   599  C CG  . GLU A 1 98  ? -2.090  -5.051  -11.191 1.00 11.04 ? 76  GLU A CG  1 
ATOM   600  C CD  . GLU A 1 98  ? -1.054  -6.090  -11.645 1.00 14.59 ? 76  GLU A CD  1 
ATOM   601  O OE1 . GLU A 1 98  ? -0.292  -6.551  -10.780 1.00 12.85 ? 76  GLU A OE1 1 
ATOM   602  O OE2 . GLU A 1 98  ? -1.011  -6.439  -12.851 1.00 16.59 ? 76  GLU A OE2 1 
ATOM   603  N N   . LEU A 1 99  ? -4.523  -6.074  -7.269  1.00 7.70  ? 77  LEU A N   1 
ATOM   604  C CA  . LEU A 1 99  ? -4.726  -6.291  -5.840  1.00 8.40  ? 77  LEU A CA  1 
ATOM   605  C C   . LEU A 1 99  ? -5.258  -7.711  -5.644  1.00 7.89  ? 77  LEU A C   1 
ATOM   606  O O   . LEU A 1 99  ? -4.869  -8.394  -4.703  1.00 7.73  ? 77  LEU A O   1 
ATOM   607  C CB  . LEU A 1 99  ? -5.704  -5.296  -5.236  1.00 7.67  ? 77  LEU A CB  1 
ATOM   608  C CG  . LEU A 1 99  ? -5.236  -3.852  -4.953  1.00 8.69  ? 77  LEU A CG  1 
ATOM   609  C CD1 . LEU A 1 99  ? -6.361  -3.018  -4.351  1.00 7.51  ? 77  LEU A CD1 1 
ATOM   610  C CD2 . LEU A 1 99  ? -3.948  -3.837  -4.072  1.00 7.20  ? 77  LEU A CD2 1 
ATOM   611  N N   . ARG A 1 100 ? -6.098  -8.146  -6.574  1.00 7.85  ? 78  ARG A N   1 
ATOM   612  C CA  . ARG A 1 100 ? -6.729  -9.461  -6.471  1.00 9.69  ? 78  ARG A CA  1 
ATOM   613  C C   . ARG A 1 100 ? -5.753  -10.550 -6.806  1.00 9.08  ? 78  ARG A C   1 
ATOM   614  O O   . ARG A 1 100 ? -5.755  -11.603 -6.166  1.00 9.17  ? 78  ARG A O   1 
ATOM   615  C CB  . ARG A 1 100 ? -8.009  -9.506  -7.300  1.00 8.36  ? 78  ARG A CB  1 
ATOM   616  C CG  . ARG A 1 100 ? -9.066  -8.634  -6.665  1.00 9.63  ? 78  ARG A CG  1 
ATOM   617  C CD  . ARG A 1 100 ? -10.174 -8.252  -7.622  1.00 11.56 ? 78  ARG A CD  1 
ATOM   618  N NE  . ARG A 1 100 ? -11.059 -7.219  -7.056  1.00 9.80  ? 78  ARG A NE  1 
ATOM   619  C CZ  . ARG A 1 100 ? -12.345 -7.030  -7.376  1.00 13.23 ? 78  ARG A CZ  1 
ATOM   620  N NH1 . ARG A 1 100 ? -12.957 -7.841  -8.248  1.00 12.60 ? 78  ARG A NH1 1 
ATOM   621  N NH2 . ARG A 1 100 ? -13.048 -6.078  -6.773  1.00 13.44 ? 78  ARG A NH2 1 
ATOM   622  N N   . GLU A 1 101 ? -4.857  -10.280 -7.754  1.00 10.03 ? 79  GLU A N   1 
ATOM   623  C CA  . GLU A 1 101 ? -3.766  -11.232 -8.043  1.00 11.27 ? 79  GLU A CA  1 
ATOM   624  C C   . GLU A 1 101 ? -2.803  -11.414 -6.882  1.00 10.47 ? 79  GLU A C   1 
ATOM   625  O O   . GLU A 1 101 ? -2.320  -12.529 -6.597  1.00 12.06 ? 79  GLU A O   1 
ATOM   626  C CB  . GLU A 1 101 ? -3.008  -10.825 -9.310  1.00 10.79 ? 79  GLU A CB  1 
ATOM   627  C CG  . GLU A 1 101 ? -3.872  -10.928 -10.621 1.00 14.81 ? 79  GLU A CG  1 
ATOM   628  C CD  . GLU A 1 101 ? -3.216  -10.252 -11.815 1.00 15.94 ? 79  GLU A CD  1 
ATOM   629  O OE1 . GLU A 1 101 ? -2.000  -9.884  -11.682 1.00 22.04 ? 79  GLU A OE1 1 
ATOM   630  O OE2 . GLU A 1 101 ? -3.885  -10.090 -12.876 1.00 19.04 ? 79  GLU A OE2 1 
ATOM   631  N N   . GLU A 1 102 ? -2.529  -10.317 -6.189  1.00 11.21 ? 80  GLU A N   1 
ATOM   632  C CA  . GLU A 1 102 ? -1.518  -10.262 -5.172  1.00 11.46 ? 80  GLU A CA  1 
ATOM   633  C C   . GLU A 1 102 ? -2.084  -10.842 -3.873  1.00 11.35 ? 80  GLU A C   1 
ATOM   634  O O   . GLU A 1 102 ? -1.381  -11.595 -3.179  1.00 10.20 ? 80  GLU A O   1 
ATOM   635  C CB  . GLU A 1 102 ? -1.043  -8.818  -4.941  1.00 11.86 ? 80  GLU A CB  1 
ATOM   636  C CG  . GLU A 1 102 ? -0.096  -8.695  -3.739  1.00 12.49 ? 80  GLU A CG  1 
ATOM   637  C CD  . GLU A 1 102 ? 0.764   -7.427  -3.688  1.00 12.51 ? 80  GLU A CD  1 
ATOM   638  O OE1 . GLU A 1 102 ? 0.886   -6.671  -4.701  1.00 15.34 ? 80  GLU A OE1 1 
ATOM   639  O OE2 . GLU A 1 102 ? 1.317   -7.211  -2.592  1.00 14.61 ? 80  GLU A OE2 1 
ATOM   640  N N   . LEU A 1 103 ? -3.337  -10.491 -3.548  1.00 9.03  ? 81  LEU A N   1 
ATOM   641  C CA  . LEU A 1 103 ? -3.910  -10.740 -2.227  1.00 9.97  ? 81  LEU A CA  1 
ATOM   642  C C   . LEU A 1 103 ? -4.976  -11.862 -2.173  1.00 10.29 ? 81  LEU A C   1 
ATOM   643  O O   . LEU A 1 103 ? -5.371  -12.309 -1.074  1.00 10.77 ? 81  LEU A O   1 
ATOM   644  C CB  . LEU A 1 103 ? -4.501  -9.440  -1.667  1.00 10.30 ? 81  LEU A CB  1 
ATOM   645  C CG  . LEU A 1 103 ? -3.631  -8.202  -1.429  1.00 8.88  ? 81  LEU A CG  1 
ATOM   646  C CD1 . LEU A 1 103 ? -4.546  -6.974  -1.238  1.00 6.30  ? 81  LEU A CD1 1 
ATOM   647  C CD2 . LEU A 1 103 ? -2.706  -8.378  -0.247  1.00 11.06 ? 81  LEU A CD2 1 
ATOM   648  N N   . GLY A 1 104 ? -5.476  -12.244 -3.331  1.00 9.91  ? 82  GLY A N   1 
ATOM   649  C CA  . GLY A 1 104 ? -6.479  -13.289 -3.453  1.00 10.75 ? 82  GLY A CA  1 
ATOM   650  C C   . GLY A 1 104 ? -7.899  -12.808 -3.364  1.00 11.36 ? 82  GLY A C   1 
ATOM   651  O O   . GLY A 1 104 ? -8.172  -11.604 -3.416  1.00 9.97  ? 82  GLY A O   1 
ATOM   652  N N   . GLU A 1 105 ? -8.807  -13.769 -3.211  1.00 13.35 ? 83  GLU A N   1 
ATOM   653  C CA  . GLU A 1 105 ? -10.228 -13.518 -3.417  1.00 14.48 ? 83  GLU A CA  1 
ATOM   654  C C   . GLU A 1 105 ? -10.876 -12.615 -2.367  1.00 12.77 ? 83  GLU A C   1 
ATOM   655  O O   . GLU A 1 105 ? -11.882 -11.982 -2.658  1.00 13.17 ? 83  GLU A O   1 
ATOM   656  C CB  . GLU A 1 105 ? -10.971 -14.845 -3.525  1.00 15.83 ? 83  GLU A CB  1 
ATOM   657  C CG  . GLU A 1 105 ? -11.183 -15.532 -2.221  1.00 18.34 ? 83  GLU A CG  1 
ATOM   658  C CD  . GLU A 1 105 ? -12.001 -16.821 -2.364  1.00 21.72 ? 83  GLU A CD  1 
ATOM   659  O OE1 . GLU A 1 105 ? -11.506 -17.771 -3.037  1.00 31.37 ? 83  GLU A OE1 1 
ATOM   660  O OE2 . GLU A 1 105 ? -13.120 -16.877 -1.763  1.00 31.07 ? 83  GLU A OE2 1 
ATOM   661  N N   . ALA A 1 106 ? -10.291 -12.477 -1.175  1.00 12.48 ? 84  ALA A N   1 
ATOM   662  C CA  . ALA A 1 106 ? -10.875 -11.550 -0.159  1.00 11.84 ? 84  ALA A CA  1 
ATOM   663  C C   . ALA A 1 106 ? -10.835 -10.077 -0.610  1.00 10.80 ? 84  ALA A C   1 
ATOM   664  O O   . ALA A 1 106 ? -11.618 -9.236  -0.160  1.00 10.66 ? 84  ALA A O   1 
ATOM   665  C CB  . ALA A 1 106 ? -10.176 -11.705 1.211   1.00 11.16 ? 84  ALA A CB  1 
ATOM   666  N N   . ALA A 1 107 ? -9.932  -9.798  -1.550  1.00 10.40 ? 85  ALA A N   1 
ATOM   667  C CA  . ALA A 1 107 ? -9.756  -8.474  -2.111  1.00 10.38 ? 85  ALA A CA  1 
ATOM   668  C C   . ALA A 1 107 ? -10.896 -8.168  -3.064  1.00 10.45 ? 85  ALA A C   1 
ATOM   669  O O   . ALA A 1 107 ? -11.108 -7.008  -3.411  1.00 10.52 ? 85  ALA A O   1 
ATOM   670  C CB  . ALA A 1 107 ? -8.406  -8.371  -2.806  1.00 9.58  ? 85  ALA A CB  1 
ATOM   671  N N   . ALA A 1 108 ? -11.631 -9.220  -3.491  1.00 10.70 ? 86  ALA A N   1 
ATOM   672  C CA  . ALA A 1 108 ? -12.761 -9.067  -4.354  1.00 10.85 ? 86  ALA A CA  1 
ATOM   673  C C   . ALA A 1 108 ? -13.969 -8.581  -3.585  1.00 11.99 ? 86  ALA A C   1 
ATOM   674  O O   . ALA A 1 108 ? -14.956 -8.272  -4.220  1.00 12.70 ? 86  ALA A O   1 
ATOM   675  C CB  . ALA A 1 108 ? -13.065 -10.363 -5.197  1.00 11.44 ? 86  ALA A CB  1 
ATOM   676  N N   . ALA A 1 109 ? -13.901 -8.479  -2.242  1.00 11.52 ? 87  ALA A N   1 
ATOM   677  C CA  . ALA A 1 109 ? -14.949 -7.887  -1.416  1.00 11.10 ? 87  ALA A CA  1 
ATOM   678  C C   . ALA A 1 109 ? -15.141 -6.367  -1.588  1.00 10.65 ? 87  ALA A C   1 
ATOM   679  O O   . ALA A 1 109 ? -16.176 -5.808  -1.200  1.00 10.97 ? 87  ALA A O   1 
ATOM   680  C CB  . ALA A 1 109 ? -14.720 -8.243  0.088   1.00 11.02 ? 87  ALA A CB  1 
ATOM   681  N N   . PHE A 1 110 ? -14.160 -5.682  -2.146  1.00 10.05 ? 88  PHE A N   1 
ATOM   682  C CA  . PHE A 1 110 ? -14.180 -4.246  -2.227  1.00 9.68  ? 88  PHE A CA  1 
ATOM   683  C C   . PHE A 1 110 ? -13.556 -3.784  -3.547  1.00 9.19  ? 88  PHE A C   1 
ATOM   684  O O   . PHE A 1 110 ? -12.940 -4.574  -4.254  1.00 8.17  ? 88  PHE A O   1 
ATOM   685  C CB  . PHE A 1 110 ? -13.440 -3.607  -1.034  1.00 10.22 ? 88  PHE A CB  1 
ATOM   686  C CG  . PHE A 1 110 ? -12.004 -4.046  -0.903  1.00 9.30  ? 88  PHE A CG  1 
ATOM   687  C CD1 . PHE A 1 110 ? -10.975 -3.368  -1.587  1.00 11.28 ? 88  PHE A CD1 1 
ATOM   688  C CD2 . PHE A 1 110 ? -11.677 -5.158  -0.112  1.00 10.48 ? 88  PHE A CD2 1 
ATOM   689  C CE1 . PHE A 1 110 ? -9.657  -3.779  -1.469  1.00 12.52 ? 88  PHE A CE1 1 
ATOM   690  C CE2 . PHE A 1 110 ? -10.369 -5.563  -0.016  1.00 11.29 ? 88  PHE A CE2 1 
ATOM   691  C CZ  . PHE A 1 110 ? -9.378  -4.905  -0.679  1.00 9.06  ? 88  PHE A CZ  1 
ATOM   692  N N   . ARG A 1 111 ? -13.716 -2.501  -3.870  1.00 9.02  ? 89  ARG A N   1 
ATOM   693  C CA  . ARG A 1 111 ? -13.112 -1.893  -5.066  1.00 10.76 ? 89  ARG A CA  1 
ATOM   694  C C   . ARG A 1 111 ? -12.488 -0.580  -4.604  1.00 10.57 ? 89  ARG A C   1 
ATOM   695  O O   . ARG A 1 111 ? -13.171 0.265   -3.973  1.00 11.05 ? 89  ARG A O   1 
ATOM   696  C CB  . ARG A 1 111 ? -14.116 -1.633  -6.212  1.00 12.15 ? 89  ARG A CB  1 
ATOM   697  C CG  . ARG A 1 111 ? -14.305 -2.817  -7.167  1.00 15.28 ? 89  ARG A CG  1 
ATOM   698  C CD  . ARG A 1 111 ? -14.930 -2.452  -8.500  1.00 15.40 ? 89  ARG A CD  1 
ATOM   699  N NE  . ARG A 1 111 ? -14.313 -1.269  -9.121  1.00 17.29 ? 89  ARG A NE  1 
ATOM   700  C CZ  . ARG A 1 111 ? -13.423 -1.266  -10.122 1.00 17.94 ? 89  ARG A CZ  1 
ATOM   701  N NH1 . ARG A 1 111 ? -12.959 -2.397  -10.662 1.00 18.37 ? 89  ARG A NH1 1 
ATOM   702  N NH2 . ARG A 1 111 ? -12.958 -0.080  -10.565 1.00 22.33 ? 89  ARG A NH2 1 
ATOM   703  N N   . VAL A 1 112 ? -11.210 -0.415  -4.899  1.00 9.14  ? 90  VAL A N   1 
ATOM   704  C CA  . VAL A 1 112 ? -10.560 0.867   -4.734  1.00 10.14 ? 90  VAL A CA  1 
ATOM   705  C C   . VAL A 1 112 ? -11.010 1.718   -5.899  1.00 10.48 ? 90  VAL A C   1 
ATOM   706  O O   . VAL A 1 112 ? -10.957 1.264   -7.063  1.00 12.05 ? 90  VAL A O   1 
ATOM   707  C CB  . VAL A 1 112 ? -9.026  0.791   -4.721  1.00 9.75  ? 90  VAL A CB  1 
ATOM   708  C CG1 . VAL A 1 112 ? -8.427  2.187   -4.332  1.00 10.27 ? 90  VAL A CG1 1 
ATOM   709  C CG2 . VAL A 1 112 ? -8.529  -0.292  -3.724  1.00 9.48  ? 90  VAL A CG2 1 
ATOM   710  N N   . GLU A 1 113 ? -11.471 2.920   -5.585  1.00 10.99 ? 91  GLU A N   1 
ATOM   711  C CA  . GLU A 1 113 ? -12.027 3.827   -6.604  1.00 11.59 ? 91  GLU A CA  1 
ATOM   712  C C   . GLU A 1 113 ? -11.245 5.154   -6.703  1.00 11.30 ? 91  GLU A C   1 
ATOM   713  O O   . GLU A 1 113 ? -10.321 5.391   -5.933  1.00 10.49 ? 91  GLU A O   1 
ATOM   714  C CB  . GLU A 1 113 ? -13.509 4.046   -6.354  1.00 11.80 ? 91  GLU A CB  1 
ATOM   715  C CG  . GLU A 1 113 ? -14.377 2.710   -6.439  1.00 12.34 ? 91  GLU A CG  1 
ATOM   716  C CD  . GLU A 1 113 ? -14.546 2.083   -7.859  1.00 15.95 ? 91  GLU A CD  1 
ATOM   717  O OE1 . GLU A 1 113 ? -13.858 2.495   -8.815  1.00 19.14 ? 91  GLU A OE1 1 
ATOM   718  O OE2 . GLU A 1 113 ? -15.372 1.146   -8.011  1.00 14.51 ? 91  GLU A OE2 1 
ATOM   719  N N   . ARG A 1 114 ? -11.621 5.993   -7.668  1.00 12.42 ? 92  ARG A N   1 
ATOM   720  C CA  . ARG A 1 114 ? -10.950 7.284   -7.892  1.00 12.87 ? 92  ARG A CA  1 
ATOM   721  C C   . ARG A 1 114 ? -11.091 8.201   -6.669  1.00 12.79 ? 92  ARG A C   1 
ATOM   722  O O   . ARG A 1 114 ? -10.189 8.986   -6.376  1.00 14.84 ? 92  ARG A O   1 
ATOM   723  C CB  . ARG A 1 114 ? -11.488 7.934   -9.189  1.00 13.87 ? 92  ARG A CB  1 
ATOM   724  C CG  . ARG A 1 114 ? -10.912 9.299   -9.514  1.00 15.39 ? 92  ARG A CG  1 
ATOM   725  C CD  . ARG A 1 114 ? -9.411  9.270   -9.806  1.00 17.22 ? 92  ARG A CD  1 
ATOM   726  N NE  . ARG A 1 114 ? -9.095  8.355   -10.901 1.00 18.05 ? 92  ARG A NE  1 
ATOM   727  C CZ  . ARG A 1 114 ? -9.214  8.631   -12.203 1.00 21.17 ? 92  ARG A CZ  1 
ATOM   728  N NH1 . ARG A 1 114 ? -9.568  9.845   -12.625 1.00 20.16 ? 92  ARG A NH1 1 
ATOM   729  N NH2 . ARG A 1 114 ? -8.936  7.697   -13.105 1.00 19.74 ? 92  ARG A NH2 1 
ATOM   730  N N   . THR A 1 115 ? -12.160 8.046   -5.889  1.00 12.54 ? 93  THR A N   1 
ATOM   731  C CA  . THR A 1 115 ? -12.286 8.775   -4.619  1.00 12.65 ? 93  THR A CA  1 
ATOM   732  C C   . THR A 1 115 ? -11.213 8.418   -3.569  1.00 12.00 ? 93  THR A C   1 
ATOM   733  O O   . THR A 1 115 ? -11.005 9.179   -2.671  1.00 12.37 ? 93  THR A O   1 
ATOM   734  C CB  . THR A 1 115 ? -13.696 8.605   -3.983  1.00 13.04 ? 93  THR A CB  1 
ATOM   735  O OG1 . THR A 1 115 ? -14.010 7.223   -3.890  1.00 16.21 ? 93  THR A OG1 1 
ATOM   736  C CG2 . THR A 1 115 ? -14.776 9.277   -4.829  1.00 14.36 ? 93  THR A CG2 1 
ATOM   737  N N   . ASP A 1 116 ? -10.557 7.259   -3.714  1.00 10.99 ? 94  ASP A N   1 
ATOM   738  C CA  . ASP A 1 116 ? -9.444  6.784   -2.875  1.00 10.65 ? 94  ASP A CA  1 
ATOM   739  C C   . ASP A 1 116 ? -8.011  7.236   -3.348  1.00 10.11 ? 94  ASP A C   1 
ATOM   740  O O   . ASP A 1 116 ? -7.008  6.996   -2.643  1.00 10.69 ? 94  ASP A O   1 
ATOM   741  C CB  . ASP A 1 116 ? -9.480  5.246   -2.841  1.00 9.85  ? 94  ASP A CB  1 
ATOM   742  C CG  . ASP A 1 116 ? -10.793 4.738   -2.315  1.00 11.20 ? 94  ASP A CG  1 
ATOM   743  O OD1 . ASP A 1 116 ? -11.282 5.330   -1.345  1.00 9.80  ? 94  ASP A OD1 1 
ATOM   744  O OD2 . ASP A 1 116 ? -11.368 3.815   -2.896  1.00 12.79 ? 94  ASP A OD2 1 
ATOM   745  N N   . TYR A 1 117 ? -7.965  7.881   -4.525  1.00 10.35 ? 95  TYR A N   1 
ATOM   746  C CA  . TYR A 1 117 ? -6.729  8.340   -5.166  1.00 10.05 ? 95  TYR A CA  1 
ATOM   747  C C   . TYR A 1 117 ? -6.062  9.397   -4.273  1.00 10.86 ? 95  TYR A C   1 
ATOM   748  O O   . TYR A 1 117 ? -6.737  10.288  -3.762  1.00 11.68 ? 95  TYR A O   1 
ATOM   749  C CB  . TYR A 1 117 ? -7.004  8.960   -6.520  1.00 10.48 ? 95  TYR A CB  1 
ATOM   750  C CG  . TYR A 1 117 ? -5.807  9.663   -7.121  1.00 9.39  ? 95  TYR A CG  1 
ATOM   751  C CD1 . TYR A 1 117 ? -4.788  8.959   -7.714  1.00 10.29 ? 95  TYR A CD1 1 
ATOM   752  C CD2 . TYR A 1 117 ? -5.675  11.079  -7.065  1.00 11.54 ? 95  TYR A CD2 1 
ATOM   753  C CE1 . TYR A 1 117 ? -3.650  9.633   -8.247  1.00 10.29 ? 95  TYR A CE1 1 
ATOM   754  C CE2 . TYR A 1 117 ? -4.584  11.746  -7.620  1.00 12.24 ? 95  TYR A CE2 1 
ATOM   755  C CZ  . TYR A 1 117 ? -3.559  11.022  -8.183  1.00 10.38 ? 95  TYR A CZ  1 
ATOM   756  O OH  . TYR A 1 117 ? -2.456  11.656  -8.742  1.00 10.87 ? 95  TYR A OH  1 
ATOM   757  N N   . ARG A 1 118 ? -4.766  9.285   -4.078  1.00 10.68 ? 96  ARG A N   1 
ATOM   758  C CA  . ARG A 1 118 ? -4.050  10.251  -3.266  1.00 11.69 ? 96  ARG A CA  1 
ATOM   759  C C   . ARG A 1 118 ? -2.943  11.009  -4.056  1.00 12.10 ? 96  ARG A C   1 
ATOM   760  O O   . ARG A 1 118 ? -2.810  12.214  -3.888  1.00 11.89 ? 96  ARG A O   1 
ATOM   761  C CB  . ARG A 1 118 ? -3.448  9.581   -2.009  1.00 13.33 ? 96  ARG A CB  1 
ATOM   762  C CG  . ARG A 1 118 ? -4.428  8.988   -0.949  1.00 15.85 ? 96  ARG A CG  1 
ATOM   763  C CD  . ARG A 1 118 ? -5.570  9.941   -0.541  1.00 20.88 ? 96  ARG A CD  1 
ATOM   764  N NE  . ARG A 1 118 ? -6.134  9.649   0.790   1.00 24.99 ? 96  ARG A NE  1 
ATOM   765  C CZ  . ARG A 1 118 ? -7.110  8.770   1.100   1.00 27.04 ? 96  ARG A CZ  1 
ATOM   766  N NH1 . ARG A 1 118 ? -7.726  8.037   0.171   1.00 27.25 ? 96  ARG A NH1 1 
ATOM   767  N NH2 . ARG A 1 118 ? -7.459  8.594   2.397   1.00 26.28 ? 96  ARG A NH2 1 
ATOM   768  N N   . SER A 1 119 ? -2.178  10.338  -4.924  1.00 11.27 ? 97  SER A N   1 
ATOM   769  C CA  . SER A 1 119 ? -1.006  10.983  -5.499  1.00 12.10 ? 97  SER A CA  1 
ATOM   770  C C   . SER A 1 119 ? -0.451  10.228  -6.643  1.00 12.29 ? 97  SER A C   1 
ATOM   771  O O   . SER A 1 119 ? -0.650  9.001   -6.746  1.00 10.67 ? 97  SER A O   1 
ATOM   772  C CB  . SER A 1 119 ? 0.119   11.145  -4.477  1.00 12.04 ? 97  SER A CB  1 
ATOM   773  O OG  . SER A 1 119 ? 0.545   9.933   -3.888  1.00 13.12 ? 97  SER A OG  1 
ATOM   774  N N   . SER A 1 120 ? 0.350   10.961  -7.413  1.00 12.55 ? 98  SER A N   1 
ATOM   775  C CA  . SER A 1 120 ? 1.137   10.404  -8.485  1.00 13.53 ? 98  SER A CA  1 
ATOM   776  C C   . SER A 1 120 ? 2.559   10.943  -8.427  1.00 13.85 ? 98  SER A C   1 
ATOM   777  O O   . SER A 1 120 ? 2.744   12.138  -8.181  1.00 12.45 ? 98  SER A O   1 
ATOM   778  C CB  . SER A 1 120 ? 0.513   10.734  -9.843  1.00 14.31 ? 98  SER A CB  1 
ATOM   779  O OG  . SER A 1 120 ? -0.834  10.289  -9.966  1.00 12.68 ? 98  SER A OG  1 
ATOM   780  N N   . HIS A 1 121 ? 3.543   10.066  -8.654  1.00 13.98 ? 99  HIS A N   1 
ATOM   781  C CA  . HIS A 1 121 ? 4.975   10.456  -8.677  1.00 16.19 ? 99  HIS A CA  1 
ATOM   782  C C   . HIS A 1 121 ? 5.748   9.824   -9.828  1.00 16.86 ? 99  HIS A C   1 
ATOM   783  O O   . HIS A 1 121 ? 5.475   8.680   -10.228 1.00 15.77 ? 99  HIS A O   1 
ATOM   784  C CB  . HIS A 1 121 ? 5.712   10.113  -7.383  1.00 16.95 ? 99  HIS A CB  1 
ATOM   785  C CG  . HIS A 1 121 ? 5.178   10.804  -6.168  1.00 20.86 ? 99  HIS A CG  1 
ATOM   786  N ND1 . HIS A 1 121 ? 5.678   12.010  -5.709  1.00 25.86 ? 99  HIS A ND1 1 
ATOM   787  C CD2 . HIS A 1 121 ? 4.174   10.471  -5.322  1.00 22.34 ? 99  HIS A CD2 1 
ATOM   788  C CE1 . HIS A 1 121 ? 5.016   12.371  -4.625  1.00 22.12 ? 99  HIS A CE1 1 
ATOM   789  N NE2 . HIS A 1 121 ? 4.095   11.454  -4.367  1.00 25.91 ? 99  HIS A NE2 1 
ATOM   790  N N   . VAL A 1 122 ? 6.729   10.572  -10.345 1.00 17.23 ? 100 VAL A N   1 
ATOM   791  C CA  . VAL A 1 122 ? 7.692   10.045  -11.324 1.00 19.19 ? 100 VAL A CA  1 
ATOM   792  C C   . VAL A 1 122 ? 9.092   10.194  -10.730 1.00 20.23 ? 100 VAL A C   1 
ATOM   793  O O   . VAL A 1 122 ? 9.491   11.292  -10.323 1.00 20.50 ? 100 VAL A O   1 
ATOM   794  C CB  . VAL A 1 122 ? 7.616   10.783  -12.696 1.00 19.51 ? 100 VAL A CB  1 
ATOM   795  C CG1 . VAL A 1 122 ? 8.648   10.265  -13.642 1.00 19.56 ? 100 VAL A CG1 1 
ATOM   796  C CG2 . VAL A 1 122 ? 6.246   10.623  -13.340 1.00 19.13 ? 100 VAL A CG2 1 
ATOM   797  N N   . GLY A 1 123 ? 9.819   9.090   -10.676 1.00 22.25 ? 101 GLY A N   1 
ATOM   798  C CA  . GLY A 1 123 ? 11.224  9.102   -10.295 1.00 23.91 ? 101 GLY A CA  1 
ATOM   799  C C   . GLY A 1 123 ? 12.146  9.232   -11.510 1.00 25.74 ? 101 GLY A C   1 
ATOM   800  O O   . GLY A 1 123 ? 11.708  9.356   -12.633 1.00 25.68 ? 101 GLY A O   1 
ATOM   801  N N   . SER A 1 124 ? 13.448  9.185   -11.275 1.00 27.39 ? 102 SER A N   1 
ATOM   802  C CA  . SER A 1 124 ? 14.402  9.235   -12.372 1.00 27.54 ? 102 SER A CA  1 
ATOM   803  C C   . SER A 1 124 ? 14.502  7.841   -12.984 1.00 28.13 ? 102 SER A C   1 
ATOM   804  O O   . SER A 1 124 ? 14.116  6.846   -12.359 1.00 29.06 ? 102 SER A O   1 
ATOM   805  C CB  . SER A 1 124 ? 15.775  9.723   -11.866 1.00 28.80 ? 102 SER A CB  1 
ATOM   806  O OG  . SER A 1 124 ? 15.747  11.129  -11.566 1.00 30.19 ? 102 SER A OG  1 
ATOM   807  N N   . GLY A 1 125 ? 14.957  7.761   -14.228 1.00 27.33 ? 103 GLY A N   1 
ATOM   808  C CA  . GLY A 1 125 ? 15.196  6.455   -14.839 1.00 26.60 ? 103 GLY A CA  1 
ATOM   809  C C   . GLY A 1 125 ? 14.055  5.971   -15.690 1.00 26.20 ? 103 GLY A C   1 
ATOM   810  O O   . GLY A 1 125 ? 13.591  6.705   -16.559 1.00 26.19 ? 103 GLY A O   1 
ATOM   811  N N   . PRO A 1 126 ? 13.576  4.728   -15.450 1.00 25.75 ? 104 PRO A N   1 
ATOM   812  C CA  . PRO A 1 126 ? 12.507  4.196   -16.290 1.00 24.87 ? 104 PRO A CA  1 
ATOM   813  C C   . PRO A 1 126 ? 11.292  5.130   -16.370 1.00 23.75 ? 104 PRO A C   1 
ATOM   814  O O   . PRO A 1 126 ? 11.031  5.905   -15.441 1.00 23.15 ? 104 PRO A O   1 
ATOM   815  C CB  . PRO A 1 126 ? 12.152  2.844   -15.632 1.00 25.72 ? 104 PRO A CB  1 
ATOM   816  C CG  . PRO A 1 126 ? 13.316  2.481   -14.788 1.00 25.60 ? 104 PRO A CG  1 
ATOM   817  C CD  . PRO A 1 126 ? 14.021  3.766   -14.419 1.00 26.45 ? 104 PRO A CD  1 
ATOM   818  N N   . ARG A 1 127 ? 10.619  5.082   -17.515 1.00 22.28 ? 105 ARG A N   1 
ATOM   819  C CA  . ARG A 1 127 ? 9.329   5.719   -17.724 1.00 21.90 ? 105 ARG A CA  1 
ATOM   820  C C   . ARG A 1 127 ? 8.187   4.973   -17.016 1.00 21.08 ? 105 ARG A C   1 
ATOM   821  O O   . ARG A 1 127 ? 7.505   4.120   -17.614 1.00 21.53 ? 105 ARG A O   1 
ATOM   822  C CB  . ARG A 1 127 ? 8.975   5.745   -19.195 1.00 21.88 ? 105 ARG A CB  1 
ATOM   823  C CG  . ARG A 1 127 ? 9.895   6.572   -19.972 1.00 22.46 ? 105 ARG A CG  1 
ATOM   824  C CD  . ARG A 1 127 ? 9.427   6.643   -21.405 1.00 23.60 ? 105 ARG A CD  1 
ATOM   825  N NE  . ARG A 1 127 ? 9.681   5.419   -22.159 1.00 23.00 ? 105 ARG A NE  1 
ATOM   826  C CZ  . ARG A 1 127 ? 9.673   5.372   -23.497 1.00 25.79 ? 105 ARG A CZ  1 
ATOM   827  N NH1 . ARG A 1 127 ? 9.443   6.462   -24.214 1.00 23.58 ? 105 ARG A NH1 1 
ATOM   828  N NH2 . ARG A 1 127 ? 9.890   4.239   -24.134 1.00 28.74 ? 105 ARG A NH2 1 
ATOM   829  N N   . VAL A 1 128 ? 8.002   5.329   -15.759 1.00 19.76 ? 106 VAL A N   1 
ATOM   830  C CA  . VAL A 1 128 ? 6.998   4.758   -14.893 1.00 18.80 ? 106 VAL A CA  1 
ATOM   831  C C   . VAL A 1 128 ? 6.437   5.913   -14.043 1.00 18.44 ? 106 VAL A C   1 
ATOM   832  O O   . VAL A 1 128 ? 7.199   6.731   -13.482 1.00 18.77 ? 106 VAL A O   1 
ATOM   833  C CB  . VAL A 1 128 ? 7.602   3.680   -13.944 1.00 18.95 ? 106 VAL A CB  1 
ATOM   834  C CG1 . VAL A 1 128 ? 6.543   3.273   -12.861 1.00 17.97 ? 106 VAL A CG1 1 
ATOM   835  C CG2 . VAL A 1 128 ? 8.176   2.464   -14.716 1.00 18.27 ? 106 VAL A CG2 1 
ATOM   836  N N   . VAL A 1 129 ? 5.107   6.006   -13.980 1.00 17.16 ? 107 VAL A N   1 
ATOM   837  C CA  . VAL A 1 129 ? 4.465   6.886   -13.040 1.00 16.44 ? 107 VAL A CA  1 
ATOM   838  C C   . VAL A 1 129 ? 3.753   5.987   -12.042 1.00 15.77 ? 107 VAL A C   1 
ATOM   839  O O   . VAL A 1 129 ? 3.167   4.957   -12.442 1.00 14.77 ? 107 VAL A O   1 
ATOM   840  C CB  . VAL A 1 129 ? 3.534   7.896   -13.705 1.00 16.94 ? 107 VAL A CB  1 
ATOM   841  C CG1 . VAL A 1 129 ? 2.678   7.229   -14.766 1.00 20.43 ? 107 VAL A CG1 1 
ATOM   842  C CG2 . VAL A 1 129 ? 2.700   8.684   -12.628 1.00 16.22 ? 107 VAL A CG2 1 
ATOM   843  N N   . ALA A 1 130 ? 3.897   6.325   -10.755 1.00 13.52 ? 108 ALA A N   1 
ATOM   844  C CA  . ALA A 1 130 ? 3.373   5.479   -9.645  1.00 12.86 ? 108 ALA A CA  1 
ATOM   845  C C   . ALA A 1 130 ? 2.219   6.216   -8.994  1.00 12.06 ? 108 ALA A C   1 
ATOM   846  O O   . ALA A 1 130 ? 2.376   7.325   -8.492  1.00 11.70 ? 108 ALA A O   1 
ATOM   847  C CB  . ALA A 1 130 ? 4.405   5.198   -8.672  1.00 12.26 ? 108 ALA A CB  1 
ATOM   848  N N   . HIS A 1 131 ? 1.039   5.628   -9.075  1.00 11.33 ? 109 HIS A N   1 
ATOM   849  C CA  . HIS A 1 131 ? -0.159  6.218   -8.490  1.00 11.09 ? 109 HIS A CA  1 
ATOM   850  C C   . HIS A 1 131 ? -0.450  5.558   -7.153  1.00 10.71 ? 109 HIS A C   1 
ATOM   851  O O   . HIS A 1 131 ? -0.252  4.338   -7.022  1.00 9.95  ? 109 HIS A O   1 
ATOM   852  C CB  . HIS A 1 131 ? -1.357  6.034   -9.419  1.00 11.03 ? 109 HIS A CB  1 
ATOM   853  C CG  . HIS A 1 131 ? -1.122  6.536   -10.807 1.00 13.46 ? 109 HIS A CG  1 
ATOM   854  N ND1 . HIS A 1 131 ? -1.180  7.875   -11.133 1.00 13.90 ? 109 HIS A ND1 1 
ATOM   855  C CD2 . HIS A 1 131 ? -0.820  5.882   -11.950 1.00 15.36 ? 109 HIS A CD2 1 
ATOM   856  C CE1 . HIS A 1 131 ? -0.939  8.014   -12.420 1.00 13.37 ? 109 HIS A CE1 1 
ATOM   857  N NE2 . HIS A 1 131 ? -0.694  6.825   -12.936 1.00 14.34 ? 109 HIS A NE2 1 
ATOM   858  N N   . PHE A 1 132 ? -0.858  6.354   -6.159  1.00 10.07 ? 110 PHE A N   1 
ATOM   859  C CA  . PHE A 1 132 ? -1.051  5.859   -4.793  1.00 9.81  ? 110 PHE A CA  1 
ATOM   860  C C   . PHE A 1 132 ? -2.477  6.127   -4.354  1.00 10.31 ? 110 PHE A C   1 
ATOM   861  O O   . PHE A 1 132 ? -2.972  7.230   -4.540  1.00 10.74 ? 110 PHE A O   1 
ATOM   862  C CB  . PHE A 1 132 ? -0.109  6.535   -3.809  1.00 10.77 ? 110 PHE A CB  1 
ATOM   863  C CG  . PHE A 1 132 ? -0.099  5.910   -2.456  1.00 11.61 ? 110 PHE A CG  1 
ATOM   864  C CD1 . PHE A 1 132 ? 0.315   4.584   -2.307  1.00 12.64 ? 110 PHE A CD1 1 
ATOM   865  C CD2 . PHE A 1 132 ? -0.533  6.598   -1.343  1.00 13.17 ? 110 PHE A CD2 1 
ATOM   866  C CE1 . PHE A 1 132 ? 0.321   3.976   -1.057  1.00 14.96 ? 110 PHE A CE1 1 
ATOM   867  C CE2 . PHE A 1 132 ? -0.533  5.961   -0.075  1.00 15.33 ? 110 PHE A CE2 1 
ATOM   868  C CZ  . PHE A 1 132 ? -0.111  4.640   0.025   1.00 12.70 ? 110 PHE A CZ  1 
ATOM   869  N N   . TYR A 1 133 ? -3.070  5.128   -3.695  1.00 8.51  ? 111 TYR A N   1 
ATOM   870  C CA  . TYR A 1 133 ? -4.438  5.156   -3.202  1.00 8.39  ? 111 TYR A CA  1 
ATOM   871  C C   . TYR A 1 133 ? -4.468  4.682   -1.736  1.00 8.23  ? 111 TYR A C   1 
ATOM   872  O O   . TYR A 1 133 ? -3.601  3.869   -1.303  1.00 8.66  ? 111 TYR A O   1 
ATOM   873  C CB  . TYR A 1 133 ? -5.316  4.182   -4.024  1.00 7.62  ? 111 TYR A CB  1 
ATOM   874  C CG  . TYR A 1 133 ? -5.490  4.482   -5.478  1.00 10.21 ? 111 TYR A CG  1 
ATOM   875  C CD1 . TYR A 1 133 ? -6.714  4.937   -5.984  1.00 10.61 ? 111 TYR A CD1 1 
ATOM   876  C CD2 . TYR A 1 133 ? -4.439  4.348   -6.369  1.00 6.80  ? 111 TYR A CD2 1 
ATOM   877  C CE1 . TYR A 1 133 ? -6.868  5.188   -7.336  1.00 9.67  ? 111 TYR A CE1 1 
ATOM   878  C CE2 . TYR A 1 133 ? -4.599  4.603   -7.733  1.00 11.06 ? 111 TYR A CE2 1 
ATOM   879  C CZ  . TYR A 1 133 ? -5.800  5.029   -8.192  1.00 8.94  ? 111 TYR A CZ  1 
ATOM   880  O OH  . TYR A 1 133 ? -5.927  5.285   -9.531  1.00 10.77 ? 111 TYR A OH  1 
ATOM   881  N N   . ALA A 1 134 ? -5.485  5.122   -1.003  1.00 8.96  ? 112 ALA A N   1 
ATOM   882  C CA  . ALA A 1 134 ? -5.745  4.611   0.309   1.00 8.95  ? 112 ALA A CA  1 
ATOM   883  C C   . ALA A 1 134 ? -7.202  4.244   0.430   1.00 9.44  ? 112 ALA A C   1 
ATOM   884  O O   . ALA A 1 134 ? -8.082  5.053   0.122   1.00 9.48  ? 112 ALA A O   1 
ATOM   885  C CB  . ALA A 1 134 ? -5.361  5.585   1.352   1.00 8.00  ? 112 ALA A CB  1 
ATOM   886  N N   . LYS A 1 135 ? -7.460  3.040   0.933   1.00 9.70  ? 113 LYS A N   1 
ATOM   887  C CA  . LYS A 1 135 ? -8.816  2.492   0.930   1.00 10.15 ? 113 LYS A CA  1 
ATOM   888  C C   . LYS A 1 135 ? -9.124  2.005   2.351   1.00 9.86  ? 113 LYS A C   1 
ATOM   889  O O   . LYS A 1 135 ? -8.414  1.147   2.938   1.00 9.07  ? 113 LYS A O   1 
ATOM   890  C CB  . LYS A 1 135 ? -8.964  1.382   -0.105  1.00 10.68 ? 113 LYS A CB  1 
ATOM   891  C CG  . LYS A 1 135 ? -10.220 0.494   -0.028  1.00 10.92 ? 113 LYS A CG  1 
ATOM   892  C CD  . LYS A 1 135 ? -11.490 1.204   -0.369  1.00 12.43 ? 113 LYS A CD  1 
ATOM   893  C CE  . LYS A 1 135 ? -12.616 0.180   -0.397  1.00 13.32 ? 113 LYS A CE  1 
ATOM   894  N NZ  . LYS A 1 135 ? -13.880 0.887   -0.667  1.00 14.58 ? 113 LYS A NZ  1 
ATOM   895  N N   . ARG A 1 136 ? -10.185 2.593   2.891   1.00 10.69 ? 114 ARG A N   1 
ATOM   896  C CA  . ARG A 1 136 ? -10.772 2.163   4.123   1.00 10.29 ? 114 ARG A CA  1 
ATOM   897  C C   . ARG A 1 136 ? -11.582 0.853   3.979   1.00 9.57  ? 114 ARG A C   1 
ATOM   898  O O   . ARG A 1 136 ? -12.508 0.734   3.162   1.00 8.79  ? 114 ARG A O   1 
ATOM   899  C CB  . ARG A 1 136 ? -11.668 3.226   4.670   1.00 10.81 ? 114 ARG A CB  1 
ATOM   900  C CG  . ARG A 1 136 ? -12.142 2.953   6.100   1.00 12.54 ? 114 ARG A CG  1 
ATOM   901  C CD  . ARG A 1 136 ? -13.038 4.078   6.518   1.00 12.64 ? 114 ARG A CD  1 
ATOM   902  N NE  . ARG A 1 136 ? -13.729 3.846   7.785   1.00 13.80 ? 114 ARG A NE  1 
ATOM   903  C CZ  . ARG A 1 136 ? -14.570 4.743   8.312   1.00 14.84 ? 114 ARG A CZ  1 
ATOM   904  N NH1 . ARG A 1 136 ? -14.820 5.869   7.680   1.00 13.10 ? 114 ARG A NH1 1 
ATOM   905  N NH2 . ARG A 1 136 ? -15.185 4.492   9.450   1.00 15.73 ? 114 ARG A NH2 1 
ATOM   906  N N   . LEU A 1 137 ? -11.221 -0.093  4.826   1.00 9.06  ? 115 LEU A N   1 
ATOM   907  C CA  . LEU A 1 137 ? -11.914 -1.354  5.023   1.00 9.46  ? 115 LEU A CA  1 
ATOM   908  C C   . LEU A 1 137 ? -12.523 -1.424  6.427   1.00 10.10 ? 115 LEU A C   1 
ATOM   909  O O   . LEU A 1 137 ? -12.143 -0.634  7.312   1.00 10.53 ? 115 LEU A O   1 
ATOM   910  C CB  . LEU A 1 137 ? -10.931 -2.531  4.814   1.00 9.45  ? 115 LEU A CB  1 
ATOM   911  C CG  . LEU A 1 137 ? -10.161 -2.619  3.511   1.00 6.36  ? 115 LEU A CG  1 
ATOM   912  C CD1 . LEU A 1 137 ? -9.359  -3.933  3.366   1.00 12.03 ? 115 LEU A CD1 1 
ATOM   913  C CD2 . LEU A 1 137 ? -11.160 -2.486  2.343   1.00 11.52 ? 115 LEU A CD2 1 
ATOM   914  N N   . THR A 1 138 ? -13.451 -2.379  6.630   1.00 10.67 ? 116 THR A N   1 
ATOM   915  C CA  . THR A 1 138 ? -13.811 -2.802  7.989   1.00 9.93  ? 116 THR A CA  1 
ATOM   916  C C   . THR A 1 138 ? -12.659 -3.728  8.487   1.00 10.15 ? 116 THR A C   1 
ATOM   917  O O   . THR A 1 138 ? -11.909 -4.283  7.684   1.00 8.37  ? 116 THR A O   1 
ATOM   918  C CB  . THR A 1 138 ? -15.152 -3.557  8.017   1.00 9.85  ? 116 THR A CB  1 
ATOM   919  O OG1 . THR A 1 138 ? -15.005 -4.846  7.401   1.00 8.31  ? 116 THR A OG1 1 
ATOM   920  C CG2 . THR A 1 138 ? -16.248 -2.768  7.286   1.00 10.66 ? 116 THR A CG2 1 
ATOM   921  N N   . LEU A 1 139 ? -12.545 -3.872  9.806   1.00 11.18 ? 117 LEU A N   1 
ATOM   922  C CA  . LEU A 1 139 ? -11.514 -4.689  10.372  1.00 11.04 ? 117 LEU A CA  1 
ATOM   923  C C   . LEU A 1 139 ? -11.753 -6.138  9.937   1.00 10.94 ? 117 LEU A C   1 
ATOM   924  O O   . LEU A 1 139 ? -10.820 -6.831  9.603   1.00 10.06 ? 117 LEU A O   1 
ATOM   925  C CB  . LEU A 1 139 ? -11.506 -4.560  11.878  1.00 11.29 ? 117 LEU A CB  1 
ATOM   926  C CG  . LEU A 1 139 ? -10.307 -5.204  12.578  1.00 12.13 ? 117 LEU A CG  1 
ATOM   927  C CD1 . LEU A 1 139 ? -8.914  -4.637  11.962  1.00 10.08 ? 117 LEU A CD1 1 
ATOM   928  C CD2 . LEU A 1 139 ? -10.385 -4.935  14.102  1.00 12.75 ? 117 LEU A CD2 1 
ATOM   929  N N   . GLU A 1 140 ? -12.996 -6.560  9.864   1.00 11.46 ? 118 GLU A N   1 
ATOM   930  C CA  . GLU A 1 140 ? -13.340 -7.896  9.331   1.00 12.53 ? 118 GLU A CA  1 
ATOM   931  C C   . GLU A 1 140 ? -12.888 -8.136  7.829   1.00 10.47 ? 118 GLU A C   1 
ATOM   932  O O   . GLU A 1 140 ? -12.327 -9.184  7.464   1.00 9.72  ? 118 GLU A O   1 
ATOM   933  C CB  . GLU A 1 140 ? -14.846 -8.190  9.584   1.00 14.16 ? 118 GLU A CB  1 
ATOM   934  C CG  . GLU A 1 140 ? -15.120 -8.722  11.005  1.00 21.47 ? 118 GLU A CG  1 
ATOM   935  C CD  . GLU A 1 140 ? -14.615 -10.227 11.174  1.00 31.80 ? 118 GLU A CD  1 
ATOM   936  O OE1 . GLU A 1 140 ? -13.419 -10.512 11.526  1.00 35.91 ? 118 GLU A OE1 1 
ATOM   937  O OE2 . GLU A 1 140 ? -15.441 -11.140 10.904  1.00 41.37 ? 118 GLU A OE2 1 
ATOM   938  N N   . GLU A 1 141 ? -13.079 -7.139  6.993   1.00 9.61  ? 119 GLU A N   1 
ATOM   939  C CA  . GLU A 1 141 ? -12.555 -7.189  5.639   1.00 9.65  ? 119 GLU A CA  1 
ATOM   940  C C   . GLU A 1 141 ? -11.030 -7.283  5.559   1.00 8.52  ? 119 GLU A C   1 
ATOM   941  O O   . GLU A 1 141 ? -10.507 -8.034  4.742   1.00 8.85  ? 119 GLU A O   1 
ATOM   942  C CB  . GLU A 1 141 ? -13.043 -5.980  4.854   1.00 10.19 ? 119 GLU A CB  1 
ATOM   943  C CG  . GLU A 1 141 ? -14.477 -6.072  4.380   1.00 11.18 ? 119 GLU A CG  1 
ATOM   944  C CD  . GLU A 1 141 ? -14.969 -4.742  3.823   1.00 10.94 ? 119 GLU A CD  1 
ATOM   945  O OE1 . GLU A 1 141 ? -14.327 -3.669  4.036   1.00 10.96 ? 119 GLU A OE1 1 
ATOM   946  O OE2 . GLU A 1 141 ? -15.989 -4.784  3.120   1.00 14.39 ? 119 GLU A OE2 1 
ATOM   947  N N   . LEU A 1 142 ? -10.333 -6.492  6.373   1.00 8.46  ? 120 LEU A N   1 
ATOM   948  C CA  . LEU A 1 142 ? -8.879  -6.480  6.470   1.00 8.74  ? 120 LEU A CA  1 
ATOM   949  C C   . LEU A 1 142 ? -8.342  -7.832  6.950   1.00 8.70  ? 120 LEU A C   1 
ATOM   950  O O   . LEU A 1 142 ? -7.431  -8.391  6.352   1.00 7.98  ? 120 LEU A O   1 
ATOM   951  C CB  . LEU A 1 142 ? -8.433  -5.324  7.407   1.00 10.37 ? 120 LEU A CB  1 
ATOM   952  C CG  . LEU A 1 142 ? -6.913  -5.060  7.332   1.00 10.78 ? 120 LEU A CG  1 
ATOM   953  C CD1 . LEU A 1 142 ? -6.599  -3.550  7.374   1.00 11.56 ? 120 LEU A CD1 1 
ATOM   954  C CD2 . LEU A 1 142 ? -6.168  -5.829  8.419   1.00 8.69  ? 120 LEU A CD2 1 
ATOM   955  N N   . LEU A 1 143 ? -8.957  -8.371  8.010   1.00 8.35  ? 121 LEU A N   1 
ATOM   956  C CA  . LEU A 1 143 ? -8.575  -9.687  8.548   1.00 10.07 ? 121 LEU A CA  1 
ATOM   957  C C   . LEU A 1 143 ? -8.781  -10.765 7.474   1.00 8.75  ? 121 LEU A C   1 
ATOM   958  O O   . LEU A 1 143 ? -7.920  -11.647 7.313   1.00 9.95  ? 121 LEU A O   1 
ATOM   959  C CB  . LEU A 1 143 ? -9.394  -10.001 9.808   1.00 11.37 ? 121 LEU A CB  1 
ATOM   960  C CG  . LEU A 1 143 ? -9.022  -9.278  11.102  1.00 16.77 ? 121 LEU A CG  1 
ATOM   961  C CD1 . LEU A 1 143 ? -10.026 -9.608  12.220  1.00 21.03 ? 121 LEU A CD1 1 
ATOM   962  C CD2 . LEU A 1 143 ? -7.579  -9.709  11.454  1.00 17.55 ? 121 LEU A CD2 1 
ATOM   963  N N   . ALA A 1 144 ? -9.865  -10.672 6.696   1.00 9.25  ? 122 ALA A N   1 
ATOM   964  C CA  . ALA A 1 144 ? -10.128 -11.601 5.601   1.00 9.50  ? 122 ALA A CA  1 
ATOM   965  C C   . ALA A 1 144 ? -9.015  -11.579 4.550   1.00 9.87  ? 122 ALA A C   1 
ATOM   966  O O   . ALA A 1 144 ? -8.595  -12.613 4.076   1.00 9.42  ? 122 ALA A O   1 
ATOM   967  C CB  . ALA A 1 144 ? -11.533 -11.335 4.924   1.00 9.30  ? 122 ALA A CB  1 
ATOM   968  N N   . VAL A 1 145 ? -8.598  -10.380 4.149   1.00 9.92  ? 123 VAL A N   1 
ATOM   969  C CA  . VAL A 1 145 ? -7.435  -10.196 3.299   1.00 9.93  ? 123 VAL A CA  1 
ATOM   970  C C   . VAL A 1 145 ? -6.194  -10.853 3.894   1.00 9.80  ? 123 VAL A C   1 
ATOM   971  O O   . VAL A 1 145 ? -5.557  -11.634 3.221   1.00 10.22 ? 123 VAL A O   1 
ATOM   972  C CB  . VAL A 1 145 ? -7.168  -8.662  2.995   1.00 9.86  ? 123 VAL A CB  1 
ATOM   973  C CG1 . VAL A 1 145 ? -5.760  -8.457  2.253   1.00 11.22 ? 123 VAL A CG1 1 
ATOM   974  C CG2 . VAL A 1 145 ? -8.321  -8.093  2.187   1.00 9.51  ? 123 VAL A CG2 1 
ATOM   975  N N   . GLU A 1 146 ? -5.844  -10.540 5.134   1.00 10.66 ? 124 GLU A N   1 
ATOM   976  C CA  . GLU A 1 146 ? -4.685  -11.199 5.741   1.00 12.38 ? 124 GLU A CA  1 
ATOM   977  C C   . GLU A 1 146 ? -4.855  -12.720 5.748   1.00 12.22 ? 124 GLU A C   1 
ATOM   978  O O   . GLU A 1 146 ? -3.909  -13.465 5.439   1.00 11.49 ? 124 GLU A O   1 
ATOM   979  C CB  . GLU A 1 146 ? -4.477  -10.731 7.162   1.00 13.21 ? 124 GLU A CB  1 
ATOM   980  C CG  . GLU A 1 146 ? -4.012  -9.324  7.340   1.00 14.20 ? 124 GLU A CG  1 
ATOM   981  C CD  . GLU A 1 146 ? -3.883  -8.998  8.848   1.00 14.01 ? 124 GLU A CD  1 
ATOM   982  O OE1 . GLU A 1 146 ? -4.869  -9.256  9.600   1.00 18.89 ? 124 GLU A OE1 1 
ATOM   983  O OE2 . GLU A 1 146 ? -2.793  -8.535  9.288   1.00 15.02 ? 124 GLU A OE2 1 
ATOM   984  N N   . ALA A 1 147 ? -6.057  -13.201 6.077   1.00 12.03 ? 125 ALA A N   1 
ATOM   985  C CA  . ALA A 1 147 ? -6.275  -14.656 6.212   1.00 13.51 ? 125 ALA A CA  1 
ATOM   986  C C   . ALA A 1 147 ? -6.121  -15.456 4.932   1.00 14.32 ? 125 ALA A C   1 
ATOM   987  O O   . ALA A 1 147 ? -5.789  -16.660 4.999   1.00 17.48 ? 125 ALA A O   1 
ATOM   988  C CB  . ALA A 1 147 ? -7.645  -14.977 6.878   1.00 13.10 ? 125 ALA A CB  1 
ATOM   989  N N   . GLY A 1 148 ? -6.389  -14.827 3.796   1.00 13.99 ? 126 GLY A N   1 
ATOM   990  C CA  . GLY A 1 148 ? -6.439  -15.495 2.505   1.00 14.49 ? 126 GLY A CA  1 
ATOM   991  C C   . GLY A 1 148 ? -5.202  -15.287 1.677   1.00 13.67 ? 126 GLY A C   1 
ATOM   992  O O   . GLY A 1 148 ? -5.035  -15.871 0.597   1.00 13.48 ? 126 GLY A O   1 
ATOM   993  N N   . ALA A 1 149 ? -4.327  -14.418 2.159   1.00 14.95 ? 127 ALA A N   1 
ATOM   994  C CA  . ALA A 1 149 ? -3.306  -13.864 1.286   1.00 16.43 ? 127 ALA A CA  1 
ATOM   995  C C   . ALA A 1 149 ? -2.237  -14.921 0.941   1.00 17.28 ? 127 ALA A C   1 
ATOM   996  O O   . ALA A 1 149 ? -1.629  -14.877 -0.143  1.00 15.26 ? 127 ALA A O   1 
ATOM   997  C CB  . ALA A 1 149 ? -2.696  -12.556 1.889   1.00 15.02 ? 127 ALA A CB  1 
ATOM   998  N N   . THR A 1 150 ? -2.094  -15.931 1.804   1.00 18.49 ? 128 THR A N   1 
ATOM   999  C CA  A THR A 1 150 ? -1.036  -16.904 1.619   0.50 19.58 ? 128 THR A CA  1 
ATOM   1000 C CA  B THR A 1 150 ? -1.063  -16.982 1.652   0.50 19.76 ? 128 THR A CA  1 
ATOM   1001 C C   . THR A 1 150 ? -1.341  -17.862 0.479   1.00 20.41 ? 128 THR A C   1 
ATOM   1002 O O   . THR A 1 150 ? -0.428  -18.510 -0.017  1.00 21.99 ? 128 THR A O   1 
ATOM   1003 C CB  A THR A 1 150 ? -0.614  -17.566 2.995   0.50 19.10 ? 128 THR A CB  1 
ATOM   1004 C CB  B THR A 1 150 ? -0.896  -17.975 2.899   0.50 19.12 ? 128 THR A CB  1 
ATOM   1005 O OG1 A THR A 1 150 ? 0.298   -16.661 3.635   0.50 17.16 ? 128 THR A OG1 1 
ATOM   1006 O OG1 B THR A 1 150 ? -1.981  -18.900 2.936   0.50 19.98 ? 128 THR A OG1 1 
ATOM   1007 C CG2 A THR A 1 150 ? 0.036   -18.931 2.799   0.50 19.88 ? 128 THR A CG2 1 
ATOM   1008 C CG2 B THR A 1 150 ? -0.811  -17.252 4.172   0.50 19.55 ? 128 THR A CG2 1 
ATOM   1009 N N   . ARG A 1 151 ? -2.602  -17.883 0.036   1.00 21.74 ? 129 ARG A N   1 
ATOM   1010 C CA  . ARG A 1 151 ? -3.007  -18.657 -1.106  1.00 22.75 ? 129 ARG A CA  1 
ATOM   1011 C C   . ARG A 1 151 ? -3.244  -17.856 -2.383  1.00 22.05 ? 129 ARG A C   1 
ATOM   1012 O O   . ARG A 1 151 ? -3.674  -18.400 -3.412  1.00 22.81 ? 129 ARG A O   1 
ATOM   1013 C CB  . ARG A 1 151 ? -4.171  -19.536 -0.694  1.00 24.53 ? 129 ARG A CB  1 
ATOM   1014 C CG  . ARG A 1 151 ? -5.546  -19.112 -0.948  1.00 27.38 ? 129 ARG A CG  1 
ATOM   1015 C CD  . ARG A 1 151 ? -6.440  -20.099 -0.170  1.00 30.02 ? 129 ARG A CD  1 
ATOM   1016 N NE  . ARG A 1 151 ? -6.016  -20.091 1.236   1.00 36.21 ? 129 ARG A NE  1 
ATOM   1017 C CZ  . ARG A 1 151 ? -6.648  -19.460 2.235   1.00 37.23 ? 129 ARG A CZ  1 
ATOM   1018 N NH1 . ARG A 1 151 ? -7.813  -18.804 2.039   1.00 37.21 ? 129 ARG A NH1 1 
ATOM   1019 N NH2 . ARG A 1 151 ? -6.119  -19.499 3.454   1.00 35.00 ? 129 ARG A NH2 1 
ATOM   1020 N N   . ALA A 1 152 ? -2.897  -16.576 -2.348  1.00 19.50 ? 130 ALA A N   1 
ATOM   1021 C CA  . ALA A 1 152 ? -2.853  -15.765 -3.563  1.00 20.33 ? 130 ALA A CA  1 
ATOM   1022 C C   . ALA A 1 152 ? -1.826  -16.307 -4.552  1.00 19.60 ? 130 ALA A C   1 
ATOM   1023 O O   . ALA A 1 152 ? -0.834  -16.940 -4.182  1.00 18.51 ? 130 ALA A O   1 
ATOM   1024 C CB  . ALA A 1 152 ? -2.524  -14.296 -3.253  1.00 18.16 ? 130 ALA A CB  1 
ATOM   1025 N N   A LYS A 1 153 ? -2.048  -16.024 -5.830  0.50 20.37 ? 131 LYS A N   1 
ATOM   1026 N N   B LYS A 1 153 ? -2.105  -16.018 -5.823  0.50 20.19 ? 131 LYS A N   1 
ATOM   1027 C CA  A LYS A 1 153 ? -1.111  -16.447 -6.859  0.50 20.80 ? 131 LYS A CA  1 
ATOM   1028 C CA  B LYS A 1 153 ? -1.210  -16.289 -6.937  0.50 20.60 ? 131 LYS A CA  1 
ATOM   1029 C C   A LYS A 1 153 ? 0.303   -15.948 -6.568  0.50 20.82 ? 131 LYS A C   1 
ATOM   1030 C C   B LYS A 1 153 ? 0.236   -15.933 -6.577  0.50 20.67 ? 131 LYS A C   1 
ATOM   1031 O O   A LYS A 1 153 ? 1.258   -16.707 -6.705  0.50 21.14 ? 131 LYS A O   1 
ATOM   1032 O O   B LYS A 1 153 ? 1.125   -16.773 -6.663  0.50 20.98 ? 131 LYS A O   1 
ATOM   1033 C CB  A LYS A 1 153 ? -1.555  -15.938 -8.227  0.50 21.44 ? 131 LYS A CB  1 
ATOM   1034 C CB  B LYS A 1 153 ? -1.639  -15.445 -8.151  0.50 20.72 ? 131 LYS A CB  1 
ATOM   1035 C CG  A LYS A 1 153 ? -2.851  -16.559 -8.733  0.50 22.92 ? 131 LYS A CG  1 
ATOM   1036 C CG  B LYS A 1 153 ? -1.604  -16.169 -9.507  0.50 21.54 ? 131 LYS A CG  1 
ATOM   1037 C CD  A LYS A 1 153 ? -2.801  -18.086 -8.744  0.50 23.27 ? 131 LYS A CD  1 
ATOM   1038 C CD  B LYS A 1 153 ? -0.911  -15.360 -10.608 0.50 21.41 ? 131 LYS A CD  1 
ATOM   1039 C CE  A LYS A 1 153 ? -3.724  -18.665 -9.799  0.50 23.28 ? 131 LYS A CE  1 
ATOM   1040 C CE  B LYS A 1 153 ? -1.410  -13.937 -10.710 0.50 21.88 ? 131 LYS A CE  1 
ATOM   1041 N NZ  A LYS A 1 153 ? -3.516  -20.129 -9.906  0.50 22.79 ? 131 LYS A NZ  1 
ATOM   1042 N NZ  B LYS A 1 153 ? -0.226  -13.048 -10.670 0.50 20.93 ? 131 LYS A NZ  1 
ATOM   1043 N N   . ASP A 1 154 ? 0.444   -14.678 -6.168  1.00 20.75 ? 132 ASP A N   1 
ATOM   1044 C CA  . ASP A 1 154 ? 1.818   -14.123 -5.949  1.00 20.29 ? 132 ASP A CA  1 
ATOM   1045 C C   . ASP A 1 154 ? 2.536   -14.605 -4.660  1.00 19.29 ? 132 ASP A C   1 
ATOM   1046 O O   . ASP A 1 154 ? 3.761   -14.383 -4.513  1.00 17.55 ? 132 ASP A O   1 
ATOM   1047 C CB  . ASP A 1 154 ? 1.781   -12.593 -5.975  1.00 20.43 ? 132 ASP A CB  1 
ATOM   1048 C CG  . ASP A 1 154 ? 1.363   -12.025 -7.341  1.00 23.52 ? 132 ASP A CG  1 
ATOM   1049 O OD1 . ASP A 1 154 ? 1.417   -12.755 -8.351  1.00 25.23 ? 132 ASP A OD1 1 
ATOM   1050 O OD2 . ASP A 1 154 ? 0.969   -10.843 -7.385  1.00 26.87 ? 132 ASP A OD2 1 
ATOM   1051 N N   . HIS A 1 155 ? 1.814   -15.264 -3.743  1.00 18.09 ? 133 HIS A N   1 
ATOM   1052 C CA  . HIS A 1 155 ? 2.420   -15.641 -2.466  1.00 17.52 ? 133 HIS A CA  1 
ATOM   1053 C C   . HIS A 1 155 ? 3.615   -16.626 -2.533  1.00 15.64 ? 133 HIS A C   1 
ATOM   1054 O O   . HIS A 1 155 ? 3.541   -17.734 -3.080  1.00 16.08 ? 133 HIS A O   1 
ATOM   1055 C CB  . HIS A 1 155 ? 1.434   -16.130 -1.423  1.00 16.99 ? 133 HIS A CB  1 
ATOM   1056 C CG  . HIS A 1 155 ? 2.101   -16.291 -0.106  1.00 18.36 ? 133 HIS A CG  1 
ATOM   1057 N ND1 . HIS A 1 155 ? 2.610   -15.207 0.583   1.00 21.00 ? 133 HIS A ND1 1 
ATOM   1058 C CD2 . HIS A 1 155 ? 2.488   -17.395 0.575   1.00 19.44 ? 133 HIS A CD2 1 
ATOM   1059 C CE1 . HIS A 1 155 ? 3.233   -15.639 1.664   1.00 20.82 ? 133 HIS A CE1 1 
ATOM   1060 N NE2 . HIS A 1 155 ? 3.166   -16.960 1.685   1.00 20.22 ? 133 HIS A NE2 1 
ATOM   1061 N N   . GLY A 1 156 ? 4.746   -16.187 -2.023  1.00 15.16 ? 134 GLY A N   1 
ATOM   1062 C CA  . GLY A 1 156 ? 5.956   -16.993 -2.005  1.00 16.28 ? 134 GLY A CA  1 
ATOM   1063 C C   . GLY A 1 156 ? 6.721   -16.860 -3.304  1.00 17.06 ? 134 GLY A C   1 
ATOM   1064 O O   . GLY A 1 156 ? 7.767   -17.497 -3.472  1.00 17.34 ? 134 GLY A O   1 
ATOM   1065 N N   . LEU A 1 157 ? 6.248   -15.974 -4.198  1.00 15.87 ? 135 LEU A N   1 
ATOM   1066 C CA  . LEU A 1 157 ? 6.988   -15.678 -5.429  1.00 16.36 ? 135 LEU A CA  1 
ATOM   1067 C C   . LEU A 1 157 ? 7.323   -14.184 -5.402  1.00 15.76 ? 135 LEU A C   1 
ATOM   1068 O O   . LEU A 1 157 ? 8.279   -13.785 -4.745  1.00 14.44 ? 135 LEU A O   1 
ATOM   1069 C CB  . LEU A 1 157 ? 6.182   -16.148 -6.657  1.00 17.60 ? 135 LEU A CB  1 
ATOM   1070 C CG  . LEU A 1 157 ? 6.089   -17.681 -6.759  1.00 18.38 ? 135 LEU A CG  1 
ATOM   1071 C CD1 . LEU A 1 157 ? 4.909   -18.117 -7.653  1.00 20.83 ? 135 LEU A CD1 1 
ATOM   1072 C CD2 . LEU A 1 157 ? 7.415   -18.341 -7.260  1.00 21.35 ? 135 LEU A CD2 1 
ATOM   1073 N N   . GLU A 1 158 ? 6.493   -13.375 -6.030  1.00 15.00 ? 136 GLU A N   1 
ATOM   1074 C CA  . GLU A 1 158 ? 6.722   -11.964 -6.063  1.00 16.05 ? 136 GLU A CA  1 
ATOM   1075 C C   . GLU A 1 158 ? 6.480   -11.304 -4.718  1.00 14.08 ? 136 GLU A C   1 
ATOM   1076 O O   . GLU A 1 158 ? 6.979   -10.225 -4.477  1.00 13.83 ? 136 GLU A O   1 
ATOM   1077 C CB  . GLU A 1 158 ? 5.879   -11.318 -7.153  1.00 17.55 ? 136 GLU A CB  1 
ATOM   1078 C CG  . GLU A 1 158 ? 6.533   -11.474 -8.491  1.00 21.27 ? 136 GLU A CG  1 
ATOM   1079 C CD  . GLU A 1 158 ? 5.716   -10.851 -9.611  1.00 23.56 ? 136 GLU A CD  1 
ATOM   1080 O OE1 . GLU A 1 158 ? 5.164   -9.723  -9.430  1.00 30.93 ? 136 GLU A OE1 1 
ATOM   1081 O OE2 . GLU A 1 158 ? 5.618   -11.526 -10.670 1.00 34.01 ? 136 GLU A OE2 1 
ATOM   1082 N N   . VAL A 1 159 ? 5.691   -11.940 -3.859  1.00 12.89 ? 137 VAL A N   1 
ATOM   1083 C CA  . VAL A 1 159 ? 5.420   -11.393 -2.528  1.00 13.11 ? 137 VAL A CA  1 
ATOM   1084 C C   . VAL A 1 159 ? 5.750   -12.435 -1.483  1.00 12.15 ? 137 VAL A C   1 
ATOM   1085 O O   . VAL A 1 159 ? 5.621   -13.658 -1.719  1.00 11.32 ? 137 VAL A O   1 
ATOM   1086 C CB  . VAL A 1 159 ? 3.976   -10.826 -2.360  1.00 13.27 ? 137 VAL A CB  1 
ATOM   1087 C CG1 . VAL A 1 159 ? 3.647   -9.790  -3.473  1.00 13.56 ? 137 VAL A CG1 1 
ATOM   1088 C CG2 . VAL A 1 159 ? 2.923   -11.871 -2.329  1.00 12.69 ? 137 VAL A CG2 1 
ATOM   1089 N N   . LEU A 1 160 ? 6.202   -11.949 -0.348  1.00 10.09 ? 138 LEU A N   1 
ATOM   1090 C CA  . LEU A 1 160 ? 6.785   -12.813 0.696   1.00 10.81 ? 138 LEU A CA  1 
ATOM   1091 C C   . LEU A 1 160 ? 5.956   -12.791 1.999   1.00 9.41  ? 138 LEU A C   1 
ATOM   1092 O O   . LEU A 1 160 ? 6.189   -13.590 2.885   1.00 10.82 ? 138 LEU A O   1 
ATOM   1093 C CB  . LEU A 1 160 ? 8.218   -12.396 0.994   1.00 10.79 ? 138 LEU A CB  1 
ATOM   1094 C CG  . LEU A 1 160 ? 9.240   -12.513 -0.195  1.00 12.28 ? 138 LEU A CG  1 
ATOM   1095 C CD1 . LEU A 1 160 ? 10.617  -12.123 0.221   1.00 10.86 ? 138 LEU A CD1 1 
ATOM   1096 C CD2 . LEU A 1 160 ? 9.282   -13.879 -0.719  1.00 12.99 ? 138 LEU A CD2 1 
ATOM   1097 N N   . GLY A 1 161 ? 4.982   -11.888 2.105   1.00 9.13  ? 139 GLY A N   1 
ATOM   1098 C CA  . GLY A 1 161 ? 4.127   -11.840 3.293   1.00 7.98  ? 139 GLY A CA  1 
ATOM   1099 C C   . GLY A 1 161 ? 3.736   -10.413 3.714   1.00 7.99  ? 139 GLY A C   1 
ATOM   1100 O O   . GLY A 1 161 ? 4.500   -9.462  3.612   1.00 8.10  ? 139 GLY A O   1 
ATOM   1101 N N   . LEU A 1 162 ? 2.509   -10.296 4.198   1.00 7.56  ? 140 LEU A N   1 
ATOM   1102 C CA  . LEU A 1 162 ? 1.946   -9.073  4.752   1.00 7.74  ? 140 LEU A CA  1 
ATOM   1103 C C   . LEU A 1 162 ? 2.392   -8.825  6.182   1.00 8.41  ? 140 LEU A C   1 
ATOM   1104 O O   . LEU A 1 162 ? 2.581   -9.754  6.974   1.00 7.88  ? 140 LEU A O   1 
ATOM   1105 C CB  . LEU A 1 162 ? 0.421   -9.169  4.777   1.00 7.75  ? 140 LEU A CB  1 
ATOM   1106 C CG  . LEU A 1 162 ? -0.259  -9.193  3.404   1.00 9.58  ? 140 LEU A CG  1 
ATOM   1107 C CD1 . LEU A 1 162 ? -1.735  -9.639  3.538   1.00 5.70  ? 140 LEU A CD1 1 
ATOM   1108 C CD2 . LEU A 1 162 ? -0.123  -7.855  2.598   1.00 7.94  ? 140 LEU A CD2 1 
ATOM   1109 N N   . VAL A 1 163 ? 2.549   -7.551  6.489   1.00 7.76  ? 141 VAL A N   1 
ATOM   1110 C CA  . VAL A 1 163 ? 2.763   -7.107  7.842   1.00 8.31  ? 141 VAL A CA  1 
ATOM   1111 C C   . VAL A 1 163 ? 1.856   -5.920  8.149   1.00 9.21  ? 141 VAL A C   1 
ATOM   1112 O O   . VAL A 1 163 ? 1.521   -5.116  7.239   1.00 10.85 ? 141 VAL A O   1 
ATOM   1113 C CB  . VAL A 1 163 ? 4.248   -6.694  8.063   1.00 8.73  ? 141 VAL A CB  1 
ATOM   1114 C CG1 . VAL A 1 163 ? 5.160   -7.918  7.859   1.00 7.60  ? 141 VAL A CG1 1 
ATOM   1115 C CG2 . VAL A 1 163 ? 4.671   -5.485  7.181   1.00 6.35  ? 141 VAL A CG2 1 
ATOM   1116 N N   . ARG A 1 164 ? 1.484   -5.798  9.407   1.00 9.50  ? 142 ARG A N   1 
ATOM   1117 C CA  . ARG A 1 164 ? 0.841   -4.560  9.891   1.00 10.63 ? 142 ARG A CA  1 
ATOM   1118 C C   . ARG A 1 164 ? 1.905   -3.546  10.270  1.00 11.30 ? 142 ARG A C   1 
ATOM   1119 O O   . ARG A 1 164 ? 3.011   -3.899  10.720  1.00 9.92  ? 142 ARG A O   1 
ATOM   1120 C CB  . ARG A 1 164 ? -0.112  -4.809  11.043  1.00 11.02 ? 142 ARG A CB  1 
ATOM   1121 C CG  . ARG A 1 164 ? -1.267  -5.665  10.630  1.00 13.43 ? 142 ARG A CG  1 
ATOM   1122 C CD  . ARG A 1 164 ? -2.304  -5.683  11.689  1.00 13.60 ? 142 ARG A CD  1 
ATOM   1123 N NE  . ARG A 1 164 ? -3.333  -6.675  11.407  1.00 16.88 ? 142 ARG A NE  1 
ATOM   1124 C CZ  . ARG A 1 164 ? -4.340  -6.907  12.233  1.00 16.73 ? 142 ARG A CZ  1 
ATOM   1125 N NH1 . ARG A 1 164 ? -4.491  -6.172  13.339  1.00 15.73 ? 142 ARG A NH1 1 
ATOM   1126 N NH2 . ARG A 1 164 ? -5.237  -7.806  11.915  1.00 19.32 ? 142 ARG A NH2 1 
ATOM   1127 N N   . VAL A 1 165 ? 1.578   -2.271  10.040  1.00 10.60 ? 143 VAL A N   1 
ATOM   1128 C CA  . VAL A 1 165 ? 2.417   -1.163  10.497  1.00 10.90 ? 143 VAL A CA  1 
ATOM   1129 C C   . VAL A 1 165 ? 2.120   -0.792  11.933  1.00 11.42 ? 143 VAL A C   1 
ATOM   1130 O O   . VAL A 1 165 ? 0.977   -0.465  12.251  1.00 11.45 ? 143 VAL A O   1 
ATOM   1131 C CB  . VAL A 1 165 ? 2.186   0.132   9.616   1.00 12.17 ? 143 VAL A CB  1 
ATOM   1132 C CG1 . VAL A 1 165 ? 3.253   1.229   9.976   1.00 10.31 ? 143 VAL A CG1 1 
ATOM   1133 C CG2 . VAL A 1 165 ? 2.208   -0.203  8.120   1.00 10.46 ? 143 VAL A CG2 1 
ATOM   1134 N N   . PRO A 1 166 ? 3.146   -0.853  12.837  1.00 10.48 ? 144 PRO A N   1 
ATOM   1135 C CA  . PRO A 1 166 ? 2.954   -0.412  14.233  1.00 11.54 ? 144 PRO A CA  1 
ATOM   1136 C C   . PRO A 1 166 ? 2.851   1.118   14.229  1.00 11.59 ? 144 PRO A C   1 
ATOM   1137 O O   . PRO A 1 166 ? 3.693   1.803   13.688  1.00 11.38 ? 144 PRO A O   1 
ATOM   1138 C CB  . PRO A 1 166 ? 4.192   -0.919  14.958  1.00 10.56 ? 144 PRO A CB  1 
ATOM   1139 C CG  . PRO A 1 166 ? 5.258   -0.961  13.881  1.00 11.37 ? 144 PRO A CG  1 
ATOM   1140 C CD  . PRO A 1 166 ? 4.522   -1.319  12.578  1.00 10.10 ? 144 PRO A CD  1 
ATOM   1141 N N   . LEU A 1 167 ? 1.758   1.639   14.744  1.00 13.34 ? 145 LEU A N   1 
ATOM   1142 C CA  . LEU A 1 167 ? 1.496   3.072   14.599  1.00 14.46 ? 145 LEU A CA  1 
ATOM   1143 C C   . LEU A 1 167 ? 1.928   3.822   15.872  1.00 16.97 ? 145 LEU A C   1 
ATOM   1144 O O   . LEU A 1 167 ? 2.059   5.057   15.855  1.00 19.13 ? 145 LEU A O   1 
ATOM   1145 C CB  . LEU A 1 167 ? 0.028   3.344   14.301  1.00 14.42 ? 145 LEU A CB  1 
ATOM   1146 C CG  . LEU A 1 167 ? -0.461  2.807   12.948  1.00 14.96 ? 145 LEU A CG  1 
ATOM   1147 C CD1 . LEU A 1 167 ? -1.908  3.124   12.716  1.00 14.32 ? 145 LEU A CD1 1 
ATOM   1148 C CD2 . LEU A 1 167 ? 0.435   3.318   11.783  1.00 14.02 ? 145 LEU A CD2 1 
ATOM   1149 N N   . TYR A 1 168 ? 2.193   3.084   16.934  1.00 17.04 ? 146 TYR A N   1 
ATOM   1150 C CA  . TYR A 1 168 ? 2.636   3.649   18.231  1.00 17.66 ? 146 TYR A CA  1 
ATOM   1151 C C   . TYR A 1 168 ? 4.169   3.804   18.295  1.00 18.58 ? 146 TYR A C   1 
ATOM   1152 O O   . TYR A 1 168 ? 4.932   3.259   17.475  1.00 16.50 ? 146 TYR A O   1 
ATOM   1153 C CB  . TYR A 1 168 ? 2.124   2.743   19.360  1.00 16.56 ? 146 TYR A CB  1 
ATOM   1154 C CG  . TYR A 1 168 ? 2.375   1.295   19.020  1.00 17.49 ? 146 TYR A CG  1 
ATOM   1155 C CD1 . TYR A 1 168 ? 3.611   0.709   19.262  1.00 16.73 ? 146 TYR A CD1 1 
ATOM   1156 C CD2 . TYR A 1 168 ? 1.398   0.538   18.383  1.00 17.39 ? 146 TYR A CD2 1 
ATOM   1157 C CE1 . TYR A 1 168 ? 3.873   -0.589  18.887  1.00 16.78 ? 146 TYR A CE1 1 
ATOM   1158 C CE2 . TYR A 1 168 ? 1.653   -0.775  17.998  1.00 17.42 ? 146 TYR A CE2 1 
ATOM   1159 C CZ  . TYR A 1 168 ? 2.897   -1.323  18.249  1.00 14.66 ? 146 TYR A CZ  1 
ATOM   1160 O OH  . TYR A 1 168 ? 3.129   -2.610  17.871  1.00 15.85 ? 146 TYR A OH  1 
ATOM   1161 N N   . THR A 1 169 ? 4.623   4.570   19.283  1.00 20.31 ? 147 THR A N   1 
ATOM   1162 C CA  . THR A 1 169 ? 6.049   4.634   19.633  1.00 20.93 ? 147 THR A CA  1 
ATOM   1163 C C   . THR A 1 169 ? 6.136   4.143   21.063  1.00 21.83 ? 147 THR A C   1 
ATOM   1164 O O   . THR A 1 169 ? 5.321   4.537   21.916  1.00 21.30 ? 147 THR A O   1 
ATOM   1165 C CB  . THR A 1 169 ? 6.633   6.049   19.436  1.00 21.32 ? 147 THR A CB  1 
ATOM   1166 O OG1 . THR A 1 169 ? 6.589   6.376   18.052  1.00 21.68 ? 147 THR A OG1 1 
ATOM   1167 C CG2 . THR A 1 169 ? 8.085   6.148   19.921  1.00 20.75 ? 147 THR A CG2 1 
ATOM   1168 N N   . LEU A 1 170 ? 7.036   3.211   21.316  1.00 21.93 ? 148 LEU A N   1 
ATOM   1169 C CA  . LEU A 1 170 ? 7.101   2.573   22.629  1.00 23.94 ? 148 LEU A CA  1 
ATOM   1170 C C   . LEU A 1 170 ? 7.852   3.507   23.593  1.00 24.73 ? 148 LEU A C   1 
ATOM   1171 O O   . LEU A 1 170 ? 8.434   4.504   23.165  1.00 24.65 ? 148 LEU A O   1 
ATOM   1172 C CB  . LEU A 1 170 ? 7.764   1.192   22.540  1.00 22.34 ? 148 LEU A CB  1 
ATOM   1173 C CG  . LEU A 1 170 ? 7.106   0.116   21.634  1.00 21.69 ? 148 LEU A CG  1 
ATOM   1174 C CD1 . LEU A 1 170 ? 7.930   -1.191  21.557  1.00 18.77 ? 148 LEU A CD1 1 
ATOM   1175 C CD2 . LEU A 1 170 ? 5.721   -0.162  22.089  1.00 16.91 ? 148 LEU A CD2 1 
ATOM   1176 N N   . ARG A 1 171 ? 7.849   3.156   24.874  1.00 27.50 ? 149 ARG A N   1 
ATOM   1177 C CA  . ARG A 1 171 ? 8.402   4.039   25.949  1.00 28.82 ? 149 ARG A CA  1 
ATOM   1178 C C   . ARG A 1 171 ? 9.822   4.537   25.689  1.00 28.93 ? 149 ARG A C   1 
ATOM   1179 O O   . ARG A 1 171 ? 10.122  5.706   25.922  1.00 29.84 ? 149 ARG A O   1 
ATOM   1180 C CB  . ARG A 1 171 ? 8.404   3.319   27.284  1.00 28.94 ? 149 ARG A CB  1 
ATOM   1181 C CG  . ARG A 1 171 ? 8.940   4.137   28.445  1.00 31.40 ? 149 ARG A CG  1 
ATOM   1182 C CD  . ARG A 1 171 ? 8.734   3.370   29.780  1.00 35.14 ? 149 ARG A CD  1 
ATOM   1183 N NE  . ARG A 1 171 ? 7.632   2.390   29.676  1.00 39.80 ? 149 ARG A NE  1 
ATOM   1184 C CZ  . ARG A 1 171 ? 6.352   2.602   30.022  1.00 42.27 ? 149 ARG A CZ  1 
ATOM   1185 N NH1 . ARG A 1 171 ? 5.955   3.776   30.542  1.00 43.49 ? 149 ARG A NH1 1 
ATOM   1186 N NH2 . ARG A 1 171 ? 5.459   1.620   29.861  1.00 40.44 ? 149 ARG A NH2 1 
ATOM   1187 N N   . ASP A 1 172 ? 10.678  3.647   25.193  1.00 28.34 ? 150 ASP A N   1 
ATOM   1188 C CA  . ASP A 1 172 ? 12.055  3.988   24.856  1.00 27.07 ? 150 ASP A CA  1 
ATOM   1189 C C   . ASP A 1 172 ? 12.199  5.012   23.757  1.00 26.20 ? 150 ASP A C   1 
ATOM   1190 O O   . ASP A 1 172 ? 13.311  5.361   23.388  1.00 27.28 ? 150 ASP A O   1 
ATOM   1191 C CB  . ASP A 1 172 ? 12.832  2.714   24.485  1.00 27.69 ? 150 ASP A CB  1 
ATOM   1192 C CG  . ASP A 1 172 ? 12.519  2.187   23.057  1.00 30.29 ? 150 ASP A CG  1 
ATOM   1193 O OD1 . ASP A 1 172 ? 11.482  2.551   22.434  1.00 28.02 ? 150 ASP A OD1 1 
ATOM   1194 O OD2 . ASP A 1 172 ? 13.372  1.419   22.562  1.00 34.16 ? 150 ASP A OD2 1 
ATOM   1195 N N   . GLY A 1 173 ? 11.080  5.467   23.202  1.00 24.98 ? 151 GLY A N   1 
ATOM   1196 C CA  . GLY A 1 173 ? 11.067  6.430   22.112  1.00 24.03 ? 151 GLY A CA  1 
ATOM   1197 C C   . GLY A 1 173 ? 11.528  5.954   20.757  1.00 23.31 ? 151 GLY A C   1 
ATOM   1198 O O   . GLY A 1 173 ? 11.581  6.749   19.820  1.00 24.30 ? 151 GLY A O   1 
ATOM   1199 N N   . VAL A 1 174 ? 11.824  4.662   20.610  1.00 22.47 ? 152 VAL A N   1 
ATOM   1200 C CA  A VAL A 1 174 ? 12.425  4.099   19.379  0.50 21.95 ? 152 VAL A CA  1 
ATOM   1201 C CA  B VAL A 1 174 ? 12.327  4.180   19.306  0.50 21.91 ? 152 VAL A CA  1 
ATOM   1202 C C   . VAL A 1 174 ? 11.615  2.936   18.779  1.00 20.84 ? 152 VAL A C   1 
ATOM   1203 O O   . VAL A 1 174 ? 11.428  2.836   17.565  1.00 21.64 ? 152 VAL A O   1 
ATOM   1204 C CB  A VAL A 1 174 ? 13.855  3.558   19.683  0.50 22.00 ? 152 VAL A CB  1 
ATOM   1205 C CB  B VAL A 1 174 ? 13.874  3.965   19.283  0.50 21.88 ? 152 VAL A CB  1 
ATOM   1206 C CG1 A VAL A 1 174 ? 14.488  2.972   18.440  0.50 21.75 ? 152 VAL A CG1 1 
ATOM   1207 C CG1 B VAL A 1 174 ? 14.600  5.295   19.505  0.50 21.54 ? 152 VAL A CG1 1 
ATOM   1208 C CG2 A VAL A 1 174 ? 14.734  4.645   20.268  0.50 22.24 ? 152 VAL A CG2 1 
ATOM   1209 C CG2 B VAL A 1 174 ? 14.285  2.932   20.304  0.50 22.39 ? 152 VAL A CG2 1 
ATOM   1210 N N   . GLY A 1 175 ? 11.208  2.025   19.653  1.00 19.63 ? 153 GLY A N   1 
ATOM   1211 C CA  . GLY A 1 175 ? 10.435  0.821   19.271  1.00 18.75 ? 153 GLY A CA  1 
ATOM   1212 C C   . GLY A 1 175 ? 9.071   1.211   18.696  1.00 17.35 ? 153 GLY A C   1 
ATOM   1213 O O   . GLY A 1 175 ? 8.490   2.228   19.091  1.00 15.58 ? 153 GLY A O   1 
ATOM   1214 N N   . GLY A 1 176 ? 8.555   0.381   17.784  1.00 15.06 ? 154 GLY A N   1 
ATOM   1215 C CA  . GLY A 1 176 ? 7.276   0.675   17.098  1.00 15.02 ? 154 GLY A CA  1 
ATOM   1216 C C   . GLY A 1 176 ? 7.536   1.405   15.781  1.00 13.64 ? 154 GLY A C   1 
ATOM   1217 O O   . GLY A 1 176 ? 8.495   1.091   15.051  1.00 12.67 ? 154 GLY A O   1 
ATOM   1218 N N   . LEU A 1 177 ? 6.705   2.390   15.471  1.00 12.92 ? 155 LEU A N   1 
ATOM   1219 C CA  . LEU A 1 177 ? 6.839   3.134   14.228  1.00 13.21 ? 155 LEU A CA  1 
ATOM   1220 C C   . LEU A 1 177 ? 8.256   3.625   13.840  1.00 12.73 ? 155 LEU A C   1 
ATOM   1221 O O   . LEU A 1 177 ? 8.680   3.405   12.697  1.00 12.40 ? 155 LEU A O   1 
ATOM   1222 C CB  . LEU A 1 177 ? 5.783   4.265   14.106  1.00 12.78 ? 155 LEU A CB  1 
ATOM   1223 C CG  . LEU A 1 177 ? 5.609   4.904   12.728  1.00 13.28 ? 155 LEU A CG  1 
ATOM   1224 C CD1 . LEU A 1 177 ? 5.245   3.891   11.603  1.00 16.93 ? 155 LEU A CD1 1 
ATOM   1225 C CD2 . LEU A 1 177 ? 4.547   6.059   12.861  1.00 14.55 ? 155 LEU A CD2 1 
ATOM   1226 N N   . PRO A 1 178 ? 8.998   4.325   14.748  1.00 13.51 ? 156 PRO A N   1 
ATOM   1227 C CA  . PRO A 1 178 ? 10.356  4.763   14.274  1.00 13.82 ? 156 PRO A CA  1 
ATOM   1228 C C   . PRO A 1 178 ? 11.260  3.630   13.772  1.00 13.03 ? 156 PRO A C   1 
ATOM   1229 O O   . PRO A 1 178 ? 11.995  3.765   12.756  1.00 13.57 ? 156 PRO A O   1 
ATOM   1230 C CB  . PRO A 1 178 ? 10.967  5.461   15.519  1.00 13.84 ? 156 PRO A CB  1 
ATOM   1231 C CG  . PRO A 1 178 ? 9.677   5.821   16.412  1.00 16.71 ? 156 PRO A CG  1 
ATOM   1232 C CD  . PRO A 1 178 ? 8.679   4.761   16.122  1.00 14.07 ? 156 PRO A CD  1 
ATOM   1233 N N   . THR A 1 179 ? 11.205  2.513   14.481  1.00 12.96 ? 157 THR A N   1 
ATOM   1234 C CA  . THR A 1 179 ? 11.979  1.343   14.131  1.00 13.31 ? 157 THR A CA  1 
ATOM   1235 C C   . THR A 1 179 ? 11.472  0.719   12.845  1.00 12.36 ? 157 THR A C   1 
ATOM   1236 O O   . THR A 1 179 ? 12.262  0.353   11.956  1.00 12.74 ? 157 THR A O   1 
ATOM   1237 C CB  . THR A 1 179 ? 11.994  0.325   15.335  1.00 14.07 ? 157 THR A CB  1 
ATOM   1238 O OG1 . THR A 1 179 ? 12.653  0.950   16.440  1.00 14.43 ? 157 THR A OG1 1 
ATOM   1239 C CG2 . THR A 1 179 ? 12.717  -0.985  14.970  1.00 11.92 ? 157 THR A CG2 1 
ATOM   1240 N N   . PHE A 1 180 ? 10.159  0.592   12.733  1.00 12.81 ? 158 PHE A N   1 
ATOM   1241 C CA  . PHE A 1 180 ? 9.543   0.112   11.503  1.00 12.81 ? 158 PHE A CA  1 
ATOM   1242 C C   . PHE A 1 180 ? 10.026  0.895   10.268  1.00 12.52 ? 158 PHE A C   1 
ATOM   1243 O O   . PHE A 1 180 ? 10.307  0.307   9.204   1.00 11.76 ? 158 PHE A O   1 
ATOM   1244 C CB  . PHE A 1 180 ? 8.018   0.171   11.593  1.00 11.93 ? 158 PHE A CB  1 
ATOM   1245 C CG  . PHE A 1 180 ? 7.312   -0.449  10.398  1.00 12.32 ? 158 PHE A CG  1 
ATOM   1246 C CD1 . PHE A 1 180 ? 7.108   -1.842  10.314  1.00 13.40 ? 158 PHE A CD1 1 
ATOM   1247 C CD2 . PHE A 1 180 ? 6.921   0.341   9.322   1.00 11.18 ? 158 PHE A CD2 1 
ATOM   1248 C CE1 . PHE A 1 180 ? 6.486   -2.408  9.184   1.00 11.23 ? 158 PHE A CE1 1 
ATOM   1249 C CE2 . PHE A 1 180 ? 6.304   -0.230  8.187   1.00 12.10 ? 158 PHE A CE2 1 
ATOM   1250 C CZ  . PHE A 1 180 ? 6.093   -1.589  8.129   1.00 10.28 ? 158 PHE A CZ  1 
ATOM   1251 N N   . LEU A 1 181 ? 10.132  2.215   10.423  1.00 13.78 ? 159 LEU A N   1 
ATOM   1252 C CA  . LEU A 1 181 ? 10.523  3.120   9.334   1.00 14.23 ? 159 LEU A CA  1 
ATOM   1253 C C   . LEU A 1 181 ? 12.009  3.005   8.976   1.00 15.40 ? 159 LEU A C   1 
ATOM   1254 O O   . LEU A 1 181 ? 12.434  3.539   7.931   1.00 15.10 ? 159 LEU A O   1 
ATOM   1255 C CB  . LEU A 1 181 ? 10.142  4.559   9.666   1.00 14.13 ? 159 LEU A CB  1 
ATOM   1256 C CG  . LEU A 1 181 ? 8.640   4.897   9.778   1.00 16.41 ? 159 LEU A CG  1 
ATOM   1257 C CD1 . LEU A 1 181 ? 8.381   6.304   10.344  1.00 18.49 ? 159 LEU A CD1 1 
ATOM   1258 C CD2 . LEU A 1 181 ? 7.955   4.728   8.453   1.00 11.59 ? 159 LEU A CD2 1 
ATOM   1259 N N   . GLU A 1 182 ? 12.768  2.285   9.816   1.00 16.15 ? 160 GLU A N   1 
ATOM   1260 C CA  . GLU A 1 182 ? 14.162  1.946   9.530   1.00 17.14 ? 160 GLU A CA  1 
ATOM   1261 C C   . GLU A 1 182 ? 14.339  0.688   8.687   1.00 17.41 ? 160 GLU A C   1 
ATOM   1262 O O   . GLU A 1 182 ? 15.450  0.354   8.292   1.00 17.62 ? 160 GLU A O   1 
ATOM   1263 C CB  . GLU A 1 182 ? 14.946  1.792   10.823  1.00 17.66 ? 160 GLU A CB  1 
ATOM   1264 C CG  . GLU A 1 182 ? 15.066  3.052   11.581  1.00 21.28 ? 160 GLU A CG  1 
ATOM   1265 C CD  . GLU A 1 182 ? 15.838  4.069   10.795  1.00 26.14 ? 160 GLU A CD  1 
ATOM   1266 O OE1 . GLU A 1 182 ? 17.018  3.796   10.433  1.00 32.67 ? 160 GLU A OE1 1 
ATOM   1267 O OE2 . GLU A 1 182 ? 15.246  5.105   10.454  1.00 32.22 ? 160 GLU A OE2 1 
ATOM   1268 N N   . ASN A 1 183 ? 13.233  0.013   8.391   1.00 17.50 ? 161 ASN A N   1 
ATOM   1269 C CA  . ASN A 1 183 ? 13.251  -1.100  7.468   1.00 16.73 ? 161 ASN A CA  1 
ATOM   1270 C C   . ASN A 1 183 ? 13.530  -0.624  6.013   1.00 16.58 ? 161 ASN A C   1 
ATOM   1271 O O   . ASN A 1 183 ? 13.521  0.604   5.703   1.00 13.64 ? 161 ASN A O   1 
ATOM   1272 C CB  . ASN A 1 183 ? 11.925  -1.889  7.591   1.00 16.74 ? 161 ASN A CB  1 
ATOM   1273 C CG  . ASN A 1 183 ? 11.813  -2.680  8.903   1.00 18.41 ? 161 ASN A CG  1 
ATOM   1274 O OD1 . ASN A 1 183 ? 10.903  -2.488  9.718   1.00 16.71 ? 161 ASN A OD1 1 
ATOM   1275 N ND2 . ASN A 1 183 ? 12.743  -3.562  9.108   1.00 18.54 ? 161 ASN A ND2 1 
ATOM   1276 N N   . SER A 1 184 ? 13.754  -1.579  5.124   1.00 15.78 ? 162 SER A N   1 
ATOM   1277 C CA  . SER A 1 184 ? 14.006  -1.280  3.722   1.00 17.44 ? 162 SER A CA  1 
ATOM   1278 C C   . SER A 1 184 ? 12.658  -1.150  2.972   1.00 16.99 ? 162 SER A C   1 
ATOM   1279 O O   . SER A 1 184 ? 11.828  -2.048  3.057   1.00 16.93 ? 162 SER A O   1 
ATOM   1280 C CB  . SER A 1 184 ? 14.869  -2.361  3.029   1.00 16.89 ? 162 SER A CB  1 
ATOM   1281 O OG  . SER A 1 184 ? 16.101  -2.572  3.646   1.00 23.22 ? 162 SER A OG  1 
ATOM   1282 N N   . PHE A 1 185 ? 12.469  -0.043  2.244   1.00 17.34 ? 163 PHE A N   1 
ATOM   1283 C CA  . PHE A 1 185 ? 11.234  0.236   1.510   1.00 17.28 ? 163 PHE A CA  1 
ATOM   1284 C C   . PHE A 1 185 ? 11.420  0.365   0.009   1.00 16.76 ? 163 PHE A C   1 
ATOM   1285 O O   . PHE A 1 185 ? 12.459  0.830   -0.432  1.00 17.96 ? 163 PHE A O   1 
ATOM   1286 C CB  . PHE A 1 185 ? 10.579  1.513   2.032   1.00 16.49 ? 163 PHE A CB  1 
ATOM   1287 C CG  . PHE A 1 185 ? 10.087  1.398   3.410   1.00 16.10 ? 163 PHE A CG  1 
ATOM   1288 C CD1 . PHE A 1 185 ? 8.775   1.029   3.652   1.00 16.21 ? 163 PHE A CD1 1 
ATOM   1289 C CD2 . PHE A 1 185 ? 10.914  1.672   4.474   1.00 15.30 ? 163 PHE A CD2 1 
ATOM   1290 C CE1 . PHE A 1 185 ? 8.289   0.902   4.959   1.00 16.64 ? 163 PHE A CE1 1 
ATOM   1291 C CE2 . PHE A 1 185 ? 10.449  1.560   5.781   1.00 14.38 ? 163 PHE A CE2 1 
ATOM   1292 C CZ  . PHE A 1 185 ? 9.134   1.164   6.024   1.00 15.02 ? 163 PHE A CZ  1 
ATOM   1293 N N   . ILE A 1 186 ? 10.421  -0.010  -0.778  1.00 16.71 ? 164 ILE A N   1 
ATOM   1294 C CA  . ILE A 1 186 ? 10.479  0.159   -2.228  1.00 18.22 ? 164 ILE A CA  1 
ATOM   1295 C C   . ILE A 1 186 ? 10.086  1.585   -2.663  1.00 18.92 ? 164 ILE A C   1 
ATOM   1296 O O   . ILE A 1 186 ? 9.169   2.185   -2.084  1.00 19.62 ? 164 ILE A O   1 
ATOM   1297 C CB  . ILE A 1 186 ? 9.630   -0.891  -2.992  1.00 20.18 ? 164 ILE A CB  1 
ATOM   1298 C CG1 . ILE A 1 186 ? 9.883   -0.797  -4.514  1.00 21.48 ? 164 ILE A CG1 1 
ATOM   1299 C CG2 . ILE A 1 186 ? 8.163   -0.710  -2.717  1.00 20.09 ? 164 ILE A CG2 1 
ATOM   1300 C CD1 . ILE A 1 186 ? 11.302  -1.317  -4.967  1.00 25.16 ? 164 ILE A CD1 1 
ATOM   1301 N N   . GLY A 1 187 ? 10.803  2.121   -3.659  1.00 18.70 ? 165 GLY A N   1 
ATOM   1302 C CA  . GLY A 1 187 ? 10.504  3.435   -4.260  1.00 19.02 ? 165 GLY A CA  1 
ATOM   1303 C C   . GLY A 1 187 ? 10.153  4.473   -3.229  1.00 18.52 ? 165 GLY A C   1 
ATOM   1304 O O   . GLY A 1 187 ? 10.922  4.723   -2.301  1.00 18.85 ? 165 GLY A O   1 
ATOM   1305 N N   . SER A 1 188 ? 8.932   4.983   -3.354  1.00 18.37 ? 166 SER A N   1 
ATOM   1306 C CA  . SER A 1 188 ? 8.421   6.067   -2.561  1.00 17.67 ? 166 SER A CA  1 
ATOM   1307 C C   . SER A 1 188 ? 7.462   5.576   -1.469  1.00 16.58 ? 166 SER A C   1 
ATOM   1308 O O   . SER A 1 188 ? 6.695   6.360   -0.941  1.00 14.73 ? 166 SER A O   1 
ATOM   1309 C CB  . SER A 1 188 ? 7.651   7.040   -3.508  1.00 18.66 ? 166 SER A CB  1 
ATOM   1310 O OG  . SER A 1 188 ? 8.521   7.657   -4.490  1.00 23.60 ? 166 SER A OG  1 
ATOM   1311 N N   . ALA A 1 189 ? 7.480   4.268   -1.161  1.00 15.51 ? 167 ALA A N   1 
ATOM   1312 C CA  . ALA A 1 189 ? 6.481   3.691   -0.244  1.00 14.37 ? 167 ALA A CA  1 
ATOM   1313 C C   . ALA A 1 189 ? 6.564   4.322   1.143   1.00 13.25 ? 167 ALA A C   1 
ATOM   1314 O O   . ALA A 1 189 ? 5.543   4.540   1.757   1.00 11.06 ? 167 ALA A O   1 
ATOM   1315 C CB  . ALA A 1 189 ? 6.561   2.129   -0.203  1.00 12.38 ? 167 ALA A CB  1 
ATOM   1316 N N   . ARG A 1 190 ? 7.765   4.639   1.635   1.00 14.41 ? 168 ARG A N   1 
ATOM   1317 C CA  . ARG A 1 190 ? 7.915   5.243   2.944   1.00 14.52 ? 168 ARG A CA  1 
ATOM   1318 C C   . ARG A 1 190 ? 7.256   6.640   2.971   1.00 13.33 ? 168 ARG A C   1 
ATOM   1319 O O   . ARG A 1 190 ? 6.570   7.002   3.906   1.00 12.14 ? 168 ARG A O   1 
ATOM   1320 C CB  . ARG A 1 190 ? 9.400   5.310   3.305   1.00 15.35 ? 168 ARG A CB  1 
ATOM   1321 C CG  . ARG A 1 190 ? 9.683   5.606   4.755   1.00 17.16 ? 168 ARG A CG  1 
ATOM   1322 C CD  . ARG A 1 190 ? 11.174  5.651   4.923   1.00 21.26 ? 168 ARG A CD  1 
ATOM   1323 N NE  . ARG A 1 190 ? 11.527  5.980   6.276   1.00 28.33 ? 168 ARG A NE  1 
ATOM   1324 C CZ  . ARG A 1 190 ? 11.576  7.218   6.762   1.00 32.26 ? 168 ARG A CZ  1 
ATOM   1325 N NH1 . ARG A 1 190 ? 11.254  8.273   6.001   1.00 33.75 ? 168 ARG A NH1 1 
ATOM   1326 N NH2 . ARG A 1 190 ? 11.940  7.398   8.030   1.00 32.92 ? 168 ARG A NH2 1 
ATOM   1327 N N   . GLU A 1 191 ? 7.460   7.390   1.902   1.00 13.21 ? 169 GLU A N   1 
ATOM   1328 C CA  . GLU A 1 191 ? 6.890   8.744   1.784   1.00 14.27 ? 169 GLU A CA  1 
ATOM   1329 C C   . GLU A 1 191 ? 5.371   8.665   1.701   1.00 12.68 ? 169 GLU A C   1 
ATOM   1330 O O   . GLU A 1 191 ? 4.665   9.372   2.449   1.00 12.88 ? 169 GLU A O   1 
ATOM   1331 C CB  . GLU A 1 191 ? 7.463   9.445   0.558   1.00 15.31 ? 169 GLU A CB  1 
ATOM   1332 C CG  . GLU A 1 191 ? 8.973   9.823   0.712   1.00 19.97 ? 169 GLU A CG  1 
ATOM   1333 C CD  . GLU A 1 191 ? 9.926   8.616   0.972   1.00 29.26 ? 169 GLU A CD  1 
ATOM   1334 O OE1 . GLU A 1 191 ? 9.938   7.654   0.149   1.00 29.25 ? 169 GLU A OE1 1 
ATOM   1335 O OE2 . GLU A 1 191 ? 10.659  8.650   2.027   1.00 34.15 ? 169 GLU A OE2 1 
ATOM   1336 N N   . GLN A 1 192 ? 4.897   7.827   0.790   1.00 12.40 ? 170 GLN A N   1 
ATOM   1337 C CA  . GLN A 1 192 ? 3.439   7.519   0.625   1.00 12.62 ? 170 GLN A CA  1 
ATOM   1338 C C   . GLN A 1 192 ? 2.817   7.118   1.996   1.00 12.28 ? 170 GLN A C   1 
ATOM   1339 O O   . GLN A 1 192 ? 1.823   7.692   2.415   1.00 12.47 ? 170 GLN A O   1 
ATOM   1340 C CB  . GLN A 1 192 ? 3.240   6.430   -0.392  1.00 12.87 ? 170 GLN A CB  1 
ATOM   1341 C CG  . GLN A 1 192 ? 3.648   6.803   -1.813  1.00 13.14 ? 170 GLN A CG  1 
ATOM   1342 C CD  . GLN A 1 192 ? 3.652   5.625   -2.748  1.00 12.88 ? 170 GLN A CD  1 
ATOM   1343 O OE1 . GLN A 1 192 ? 3.804   4.479   -2.319  1.00 16.59 ? 170 GLN A OE1 1 
ATOM   1344 N NE2 . GLN A 1 192 ? 3.465   5.881   -4.036  1.00 8.39  ? 170 GLN A NE2 1 
ATOM   1345 N N   . LEU A 1 193 ? 3.448   6.187   2.723   1.00 10.77 ? 171 LEU A N   1 
ATOM   1346 C CA  . LEU A 1 193 ? 2.975   5.828   4.066   1.00 10.50 ? 171 LEU A CA  1 
ATOM   1347 C C   . LEU A 1 193 ? 2.867   7.046   5.017   1.00 11.08 ? 171 LEU A C   1 
ATOM   1348 O O   . LEU A 1 193 ? 1.820   7.282   5.615   1.00 11.63 ? 171 LEU A O   1 
ATOM   1349 C CB  . LEU A 1 193 ? 3.901   4.803   4.716   1.00 9.65  ? 171 LEU A CB  1 
ATOM   1350 C CG  . LEU A 1 193 ? 3.532   4.337   6.134   1.00 9.53  ? 171 LEU A CG  1 
ATOM   1351 C CD1 . LEU A 1 193 ? 2.128   3.666   6.259   1.00 9.82  ? 171 LEU A CD1 1 
ATOM   1352 C CD2 . LEU A 1 193 ? 4.696   3.452   6.732   1.00 9.53  ? 171 LEU A CD2 1 
ATOM   1353 N N   . LEU A 1 194 ? 3.957   7.802   5.146   1.00 11.40 ? 172 LEU A N   1 
ATOM   1354 C CA  . LEU A 1 194 ? 4.016   8.945   6.082   1.00 12.89 ? 172 LEU A CA  1 
ATOM   1355 C C   . LEU A 1 194 ? 2.982   10.001  5.727   1.00 12.70 ? 172 LEU A C   1 
ATOM   1356 O O   . LEU A 1 194 ? 2.384   10.590  6.620   1.00 14.20 ? 172 LEU A O   1 
ATOM   1357 C CB  . LEU A 1 194 ? 5.422   9.531   6.096   1.00 13.13 ? 172 LEU A CB  1 
ATOM   1358 C CG  . LEU A 1 194 ? 6.431   8.649   6.848   1.00 14.30 ? 172 LEU A CG  1 
ATOM   1359 C CD1 . LEU A 1 194 ? 7.906   9.086   6.585   1.00 16.29 ? 172 LEU A CD1 1 
ATOM   1360 C CD2 . LEU A 1 194 ? 6.098   8.694   8.322   1.00 14.24 ? 172 LEU A CD2 1 
ATOM   1361 N N   . GLU A 1 195 ? 2.703   10.163  4.445   1.00 13.89 ? 173 GLU A N   1 
ATOM   1362 C CA  . GLU A 1 195 ? 1.694   11.131  4.012   1.00 15.50 ? 173 GLU A CA  1 
ATOM   1363 C C   . GLU A 1 195 ? 0.307   10.661  4.389   1.00 15.34 ? 173 GLU A C   1 
ATOM   1364 O O   . GLU A 1 195 ? -0.532  11.456  4.857   1.00 13.85 ? 173 GLU A O   1 
ATOM   1365 C CB  . GLU A 1 195 ? 1.759   11.398  2.524   1.00 16.56 ? 173 GLU A CB  1 
ATOM   1366 C CG  . GLU A 1 195 ? 2.906   12.313  2.165   1.00 19.79 ? 173 GLU A CG  1 
ATOM   1367 C CD  . GLU A 1 195 ? 2.878   12.761  0.706   1.00 22.06 ? 173 GLU A CD  1 
ATOM   1368 O OE1 . GLU A 1 195 ? 1.790   12.651  0.027   1.00 24.92 ? 173 GLU A OE1 1 
ATOM   1369 O OE2 . GLU A 1 195 ? 3.995   13.221  0.274   1.00 31.44 ? 173 GLU A OE2 1 
ATOM   1370 N N   . ALA A 1 196 ? 0.076   9.354   4.219   1.00 14.32 ? 174 ALA A N   1 
ATOM   1371 C CA  . ALA A 1 196 ? -1.193  8.787   4.608   1.00 13.92 ? 174 ALA A CA  1 
ATOM   1372 C C   . ALA A 1 196 ? -1.350  8.878   6.123   1.00 13.18 ? 174 ALA A C   1 
ATOM   1373 O O   . ALA A 1 196 ? -2.443  9.230   6.596   1.00 12.97 ? 174 ALA A O   1 
ATOM   1374 C CB  . ALA A 1 196 ? -1.338  7.372   4.117   1.00 12.37 ? 174 ALA A CB  1 
ATOM   1375 N N   . LEU A 1 197 ? -0.276  8.627   6.887   1.00 13.55 ? 175 LEU A N   1 
ATOM   1376 C CA  . LEU A 1 197 ? -0.381  8.682   8.355   1.00 14.85 ? 175 LEU A CA  1 
ATOM   1377 C C   . LEU A 1 197 ? -0.717  10.118  8.884   1.00 15.27 ? 175 LEU A C   1 
ATOM   1378 O O   . LEU A 1 197 ? -1.526  10.311  9.796   1.00 14.50 ? 175 LEU A O   1 
ATOM   1379 C CB  . LEU A 1 197 ? 0.882   8.153   9.029   1.00 14.78 ? 175 LEU A CB  1 
ATOM   1380 C CG  . LEU A 1 197 ? 1.219   6.650   8.858   1.00 14.34 ? 175 LEU A CG  1 
ATOM   1381 C CD1 . LEU A 1 197 ? 2.283   6.267   9.883   1.00 14.64 ? 175 LEU A CD1 1 
ATOM   1382 C CD2 . LEU A 1 197 ? -0.057  5.743   8.937   1.00 13.73 ? 175 LEU A CD2 1 
ATOM   1383 N N   . GLN A 1 198 ? -0.103  11.085  8.232   1.00 17.37 ? 176 GLN A N   1 
ATOM   1384 C CA  . GLN A 1 198 ? -0.407  12.483  8.430   1.00 18.48 ? 176 GLN A CA  1 
ATOM   1385 C C   . GLN A 1 198 ? -1.876  12.792  8.190   1.00 18.98 ? 176 GLN A C   1 
ATOM   1386 O O   . GLN A 1 198 ? -2.537  13.409  9.049   1.00 18.08 ? 176 GLN A O   1 
ATOM   1387 C CB  . GLN A 1 198 ? 0.463   13.347  7.540   1.00 18.28 ? 176 GLN A CB  1 
ATOM   1388 C CG  . GLN A 1 198 ? 0.043   14.824  7.642   1.00 19.72 ? 176 GLN A CG  1 
ATOM   1389 C CD  . GLN A 1 198 ? 0.908   15.730  6.806   1.00 20.00 ? 176 GLN A CD  1 
ATOM   1390 O OE1 . GLN A 1 198 ? 1.052   15.517  5.610   1.00 22.51 ? 176 GLN A OE1 1 
ATOM   1391 N NE2 . GLN A 1 198 ? 1.477   16.755  7.436   1.00 23.25 ? 176 GLN A NE2 1 
ATOM   1392 N N   . ASP A 1 199 ? -2.385  12.324  7.057   1.00 20.41 ? 177 ASP A N   1 
ATOM   1393 C CA  . ASP A 1 199 ? -3.757  12.558  6.669   1.00 21.56 ? 177 ASP A CA  1 
ATOM   1394 C C   . ASP A 1 199 ? -4.742  11.894  7.636   1.00 22.38 ? 177 ASP A C   1 
ATOM   1395 O O   . ASP A 1 199 ? -5.820  12.430  7.878   1.00 22.27 ? 177 ASP A O   1 
ATOM   1396 C CB  . ASP A 1 199 ? -3.999  12.104  5.225   1.00 21.48 ? 177 ASP A CB  1 
ATOM   1397 C CG  . ASP A 1 199 ? -5.256  12.734  4.608   1.00 25.01 ? 177 ASP A CG  1 
ATOM   1398 O OD1 . ASP A 1 199 ? -5.470  13.971  4.799   1.00 28.56 ? 177 ASP A OD1 1 
ATOM   1399 O OD2 . ASP A 1 199 ? -6.036  11.994  3.950   1.00 29.17 ? 177 ASP A OD2 1 
ATOM   1400 N N   . LEU A 1 200 ? -4.369  10.756  8.207   1.00 23.69 ? 178 LEU A N   1 
ATOM   1401 C CA  . LEU A 1 200 ? -5.198  10.116  9.229   1.00 24.47 ? 178 LEU A CA  1 
ATOM   1402 C C   . LEU A 1 200 ? -5.101  10.780  10.609  1.00 25.52 ? 178 LEU A C   1 
ATOM   1403 O O   . LEU A 1 200 ? -5.769  10.327  11.548  1.00 25.55 ? 178 LEU A O   1 
ATOM   1404 C CB  . LEU A 1 200 ? -4.843  8.620   9.387   1.00 24.93 ? 178 LEU A CB  1 
ATOM   1405 C CG  . LEU A 1 200 ? -5.272  7.679   8.274   1.00 25.23 ? 178 LEU A CG  1 
ATOM   1406 C CD1 . LEU A 1 200 ? -4.590  6.322   8.467   1.00 24.49 ? 178 LEU A CD1 1 
ATOM   1407 C CD2 . LEU A 1 200 ? -6.812  7.580   8.270   1.00 26.62 ? 178 LEU A CD2 1 
ATOM   1408 N N   . GLY A 1 201 ? -4.244  11.794  10.753  1.00 25.66 ? 179 GLY A N   1 
ATOM   1409 C CA  . GLY A 1 201 ? -4.044  12.467  12.016  1.00 26.95 ? 179 GLY A CA  1 
ATOM   1410 C C   . GLY A 1 201 ? -3.245  11.717  13.074  1.00 28.13 ? 179 GLY A C   1 
ATOM   1411 O O   . GLY A 1 201 ? -3.411  11.954  14.276  1.00 25.96 ? 179 GLY A O   1 
ATOM   1412 N N   . LEU A 1 202 ? -2.378  10.808  12.627  1.00 28.97 ? 180 LEU A N   1 
ATOM   1413 C CA  . LEU A 1 202 ? -1.582  10.003  13.522  1.00 30.12 ? 180 LEU A CA  1 
ATOM   1414 C C   . LEU A 1 202 ? -0.225  10.664  13.827  1.00 31.49 ? 180 LEU A C   1 
ATOM   1415 O O   . LEU A 1 202 ? 0.509   10.177  14.704  1.00 32.25 ? 180 LEU A O   1 
ATOM   1416 C CB  . LEU A 1 202 ? -1.370  8.619   12.914  1.00 29.79 ? 180 LEU A CB  1 
ATOM   1417 C CG  . LEU A 1 202 ? -2.620  7.763   12.712  1.00 29.82 ? 180 LEU A CG  1 
ATOM   1418 C CD1 . LEU A 1 202 ? -2.362  6.665   11.665  1.00 28.70 ? 180 LEU A CD1 1 
ATOM   1419 C CD2 . LEU A 1 202 ? -3.063  7.165   14.041  1.00 31.25 ? 180 LEU A CD2 1 
ATOM   1420 N N   . LEU A 1 203 ? 0.126   11.743  13.122  1.00 32.70 ? 181 LEU A N   1 
ATOM   1421 C CA  . LEU A 1 203 ? 1.455   12.367  13.286  1.00 34.23 ? 181 LEU A CA  1 
ATOM   1422 C C   . LEU A 1 203 ? 1.390   13.705  14.058  1.00 35.71 ? 181 LEU A C   1 
ATOM   1423 O O   . LEU A 1 203 ? 2.235   14.587  13.883  1.00 35.60 ? 181 LEU A O   1 
ATOM   1424 C CB  . LEU A 1 203 ? 2.163   12.494  11.930  1.00 33.18 ? 181 LEU A CB  1 
ATOM   1425 C CG  . LEU A 1 203 ? 2.338   11.178  11.132  1.00 33.34 ? 181 LEU A CG  1 
ATOM   1426 C CD1 . LEU A 1 203 ? 3.043   11.404  9.803   1.00 29.82 ? 181 LEU A CD1 1 
ATOM   1427 C CD2 . LEU A 1 203 ? 3.079   10.084  11.933  1.00 31.24 ? 181 LEU A CD2 1 
ATOM   1428 N N   . GLN A 1 204 ? 0.411   13.766  14.968  1.00 38.31 ? 182 GLN A N   1 
ATOM   1429 C CA  . GLN A 1 204 ? -0.006  14.936  15.807  1.00 39.01 ? 182 GLN A CA  1 
ATOM   1430 C C   . GLN A 1 204 ? -1.199  15.630  15.189  1.00 40.05 ? 182 GLN A C   1 
ATOM   1431 O O   . GLN A 1 204 ? -2.334  15.170  15.369  1.00 41.40 ? 182 GLN A O   1 
ATOM   1432 C CB  . GLN A 1 204 ? 1.095   15.968  16.100  1.00 40.33 ? 182 GLN A CB  1 
ATOM   1433 C CG  . GLN A 1 204 ? 2.365   15.462  16.818  1.00 43.23 ? 182 GLN A CG  1 
ATOM   1434 C CD  . GLN A 1 204 ? 2.148   14.201  17.639  1.00 47.17 ? 182 GLN A CD  1 
ATOM   1435 O OE1 . GLN A 1 204 ? 2.753   13.154  17.363  1.00 50.10 ? 182 GLN A OE1 1 
ATOM   1436 N NE2 . GLN A 1 204 ? 1.285   14.290  18.648  1.00 48.26 ? 182 GLN A NE2 1 
HETATM 1437 O O   . HOH B 2 .   ? 2.549   -12.034 6.758   0.50 2.87  ? 196 HOH A O   1 
HETATM 1438 O O   . HOH B 2 .   ? -9.957  -5.225  -5.363  1.00 4.42  ? 197 HOH A O   1 
HETATM 1439 O O   . HOH B 2 .   ? 0.836   -12.714 3.738   1.00 8.73  ? 198 HOH A O   1 
HETATM 1440 O O   . HOH B 2 .   ? -0.258  -9.277  8.769   1.00 11.11 ? 199 HOH A O   1 
HETATM 1441 O O   . HOH B 2 .   ? -9.094  -4.437  -16.475 1.00 12.12 ? 200 HOH A O   1 
HETATM 1442 O O   . HOH B 2 .   ? -8.145  6.093   -15.809 1.00 13.02 ? 201 HOH A O   1 
HETATM 1443 O O   . HOH B 2 .   ? -1.482  -1.306  11.782  1.00 11.06 ? 202 HOH A O   1 
HETATM 1444 O O   . HOH B 2 .   ? -7.457  -10.141 -10.816 1.00 9.14  ? 203 HOH A O   1 
HETATM 1445 O O   . HOH B 2 .   ? -2.168  -2.059  1.855   1.00 8.97  ? 204 HOH A O   1 
HETATM 1446 O O   . HOH B 2 .   ? -12.165 -8.568  2.369   1.00 9.16  ? 205 HOH A O   1 
HETATM 1447 O O   . HOH B 2 .   ? -13.677 2.702   -2.734  1.00 15.49 ? 206 HOH A O   1 
HETATM 1448 O O   . HOH B 2 .   ? -14.293 0.890   8.057   1.00 9.71  ? 207 HOH A O   1 
HETATM 1449 O O   . HOH B 2 .   ? -0.686  0.253   15.633  1.00 13.72 ? 208 HOH A O   1 
HETATM 1450 O O   . HOH B 2 .   ? -3.702  -17.193 3.914   1.00 22.25 ? 209 HOH A O   1 
HETATM 1451 O O   . HOH B 2 .   ? 2.443   8.418   -5.464  1.00 15.32 ? 210 HOH A O   1 
HETATM 1452 O O   . HOH B 2 .   ? -13.997 2.478   1.808   1.00 15.55 ? 211 HOH A O   1 
HETATM 1453 O O   . HOH B 2 .   ? -6.200  -11.215 -12.906 1.00 12.82 ? 212 HOH A O   1 
HETATM 1454 O O   . HOH B 2 .   ? 10.440  4.929   0.404   1.00 22.43 ? 213 HOH A O   1 
HETATM 1455 O O   . HOH B 2 .   ? -6.853  -12.632 0.976   1.00 14.82 ? 214 HOH A O   1 
HETATM 1456 O O   . HOH B 2 .   ? -16.466 -3.631  0.665   1.00 18.44 ? 215 HOH A O   1 
HETATM 1457 O O   . HOH B 2 .   ? -15.567 2.357   11.473  1.00 20.24 ? 216 HOH A O   1 
HETATM 1458 O O   . HOH B 2 .   ? -0.842  14.082  4.318   1.00 17.79 ? 217 HOH A O   1 
HETATM 1459 O O   . HOH B 2 .   ? -10.722 -6.361  -10.286 1.00 10.81 ? 218 HOH A O   1 
HETATM 1460 O O   . HOH B 2 .   ? -10.586 -4.478  -12.389 1.00 15.41 ? 219 HOH A O   1 
HETATM 1461 O O   . HOH B 2 .   ? -12.637 -11.665 8.677   1.00 14.12 ? 220 HOH A O   1 
HETATM 1462 O O   . HOH B 2 .   ? -14.360 -2.278  11.382  1.00 8.47  ? 221 HOH A O   1 
HETATM 1463 O O   . HOH B 2 .   ? -9.975  -14.828 3.919   1.00 12.89 ? 222 HOH A O   1 
HETATM 1464 O O   . HOH B 2 .   ? -18.126 -3.637  3.949   1.00 12.17 ? 223 HOH A O   1 
HETATM 1465 O O   . HOH B 2 .   ? -11.765 4.618   1.436   1.00 15.45 ? 224 HOH A O   1 
HETATM 1466 O O   . HOH B 2 .   ? -1.279  -12.743 5.609   1.00 11.96 ? 225 HOH A O   1 
HETATM 1467 O O   . HOH B 2 .   ? -0.296  -8.144  -8.449  1.00 19.59 ? 226 HOH A O   1 
HETATM 1468 O O   . HOH B 2 .   ? 2.539   -5.788  -11.856 1.00 16.14 ? 227 HOH A O   1 
HETATM 1469 O O   . HOH B 2 .   ? -7.083  1.318   19.207  1.00 15.16 ? 228 HOH A O   1 
HETATM 1470 O O   . HOH B 2 .   ? 2.515   3.747   -6.108  1.00 15.55 ? 229 HOH A O   1 
HETATM 1471 O O   . HOH B 2 .   ? 1.377   -12.483 1.171   1.00 12.83 ? 230 HOH A O   1 
HETATM 1472 O O   . HOH B 2 .   ? -14.222 -0.551  -16.729 1.00 16.63 ? 231 HOH A O   1 
HETATM 1473 O O   . HOH B 2 .   ? 1.105   0.803   -17.810 1.00 20.93 ? 232 HOH A O   1 
HETATM 1474 O O   . HOH B 2 .   ? -13.047 -1.702  13.862  1.00 13.98 ? 233 HOH A O   1 
HETATM 1475 O O   . HOH B 2 .   ? -15.789 -1.071  -2.208  1.00 15.15 ? 234 HOH A O   1 
HETATM 1476 O O   . HOH B 2 .   ? 14.454  2.126   2.393   1.00 17.19 ? 235 HOH A O   1 
HETATM 1477 O O   . HOH B 2 .   ? -12.229 4.994   -12.230 1.00 20.45 ? 236 HOH A O   1 
HETATM 1478 O O   . HOH B 2 .   ? -7.752  -16.593 -3.615  1.00 22.62 ? 237 HOH A O   1 
HETATM 1479 O O   . HOH B 2 .   ? -4.695  -14.567 -6.460  1.00 18.08 ? 238 HOH A O   1 
HETATM 1480 O O   . HOH B 2 .   ? 0.273   -5.882  -15.250 1.00 23.90 ? 239 HOH A O   1 
HETATM 1481 O O   . HOH B 2 .   ? -8.315  -14.327 -0.119  1.00 20.12 ? 240 HOH A O   1 
HETATM 1482 O O   . HOH B 2 .   ? -13.528 4.915   -9.818  1.00 17.60 ? 241 HOH A O   1 
HETATM 1483 O O   . HOH B 2 .   ? -17.223 0.709   -6.083  1.00 14.57 ? 242 HOH A O   1 
HETATM 1484 O O   . HOH B 2 .   ? -10.858 -2.916  -17.452 1.00 21.52 ? 243 HOH A O   1 
HETATM 1485 O O   . HOH B 2 .   ? -2.676  -15.884 6.772   0.50 12.77 ? 244 HOH A O   1 
HETATM 1486 O O   . HOH B 2 .   ? 4.852   14.449  -2.615  1.00 28.12 ? 245 HOH A O   1 
HETATM 1487 O O   . HOH B 2 .   ? -3.997  15.153  -8.851  1.00 22.64 ? 246 HOH A O   1 
HETATM 1488 O O   . HOH B 2 .   ? -17.576 -7.082  2.473   1.00 17.51 ? 247 HOH A O   1 
HETATM 1489 O O   . HOH B 2 .   ? 10.288  -15.109 -3.869  1.00 16.01 ? 248 HOH A O   1 
HETATM 1490 O O   . HOH B 2 .   ? 4.835   2.422   -3.892  1.00 16.89 ? 249 HOH A O   1 
HETATM 1491 O O   . HOH B 2 .   ? 1.670   -7.106  -7.036  1.00 14.78 ? 250 HOH A O   1 
HETATM 1492 O O   . HOH B 2 .   ? 2.681   6.294   20.502  1.00 26.07 ? 251 HOH A O   1 
HETATM 1493 O O   . HOH B 2 .   ? -15.774 -6.035  -8.299  1.00 18.77 ? 252 HOH A O   1 
HETATM 1494 O O   . HOH B 2 .   ? -9.617  3.643   15.618  1.00 23.04 ? 253 HOH A O   1 
HETATM 1495 O O   . HOH B 2 .   ? -17.290 -6.310  7.230   1.00 16.54 ? 254 HOH A O   1 
HETATM 1496 O O   . HOH B 2 .   ? 13.944  3.368   5.522   1.00 37.89 ? 255 HOH A O   1 
HETATM 1497 O O   . HOH B 2 .   ? -3.967  -3.104  13.976  1.00 18.19 ? 256 HOH A O   1 
HETATM 1498 O O   . HOH B 2 .   ? 2.871   15.556  3.828   1.00 24.85 ? 257 HOH A O   1 
HETATM 1499 O O   . HOH B 2 .   ? 4.854   -0.127  -3.051  1.00 16.80 ? 258 HOH A O   1 
HETATM 1500 O O   . HOH B 2 .   ? -16.191 -11.096 -2.212  1.00 28.97 ? 259 HOH A O   1 
HETATM 1501 O O   . HOH B 2 .   ? 5.957   11.750  3.247   1.00 24.44 ? 260 HOH A O   1 
HETATM 1502 O O   . HOH B 2 .   ? -6.544  -18.989 6.152   0.50 19.31 ? 261 HOH A O   1 
HETATM 1503 O O   . HOH B 2 .   ? -15.143 -1.329  3.542   1.00 21.09 ? 262 HOH A O   1 
HETATM 1504 O O   . HOH B 2 .   ? -0.665  13.807  -7.370  1.00 27.46 ? 263 HOH A O   1 
HETATM 1505 O O   . HOH B 2 .   ? -1.457  -7.713  -16.597 1.00 23.29 ? 264 HOH A O   1 
HETATM 1506 O O   . HOH B 2 .   ? -1.116  4.643   19.755  1.00 23.55 ? 265 HOH A O   1 
HETATM 1507 O O   . HOH B 2 .   ? 1.235   10.078  -1.290  1.00 20.45 ? 266 HOH A O   1 
HETATM 1508 O O   . HOH B 2 .   ? -15.059 -0.977  -13.447 1.00 12.43 ? 267 HOH A O   1 
HETATM 1509 O O   . HOH B 2 .   ? 5.970   -7.495  -8.286  1.00 35.12 ? 268 HOH A O   1 
HETATM 1510 O O   . HOH B 2 .   ? 15.690  10.509  -15.328 1.00 33.89 ? 269 HOH A O   1 
HETATM 1511 O O   . HOH B 2 .   ? 6.131   0.728   26.106  1.00 32.19 ? 270 HOH A O   1 
HETATM 1512 O O   . HOH B 2 .   ? 16.135  2.077   22.276  1.00 52.37 ? 271 HOH A O   1 
HETATM 1513 O O   . HOH B 2 .   ? -1.223  13.978  11.391  1.00 23.28 ? 272 HOH A O   1 
HETATM 1514 O O   . HOH B 2 .   ? -6.968  -5.258  22.263  1.00 30.04 ? 273 HOH A O   1 
HETATM 1515 O O   . HOH B 2 .   ? -14.239 -12.086 -1.568  1.00 27.52 ? 274 HOH A O   1 
HETATM 1516 O O   . HOH B 2 .   ? -6.962  -16.247 -1.188  1.00 25.33 ? 275 HOH A O   1 
HETATM 1517 O O   . HOH B 2 .   ? -4.126  13.628  -1.851  1.00 36.57 ? 276 HOH A O   1 
HETATM 1518 O O   . HOH B 2 .   ? -0.650  8.778   -19.441 1.00 41.98 ? 277 HOH A O   1 
HETATM 1519 O O   . HOH B 2 .   ? -8.636  5.277   17.476  1.00 34.90 ? 278 HOH A O   1 
HETATM 1520 O O   . HOH B 2 .   ? 0.312   -8.874  -13.032 1.00 26.97 ? 279 HOH A O   1 
HETATM 1521 O O   . HOH B 2 .   ? 3.877   6.932   16.964  1.00 29.80 ? 280 HOH A O   1 
HETATM 1522 O O   . HOH B 2 .   ? -2.795  -10.052 -15.296 1.00 25.71 ? 281 HOH A O   1 
HETATM 1523 O O   . HOH B 2 .   ? -15.369 -5.346  11.186  1.00 24.91 ? 282 HOH A O   1 
HETATM 1524 O O   . HOH B 2 .   ? 0.273   -9.070  -10.753 1.00 25.50 ? 283 HOH A O   1 
HETATM 1525 O O   . HOH B 2 .   ? -10.540 12.226  -11.249 1.00 28.38 ? 284 HOH A O   1 
HETATM 1526 O O   . HOH B 2 .   ? -3.430  -6.635  -21.951 1.00 51.62 ? 285 HOH A O   1 
HETATM 1527 O O   . HOH B 2 .   ? -18.539 -6.684  -0.228  1.00 17.91 ? 286 HOH A O   1 
HETATM 1528 O O   . HOH B 2 .   ? -18.325 -0.919  5.184   1.00 10.26 ? 287 HOH A O   1 
HETATM 1529 O O   . HOH B 2 .   ? 0.346   -11.734 7.714   1.00 11.10 ? 288 HOH A O   1 
HETATM 1530 O O   . HOH B 2 .   ? -15.799 0.630   5.632   1.00 12.13 ? 289 HOH A O   1 
HETATM 1531 O O   . HOH B 2 .   ? -15.984 2.633   3.791   1.00 16.64 ? 290 HOH A O   1 
HETATM 1532 O O   . HOH B 2 .   ? -15.570 -0.071  10.233  1.00 13.32 ? 291 HOH A O   1 
HETATM 1533 O O   . HOH B 2 .   ? -13.032 -13.462 -6.782  1.00 19.02 ? 292 HOH A O   1 
HETATM 1534 O O   . HOH B 2 .   ? -16.398 -2.491  -11.617 1.00 19.56 ? 293 HOH A O   1 
HETATM 1535 O O   . HOH B 2 .   ? -10.775 -15.244 1.551   1.00 26.10 ? 294 HOH A O   1 
HETATM 1536 O O   . HOH B 2 .   ? -13.619 -3.831  15.401  1.00 20.52 ? 295 HOH A O   1 
HETATM 1537 O O   . HOH B 2 .   ? -14.406 -10.151 3.065   1.00 19.68 ? 296 HOH A O   1 
HETATM 1538 O O   . HOH B 2 .   ? -10.756 -13.735 8.434   1.00 28.30 ? 297 HOH A O   1 
HETATM 1539 O O   . HOH B 2 .   ? 3.469   -5.705  -3.037  1.00 27.22 ? 298 HOH A O   1 
HETATM 1540 O O   . HOH B 2 .   ? -12.853 2.274   -13.036 1.00 15.24 ? 299 HOH A O   1 
HETATM 1541 O O   . HOH B 2 .   ? -16.029 -1.045  0.811   1.00 23.09 ? 300 HOH A O   1 
HETATM 1542 O O   . HOH B 2 .   ? 7.512   17.159  -6.504  1.00 26.30 ? 301 HOH A O   1 
HETATM 1543 O O   . HOH B 2 .   ? -16.762 -9.464  2.625   1.00 27.60 ? 302 HOH A O   1 
HETATM 1544 O O   . HOH B 2 .   ? -17.100 -8.661  6.451   1.00 25.52 ? 303 HOH A O   1 
HETATM 1545 O O   . HOH B 2 .   ? -15.569 1.481   -12.909 1.00 27.19 ? 304 HOH A O   1 
HETATM 1546 O O   . HOH B 2 .   ? -2.531  10.241  1.482   1.00 27.16 ? 305 HOH A O   1 
HETATM 1547 O O   . HOH B 2 .   ? -0.015  9.004   0.709   1.00 20.62 ? 306 HOH A O   1 
HETATM 1548 O O   . HOH B 2 .   ? -7.390  -12.592 -9.569  1.00 19.51 ? 307 HOH A O   1 
HETATM 1549 O O   . HOH B 2 .   ? 15.567  1.462   15.446  1.00 25.27 ? 308 HOH A O   1 
HETATM 1550 O O   . HOH B 2 .   ? 3.195   -6.203  -8.967  1.00 28.60 ? 309 HOH A O   1 
HETATM 1551 O O   . HOH B 2 .   ? -18.764 -5.826  -8.145  1.00 36.97 ? 310 HOH A O   1 
HETATM 1552 O O   . HOH B 2 .   ? 8.302   11.855  4.474   1.00 41.30 ? 311 HOH A O   1 
HETATM 1553 O O   . HOH B 2 .   ? 6.918   4.055   -5.167  1.00 29.64 ? 312 HOH A O   1 
HETATM 1554 O O   . HOH B 2 .   ? 13.568  1.086   -4.308  1.00 38.57 ? 313 HOH A O   1 
HETATM 1555 O O   . HOH B 2 .   ? -0.854  -2.263  14.657  1.00 27.33 ? 314 HOH A O   1 
HETATM 1556 O O   . HOH B 2 .   ? 0.936   7.195   -20.590 1.00 38.62 ? 315 HOH A O   1 
HETATM 1557 O O   . HOH B 2 .   ? 5.598   7.686   -25.125 1.00 37.73 ? 316 HOH A O   1 
HETATM 1558 O O   . HOH B 2 .   ? -10.450 -12.024 -8.568  1.00 28.30 ? 317 HOH A O   1 
HETATM 1559 O O   . HOH B 2 .   ? -13.514 0.697   15.344  1.00 27.17 ? 318 HOH A O   1 
HETATM 1560 O O   . HOH B 2 .   ? 17.854  -1.612  2.004   1.00 37.21 ? 319 HOH A O   1 
HETATM 1561 O O   . HOH B 2 .   ? 9.307   6.342   -11.609 1.00 24.71 ? 320 HOH A O   1 
HETATM 1562 O O   . HOH B 2 .   ? -17.741 -5.848  9.685   1.00 30.76 ? 321 HOH A O   1 
HETATM 1563 O O   . HOH B 2 .   ? -2.869  16.131  12.970  1.00 38.34 ? 322 HOH A O   1 
HETATM 1564 O O   . HOH B 2 .   ? 4.127   -3.815  -7.684  1.00 27.20 ? 323 HOH A O   1 
HETATM 1565 O O   . HOH B 2 .   ? -5.646  -22.104 3.496   1.00 26.20 ? 324 HOH A O   1 
HETATM 1566 O O   . HOH B 2 .   ? 0.196   -4.945  -21.424 1.00 48.54 ? 325 HOH A O   1 
HETATM 1567 O O   . HOH B 2 .   ? -14.711 7.220   -7.831  1.00 38.86 ? 326 HOH A O   1 
HETATM 1568 O O   . HOH B 2 .   ? -9.103  -17.382 4.425   1.00 34.20 ? 327 HOH A O   1 
HETATM 1569 O O   . HOH B 2 .   ? -12.864 5.222   12.462  1.00 34.27 ? 328 HOH A O   1 
HETATM 1570 O O   . HOH B 2 .   ? 9.395   -17.087 -1.549  1.00 28.76 ? 329 HOH A O   1 
HETATM 1571 O O   . HOH B 2 .   ? 12.814  6.050   11.973  1.00 35.70 ? 330 HOH A O   1 
HETATM 1572 O O   . HOH B 2 .   ? 6.040   -7.679  -5.339  1.00 32.96 ? 331 HOH A O   1 
HETATM 1573 O O   . HOH B 2 .   ? 11.830  12.442  -11.388 1.00 30.47 ? 332 HOH A O   1 
HETATM 1574 O O   . HOH B 2 .   ? 0.238   -20.252 -1.784  1.00 33.32 ? 333 HOH A O   1 
HETATM 1575 O O   . HOH B 2 .   ? 6.682   16.214  -3.060  1.00 29.91 ? 334 HOH A O   1 
HETATM 1576 O O   . HOH B 2 .   ? -11.339 -15.158 5.961   1.00 33.18 ? 335 HOH A O   1 
HETATM 1577 O O   . HOH B 2 .   ? -14.882 -6.171  13.615  1.00 33.33 ? 336 HOH A O   1 
HETATM 1578 O O   . HOH B 2 .   ? 4.166   -13.743 -8.392  1.00 32.55 ? 337 HOH A O   1 
HETATM 1579 O O   . HOH B 2 .   ? -2.970  22.786  -11.821 0.33 49.87 ? 338 HOH A O   1 
HETATM 1580 O O   . HOH B 2 .   ? -12.967 -7.618  13.246  1.00 39.61 ? 339 HOH A O   1 
HETATM 1581 O O   . HOH B 2 .   ? -16.923 1.199   -10.100 1.00 26.20 ? 340 HOH A O   1 
HETATM 1582 O O   . HOH B 2 .   ? 3.332   9.696   16.259  1.00 45.96 ? 341 HOH A O   1 
HETATM 1583 O O   . HOH B 2 .   ? -7.044  -8.114  14.315  1.00 28.56 ? 342 HOH A O   1 
HETATM 1584 O O   . HOH B 2 .   ? -0.436  -11.690 -0.699  1.00 28.54 ? 343 HOH A O   1 
HETATM 1585 O O   . HOH B 2 .   ? -11.408 2.113   16.684  1.00 32.32 ? 344 HOH A O   1 
HETATM 1586 O O   . HOH B 2 .   ? -15.281 -9.890  5.614   1.00 28.15 ? 345 HOH A O   1 
HETATM 1587 O O   . HOH B 2 .   ? 14.978  12.656  -14.314 1.00 29.13 ? 346 HOH A O   1 
HETATM 1588 O O   . HOH B 2 .   ? -13.905 -14.522 5.367   1.00 34.56 ? 347 HOH A O   1 
HETATM 1589 O O   . HOH B 2 .   ? -5.202  16.792  -12.016 1.00 35.43 ? 348 HOH A O   1 
HETATM 1590 O O   . HOH B 2 .   ? 0.674   -11.247 -10.618 1.00 34.89 ? 349 HOH A O   1 
HETATM 1591 O O   . HOH B 2 .   ? -15.288 -0.603  17.694  1.00 41.69 ? 350 HOH A O   1 
HETATM 1592 O O   . HOH B 2 .   ? 3.786   -5.929  -5.804  1.00 33.41 ? 351 HOH A O   1 
HETATM 1593 O O   . HOH B 2 .   ? -7.056  -15.624 -5.920  1.00 51.21 ? 352 HOH A O   1 
HETATM 1594 O O   . HOH B 2 .   ? -8.081  3.694   19.708  1.00 43.25 ? 353 HOH A O   1 
HETATM 1595 O O   . HOH B 2 .   ? -12.073 -5.421  17.292  1.00 35.59 ? 354 HOH A O   1 
HETATM 1596 O O   . HOH B 2 .   ? -14.563 -14.220 -4.827  1.00 39.67 ? 355 HOH A O   1 
HETATM 1597 O O   . HOH B 2 .   ? -4.017  7.092   20.220  1.00 56.44 ? 356 HOH A O   1 
HETATM 1598 O O   . HOH B 2 .   ? -2.831  18.162  -14.388 1.00 39.09 ? 357 HOH A O   1 
HETATM 1599 O O   . HOH B 2 .   ? 6.613   -20.461 -4.057  1.00 33.39 ? 358 HOH A O   1 
HETATM 1600 O O   . HOH B 2 .   ? 11.322  5.517   -12.843 1.00 28.10 ? 359 HOH A O   1 
HETATM 1601 O O   . HOH B 2 .   ? -14.462 10.230  -8.401  1.00 37.51 ? 360 HOH A O   1 
HETATM 1602 O O   . HOH B 2 .   ? -5.008  0.398   -20.113 1.00 30.96 ? 361 HOH A O   1 
HETATM 1603 O O   . HOH B 2 .   ? 17.519  -1.247  9.514   1.00 28.21 ? 362 HOH A O   1 
HETATM 1604 O O   . HOH B 2 .   ? -8.238  14.284  6.016   1.00 40.12 ? 363 HOH A O   1 
HETATM 1605 O O   . HOH B 2 .   ? 4.048   14.927  20.053  1.00 63.40 ? 364 HOH A O   1 
HETATM 1606 O O   . HOH B 2 .   ? 1.516   17.701  -8.295  1.00 39.44 ? 365 HOH A O   1 
HETATM 1607 O O   . HOH B 2 .   ? -14.708 2.877   14.034  1.00 36.26 ? 366 HOH A O   1 
HETATM 1608 O O   . HOH B 2 .   ? 17.824  1.708   8.264   1.00 40.01 ? 367 HOH A O   1 
HETATM 1609 O O   . HOH B 2 .   ? 0.311   5.220   21.723  1.00 37.23 ? 368 HOH A O   1 
HETATM 1610 O O   . HOH B 2 .   ? -9.993  -3.292  23.038  1.00 56.52 ? 369 HOH A O   1 
HETATM 1611 O O   . HOH B 2 .   ? 4.369   10.368  -1.271  1.00 35.39 ? 370 HOH A O   1 
HETATM 1612 O O   . HOH B 2 .   ? -12.072 11.823  -2.660  1.00 39.49 ? 371 HOH A O   1 
HETATM 1613 O O   . HOH B 2 .   ? 4.035   12.989  -22.669 1.00 41.27 ? 372 HOH A O   1 
HETATM 1614 O O   . HOH B 2 .   ? 5.105   16.490  17.375  1.00 70.55 ? 373 HOH A O   1 
HETATM 1615 O O   . HOH B 2 .   ? -8.931  -5.224  17.721  1.00 32.84 ? 374 HOH A O   1 
HETATM 1616 O O   . HOH B 2 .   ? 7.385   -0.118  -8.567  1.00 49.61 ? 375 HOH A O   1 
HETATM 1617 O O   . HOH B 2 .   ? -6.593  -6.024  15.135  1.00 33.07 ? 376 HOH A O   1 
HETATM 1618 O O   . HOH B 2 .   ? 7.211   19.422  -9.228  1.00 37.13 ? 377 HOH A O   1 
HETATM 1619 O O   . HOH B 2 .   ? -17.254 -10.806 -4.746  1.00 40.57 ? 378 HOH A O   1 
HETATM 1620 O O   . HOH B 2 .   ? 5.800   18.328  -10.547 1.00 34.50 ? 379 HOH A O   1 
HETATM 1621 O O   . HOH B 2 .   ? -10.169 11.802  -6.498  1.00 37.41 ? 380 HOH A O   1 
HETATM 1622 O O   . HOH B 2 .   ? 10.374  -1.123  -8.872  1.00 48.38 ? 381 HOH A O   1 
HETATM 1623 O O   . HOH B 2 .   ? -12.998 11.794  -6.874  1.00 35.67 ? 382 HOH A O   1 
HETATM 1624 O O   . HOH B 2 .   ? -9.042  10.602  5.625   1.00 48.13 ? 383 HOH A O   1 
HETATM 1625 O O   . HOH B 2 .   ? -5.415  8.652   4.428   1.00 49.13 ? 384 HOH A O   1 
HETATM 1626 O O   . HOH B 2 .   ? -9.427  9.735   -15.917 1.00 46.35 ? 385 HOH A O   1 
HETATM 1627 O O   . HOH B 2 .   ? 10.821  6.808   -6.178  1.00 49.17 ? 386 HOH A O   1 
HETATM 1628 O O   . HOH B 2 .   ? -10.722 -4.604  20.596  1.00 42.59 ? 387 HOH A O   1 
HETATM 1629 O O   . HOH B 2 .   ? -14.800 -12.191 7.499   1.00 31.96 ? 388 HOH A O   1 
HETATM 1630 O O   . HOH B 2 .   ? 5.149   -2.920  -3.782  1.00 22.06 ? 389 HOH A O   1 
HETATM 1631 O O   . HOH B 2 .   ? -9.864  6.251   1.872   1.00 44.99 ? 390 HOH A O   1 
HETATM 1632 O O   . HOH B 2 .   ? -8.373  -13.425 -6.669  1.00 48.32 ? 391 HOH A O   1 
# 
loop_
_pdbx_poly_seq_scheme.asym_id 
_pdbx_poly_seq_scheme.entity_id 
_pdbx_poly_seq_scheme.seq_id 
_pdbx_poly_seq_scheme.mon_id 
_pdbx_poly_seq_scheme.ndb_seq_num 
_pdbx_poly_seq_scheme.pdb_seq_num 
_pdbx_poly_seq_scheme.auth_seq_num 
_pdbx_poly_seq_scheme.pdb_mon_id 
_pdbx_poly_seq_scheme.auth_mon_id 
_pdbx_poly_seq_scheme.pdb_strand_id 
_pdbx_poly_seq_scheme.pdb_ins_code 
_pdbx_poly_seq_scheme.hetero 
A 1 1   MET 1   -21 ?   ?   ?   A . n 
A 1 2   HIS 2   -20 ?   ?   ?   A . n 
A 1 3   HIS 3   -19 ?   ?   ?   A . n 
A 1 4   HIS 4   -18 ?   ?   ?   A . n 
A 1 5   HIS 5   -17 ?   ?   ?   A . n 
A 1 6   HIS 6   -16 ?   ?   ?   A . n 
A 1 7   HIS 7   -15 ?   ?   ?   A . n 
A 1 8   SER 8   -14 ?   ?   ?   A . n 
A 1 9   SER 9   -13 ?   ?   ?   A . n 
A 1 10  GLY 10  -12 ?   ?   ?   A . n 
A 1 11  VAL 11  -11 ?   ?   ?   A . n 
A 1 12  ASP 12  -10 ?   ?   ?   A . n 
A 1 13  LEU 13  -9  ?   ?   ?   A . n 
A 1 14  GLY 14  -8  ?   ?   ?   A . n 
A 1 15  THR 15  -7  ?   ?   ?   A . n 
A 1 16  GLU 16  -6  ?   ?   ?   A . n 
A 1 17  ASN 17  -5  ?   ?   ?   A . n 
A 1 18  LEU 18  -4  ?   ?   ?   A . n 
A 1 19  TYR 19  -3  ?   ?   ?   A . n 
A 1 20  PHE 20  -2  ?   ?   ?   A . n 
A 1 21  GLN 21  -1  ?   ?   ?   A . n 
A 1 22  SER 22  0   ?   ?   ?   A . n 
A 1 23  MET 23  1   ?   ?   ?   A . n 
A 1 24  ALA 24  2   ?   ?   ?   A . n 
A 1 25  GLY 25  3   3   GLY GLY A . n 
A 1 26  ALA 26  4   4   ALA ALA A . n 
A 1 27  ARG 27  5   5   ARG ARG A . n 
A 1 28  ARG 28  6   6   ARG ARG A . n 
A 1 29  LEU 29  7   7   LEU LEU A . n 
A 1 30  GLU 30  8   8   GLU GLU A . n 
A 1 31  LEU 31  9   9   LEU LEU A . n 
A 1 32  GLY 32  10  10  GLY GLY A . n 
A 1 33  GLU 33  11  11  GLU GLU A . n 
A 1 34  ALA 34  12  12  ALA ALA A . n 
A 1 35  LEU 35  13  13  LEU LEU A . n 
A 1 36  ALA 36  14  14  ALA ALA A . n 
A 1 37  LEU 37  15  15  LEU LEU A . n 
A 1 38  GLY 38  16  16  GLY GLY A . n 
A 1 39  SER 39  17  17  SER SER A . n 
A 1 40  GLY 40  18  18  GLY GLY A . n 
A 1 41  TRP 41  19  19  TRP TRP A . n 
A 1 42  ARG 42  20  20  ARG ARG A . n 
A 1 43  HIS 43  21  21  HIS HIS A . n 
A 1 44  VAL 44  22  22  VAL VAL A . n 
A 1 45  CYS 45  23  23  CYS CYS A . n 
A 1 46  HIS 46  24  24  HIS HIS A . n 
A 1 47  ALA 47  25  25  ALA ALA A . n 
A 1 48  LEU 48  26  26  LEU LEU A . n 
A 1 49  LEU 49  27  27  LEU LEU A . n 
A 1 50  TYR 50  28  28  TYR TYR A . n 
A 1 51  ALA 51  29  29  ALA ALA A . n 
A 1 52  PRO 52  30  30  PRO PRO A . n 
A 1 53  ASP 53  31  31  ASP ASP A . n 
A 1 54  PRO 54  32  32  PRO PRO A . n 
A 1 55  GLY 55  33  33  GLY GLY A . n 
A 1 56  MET 56  34  34  MET MET A . n 
A 1 57  LEU 57  35  35  LEU LEU A . n 
A 1 58  PHE 58  36  36  PHE PHE A . n 
A 1 59  GLY 59  37  37  GLY GLY A . n 
A 1 60  ARG 60  38  38  ARG ARG A . n 
A 1 61  ILE 61  39  39  ILE ILE A . n 
A 1 62  PRO 62  40  40  PRO PRO A . n 
A 1 63  LEU 63  41  41  LEU LEU A . n 
A 1 64  ARG 64  42  42  ARG ARG A . n 
A 1 65  TYR 65  43  43  TYR TYR A . n 
A 1 66  ALA 66  44  44  ALA ALA A . n 
A 1 67  ILE 67  45  45  ILE ILE A . n 
A 1 68  LEU 68  46  46  LEU LEU A . n 
A 1 69  MET 69  47  47  MET MET A . n 
A 1 70  GLN 70  48  48  GLN GLN A . n 
A 1 71  MET 71  49  49  MET MET A . n 
A 1 72  ARG 72  50  50  ARG ARG A . n 
A 1 73  PHE 73  51  51  PHE PHE A . n 
A 1 74  ASP 74  52  52  ASP ASP A . n 
A 1 75  GLY 75  53  53  GLY GLY A . n 
A 1 76  ARG 76  54  54  ARG ARG A . n 
A 1 77  LEU 77  55  55  LEU LEU A . n 
A 1 78  GLY 78  56  56  GLY GLY A . n 
A 1 79  PHE 79  57  57  PHE PHE A . n 
A 1 80  PRO 80  58  58  PRO PRO A . n 
A 1 81  GLY 81  59  59  GLY GLY A . n 
A 1 82  GLY 82  60  60  GLY GLY A . n 
A 1 83  PHE 83  61  61  PHE PHE A . n 
A 1 84  VAL 84  62  62  VAL VAL A . n 
A 1 85  ASP 85  63  63  ASP ASP A . n 
A 1 86  THR 86  64  64  THR THR A . n 
A 1 87  GLN 87  65  65  GLN GLN A . n 
A 1 88  ASP 88  66  66  ASP ASP A . n 
A 1 89  ARG 89  67  67  ARG ARG A . n 
A 1 90  SER 90  68  68  SER SER A . n 
A 1 91  LEU 91  69  69  LEU LEU A . n 
A 1 92  GLU 92  70  70  GLU GLU A . n 
A 1 93  ASP 93  71  71  ASP ASP A . n 
A 1 94  GLY 94  72  72  GLY GLY A . n 
A 1 95  LEU 95  73  73  LEU LEU A . n 
A 1 96  ASN 96  74  74  ASN ASN A . n 
A 1 97  ARG 97  75  75  ARG ARG A . n 
A 1 98  GLU 98  76  76  GLU GLU A . n 
A 1 99  LEU 99  77  77  LEU LEU A . n 
A 1 100 ARG 100 78  78  ARG ARG A . n 
A 1 101 GLU 101 79  79  GLU GLU A . n 
A 1 102 GLU 102 80  80  GLU GLU A . n 
A 1 103 LEU 103 81  81  LEU LEU A . n 
A 1 104 GLY 104 82  82  GLY GLY A . n 
A 1 105 GLU 105 83  83  GLU GLU A . n 
A 1 106 ALA 106 84  84  ALA ALA A . n 
A 1 107 ALA 107 85  85  ALA ALA A . n 
A 1 108 ALA 108 86  86  ALA ALA A . n 
A 1 109 ALA 109 87  87  ALA ALA A . n 
A 1 110 PHE 110 88  88  PHE PHE A . n 
A 1 111 ARG 111 89  89  ARG ARG A . n 
A 1 112 VAL 112 90  90  VAL VAL A . n 
A 1 113 GLU 113 91  91  GLU GLU A . n 
A 1 114 ARG 114 92  92  ARG ARG A . n 
A 1 115 THR 115 93  93  THR THR A . n 
A 1 116 ASP 116 94  94  ASP ASP A . n 
A 1 117 TYR 117 95  95  TYR TYR A . n 
A 1 118 ARG 118 96  96  ARG ARG A . n 
A 1 119 SER 119 97  97  SER SER A . n 
A 1 120 SER 120 98  98  SER SER A . n 
A 1 121 HIS 121 99  99  HIS HIS A . n 
A 1 122 VAL 122 100 100 VAL VAL A . n 
A 1 123 GLY 123 101 101 GLY GLY A . n 
A 1 124 SER 124 102 102 SER SER A . n 
A 1 125 GLY 125 103 103 GLY GLY A . n 
A 1 126 PRO 126 104 104 PRO PRO A . n 
A 1 127 ARG 127 105 105 ARG ARG A . n 
A 1 128 VAL 128 106 106 VAL VAL A . n 
A 1 129 VAL 129 107 107 VAL VAL A . n 
A 1 130 ALA 130 108 108 ALA ALA A . n 
A 1 131 HIS 131 109 109 HIS HIS A . n 
A 1 132 PHE 132 110 110 PHE PHE A . n 
A 1 133 TYR 133 111 111 TYR TYR A . n 
A 1 134 ALA 134 112 112 ALA ALA A . n 
A 1 135 LYS 135 113 113 LYS LYS A . n 
A 1 136 ARG 136 114 114 ARG ARG A . n 
A 1 137 LEU 137 115 115 LEU LEU A . n 
A 1 138 THR 138 116 116 THR THR A . n 
A 1 139 LEU 139 117 117 LEU LEU A . n 
A 1 140 GLU 140 118 118 GLU GLU A . n 
A 1 141 GLU 141 119 119 GLU GLU A . n 
A 1 142 LEU 142 120 120 LEU LEU A . n 
A 1 143 LEU 143 121 121 LEU LEU A . n 
A 1 144 ALA 144 122 122 ALA ALA A . n 
A 1 145 VAL 145 123 123 VAL VAL A . n 
A 1 146 GLU 146 124 124 GLU GLU A . n 
A 1 147 ALA 147 125 125 ALA ALA A . n 
A 1 148 GLY 148 126 126 GLY GLY A . n 
A 1 149 ALA 149 127 127 ALA ALA A . n 
A 1 150 THR 150 128 128 THR THR A . n 
A 1 151 ARG 151 129 129 ARG ARG A . n 
A 1 152 ALA 152 130 130 ALA ALA A . n 
A 1 153 LYS 153 131 131 LYS LYS A . n 
A 1 154 ASP 154 132 132 ASP ASP A . n 
A 1 155 HIS 155 133 133 HIS HIS A . n 
A 1 156 GLY 156 134 134 GLY GLY A . n 
A 1 157 LEU 157 135 135 LEU LEU A . n 
A 1 158 GLU 158 136 136 GLU GLU A . n 
A 1 159 VAL 159 137 137 VAL VAL A . n 
A 1 160 LEU 160 138 138 LEU LEU A . n 
A 1 161 GLY 161 139 139 GLY GLY A . n 
A 1 162 LEU 162 140 140 LEU LEU A . n 
A 1 163 VAL 163 141 141 VAL VAL A . n 
A 1 164 ARG 164 142 142 ARG ARG A . n 
A 1 165 VAL 165 143 143 VAL VAL A . n 
A 1 166 PRO 166 144 144 PRO PRO A . n 
A 1 167 LEU 167 145 145 LEU LEU A . n 
A 1 168 TYR 168 146 146 TYR TYR A . n 
A 1 169 THR 169 147 147 THR THR A . n 
A 1 170 LEU 170 148 148 LEU LEU A . n 
A 1 171 ARG 171 149 149 ARG ARG A . n 
A 1 172 ASP 172 150 150 ASP ASP A . n 
A 1 173 GLY 173 151 151 GLY GLY A . n 
A 1 174 VAL 174 152 152 VAL VAL A . n 
A 1 175 GLY 175 153 153 GLY GLY A . n 
A 1 176 GLY 176 154 154 GLY GLY A . n 
A 1 177 LEU 177 155 155 LEU LEU A . n 
A 1 178 PRO 178 156 156 PRO PRO A . n 
A 1 179 THR 179 157 157 THR THR A . n 
A 1 180 PHE 180 158 158 PHE PHE A . n 
A 1 181 LEU 181 159 159 LEU LEU A . n 
A 1 182 GLU 182 160 160 GLU GLU A . n 
A 1 183 ASN 183 161 161 ASN ASN A . n 
A 1 184 SER 184 162 162 SER SER A . n 
A 1 185 PHE 185 163 163 PHE PHE A . n 
A 1 186 ILE 186 164 164 ILE ILE A . n 
A 1 187 GLY 187 165 165 GLY GLY A . n 
A 1 188 SER 188 166 166 SER SER A . n 
A 1 189 ALA 189 167 167 ALA ALA A . n 
A 1 190 ARG 190 168 168 ARG ARG A . n 
A 1 191 GLU 191 169 169 GLU GLU A . n 
A 1 192 GLN 192 170 170 GLN GLN A . n 
A 1 193 LEU 193 171 171 LEU LEU A . n 
A 1 194 LEU 194 172 172 LEU LEU A . n 
A 1 195 GLU 195 173 173 GLU GLU A . n 
A 1 196 ALA 196 174 174 ALA ALA A . n 
A 1 197 LEU 197 175 175 LEU LEU A . n 
A 1 198 GLN 198 176 176 GLN GLN A . n 
A 1 199 ASP 199 177 177 ASP ASP A . n 
A 1 200 LEU 200 178 178 LEU LEU A . n 
A 1 201 GLY 201 179 179 GLY GLY A . n 
A 1 202 LEU 202 180 180 LEU LEU A . n 
A 1 203 LEU 203 181 181 LEU LEU A . n 
A 1 204 GLN 204 182 182 GLN GLN A . n 
A 1 205 SER 205 183 ?   ?   ?   A . n 
A 1 206 GLY 206 184 ?   ?   ?   A . n 
A 1 207 SER 207 185 ?   ?   ?   A . n 
A 1 208 ILE 208 186 ?   ?   ?   A . n 
A 1 209 SER 209 187 ?   ?   ?   A . n 
A 1 210 GLY 210 188 ?   ?   ?   A . n 
A 1 211 LEU 211 189 ?   ?   ?   A . n 
A 1 212 LYS 212 190 ?   ?   ?   A . n 
A 1 213 ILE 213 191 ?   ?   ?   A . n 
A 1 214 PRO 214 192 ?   ?   ?   A . n 
A 1 215 ALA 215 193 ?   ?   ?   A . n 
A 1 216 HIS 216 194 ?   ?   ?   A . n 
A 1 217 HIS 217 195 ?   ?   ?   A . n 
# 
_pdbx_SG_project.id                    1 
_pdbx_SG_project.project_name          ? 
_pdbx_SG_project.full_name_of_center   'Structural Genomics Consortium' 
_pdbx_SG_project.initial_of_center     SGC 
# 
loop_
_pdbx_nonpoly_scheme.asym_id 
_pdbx_nonpoly_scheme.entity_id 
_pdbx_nonpoly_scheme.mon_id 
_pdbx_nonpoly_scheme.ndb_seq_num 
_pdbx_nonpoly_scheme.pdb_seq_num 
_pdbx_nonpoly_scheme.auth_seq_num 
_pdbx_nonpoly_scheme.pdb_mon_id 
_pdbx_nonpoly_scheme.auth_mon_id 
_pdbx_nonpoly_scheme.pdb_strand_id 
_pdbx_nonpoly_scheme.pdb_ins_code 
B 2 HOH 1   196 1   HOH HOH A . 
B 2 HOH 2   197 2   HOH HOH A . 
B 2 HOH 3   198 3   HOH HOH A . 
B 2 HOH 4   199 4   HOH HOH A . 
B 2 HOH 5   200 5   HOH HOH A . 
B 2 HOH 6   201 6   HOH HOH A . 
B 2 HOH 7   202 7   HOH HOH A . 
B 2 HOH 8   203 8   HOH HOH A . 
B 2 HOH 9   204 9   HOH HOH A . 
B 2 HOH 10  205 10  HOH HOH A . 
B 2 HOH 11  206 11  HOH HOH A . 
B 2 HOH 12  207 12  HOH HOH A . 
B 2 HOH 13  208 13  HOH HOH A . 
B 2 HOH 14  209 14  HOH HOH A . 
B 2 HOH 15  210 15  HOH HOH A . 
B 2 HOH 16  211 16  HOH HOH A . 
B 2 HOH 17  212 17  HOH HOH A . 
B 2 HOH 18  213 18  HOH HOH A . 
B 2 HOH 19  214 19  HOH HOH A . 
B 2 HOH 20  215 20  HOH HOH A . 
B 2 HOH 21  216 21  HOH HOH A . 
B 2 HOH 22  217 22  HOH HOH A . 
B 2 HOH 23  218 23  HOH HOH A . 
B 2 HOH 24  219 24  HOH HOH A . 
B 2 HOH 25  220 25  HOH HOH A . 
B 2 HOH 26  221 26  HOH HOH A . 
B 2 HOH 27  222 27  HOH HOH A . 
B 2 HOH 28  223 28  HOH HOH A . 
B 2 HOH 29  224 29  HOH HOH A . 
B 2 HOH 30  225 30  HOH HOH A . 
B 2 HOH 31  226 31  HOH HOH A . 
B 2 HOH 32  227 32  HOH HOH A . 
B 2 HOH 33  228 33  HOH HOH A . 
B 2 HOH 34  229 35  HOH HOH A . 
B 2 HOH 35  230 36  HOH HOH A . 
B 2 HOH 36  231 37  HOH HOH A . 
B 2 HOH 37  232 38  HOH HOH A . 
B 2 HOH 38  233 39  HOH HOH A . 
B 2 HOH 39  234 40  HOH HOH A . 
B 2 HOH 40  235 41  HOH HOH A . 
B 2 HOH 41  236 42  HOH HOH A . 
B 2 HOH 42  237 43  HOH HOH A . 
B 2 HOH 43  238 44  HOH HOH A . 
B 2 HOH 44  239 45  HOH HOH A . 
B 2 HOH 45  240 46  HOH HOH A . 
B 2 HOH 46  241 47  HOH HOH A . 
B 2 HOH 47  242 49  HOH HOH A . 
B 2 HOH 48  243 50  HOH HOH A . 
B 2 HOH 49  244 51  HOH HOH A . 
B 2 HOH 50  245 52  HOH HOH A . 
B 2 HOH 51  246 53  HOH HOH A . 
B 2 HOH 52  247 55  HOH HOH A . 
B 2 HOH 53  248 56  HOH HOH A . 
B 2 HOH 54  249 57  HOH HOH A . 
B 2 HOH 55  250 58  HOH HOH A . 
B 2 HOH 56  251 60  HOH HOH A . 
B 2 HOH 57  252 61  HOH HOH A . 
B 2 HOH 58  253 62  HOH HOH A . 
B 2 HOH 59  254 63  HOH HOH A . 
B 2 HOH 60  255 64  HOH HOH A . 
B 2 HOH 61  256 65  HOH HOH A . 
B 2 HOH 62  257 66  HOH HOH A . 
B 2 HOH 63  258 69  HOH HOH A . 
B 2 HOH 64  259 70  HOH HOH A . 
B 2 HOH 65  260 71  HOH HOH A . 
B 2 HOH 66  261 72  HOH HOH A . 
B 2 HOH 67  262 73  HOH HOH A . 
B 2 HOH 68  263 74  HOH HOH A . 
B 2 HOH 69  264 75  HOH HOH A . 
B 2 HOH 70  265 77  HOH HOH A . 
B 2 HOH 71  266 78  HOH HOH A . 
B 2 HOH 72  267 79  HOH HOH A . 
B 2 HOH 73  268 80  HOH HOH A . 
B 2 HOH 74  269 81  HOH HOH A . 
B 2 HOH 75  270 82  HOH HOH A . 
B 2 HOH 76  271 83  HOH HOH A . 
B 2 HOH 77  272 84  HOH HOH A . 
B 2 HOH 78  273 85  HOH HOH A . 
B 2 HOH 79  274 86  HOH HOH A . 
B 2 HOH 80  275 87  HOH HOH A . 
B 2 HOH 81  276 88  HOH HOH A . 
B 2 HOH 82  277 89  HOH HOH A . 
B 2 HOH 83  278 90  HOH HOH A . 
B 2 HOH 84  279 91  HOH HOH A . 
B 2 HOH 85  280 92  HOH HOH A . 
B 2 HOH 86  281 93  HOH HOH A . 
B 2 HOH 87  282 94  HOH HOH A . 
B 2 HOH 88  283 95  HOH HOH A . 
B 2 HOH 89  284 96  HOH HOH A . 
B 2 HOH 90  285 97  HOH HOH A . 
B 2 HOH 91  286 98  HOH HOH A . 
B 2 HOH 92  287 99  HOH HOH A . 
B 2 HOH 93  288 100 HOH HOH A . 
B 2 HOH 94  289 101 HOH HOH A . 
B 2 HOH 95  290 102 HOH HOH A . 
B 2 HOH 96  291 103 HOH HOH A . 
B 2 HOH 97  292 104 HOH HOH A . 
B 2 HOH 98  293 105 HOH HOH A . 
B 2 HOH 99  294 106 HOH HOH A . 
B 2 HOH 100 295 107 HOH HOH A . 
B 2 HOH 101 296 108 HOH HOH A . 
B 2 HOH 102 297 109 HOH HOH A . 
B 2 HOH 103 298 110 HOH HOH A . 
B 2 HOH 104 299 111 HOH HOH A . 
B 2 HOH 105 300 112 HOH HOH A . 
B 2 HOH 106 301 113 HOH HOH A . 
B 2 HOH 107 302 115 HOH HOH A . 
B 2 HOH 108 303 116 HOH HOH A . 
B 2 HOH 109 304 117 HOH HOH A . 
B 2 HOH 110 305 118 HOH HOH A . 
B 2 HOH 111 306 119 HOH HOH A . 
B 2 HOH 112 307 120 HOH HOH A . 
B 2 HOH 113 308 121 HOH HOH A . 
B 2 HOH 114 309 122 HOH HOH A . 
B 2 HOH 115 310 123 HOH HOH A . 
B 2 HOH 116 311 126 HOH HOH A . 
B 2 HOH 117 312 127 HOH HOH A . 
B 2 HOH 118 313 128 HOH HOH A . 
B 2 HOH 119 314 129 HOH HOH A . 
B 2 HOH 120 315 130 HOH HOH A . 
B 2 HOH 121 316 131 HOH HOH A . 
B 2 HOH 122 317 132 HOH HOH A . 
B 2 HOH 123 318 133 HOH HOH A . 
B 2 HOH 124 319 134 HOH HOH A . 
B 2 HOH 125 320 135 HOH HOH A . 
B 2 HOH 126 321 136 HOH HOH A . 
B 2 HOH 127 322 138 HOH HOH A . 
B 2 HOH 128 323 139 HOH HOH A . 
B 2 HOH 129 324 140 HOH HOH A . 
B 2 HOH 130 325 141 HOH HOH A . 
B 2 HOH 131 326 142 HOH HOH A . 
B 2 HOH 132 327 143 HOH HOH A . 
B 2 HOH 133 328 144 HOH HOH A . 
B 2 HOH 134 329 145 HOH HOH A . 
B 2 HOH 135 330 146 HOH HOH A . 
B 2 HOH 136 331 147 HOH HOH A . 
B 2 HOH 137 332 148 HOH HOH A . 
B 2 HOH 138 333 149 HOH HOH A . 
B 2 HOH 139 334 150 HOH HOH A . 
B 2 HOH 140 335 151 HOH HOH A . 
B 2 HOH 141 336 152 HOH HOH A . 
B 2 HOH 142 337 153 HOH HOH A . 
B 2 HOH 143 338 154 HOH HOH A . 
B 2 HOH 144 339 155 HOH HOH A . 
B 2 HOH 145 340 156 HOH HOH A . 
B 2 HOH 146 341 157 HOH HOH A . 
B 2 HOH 147 342 158 HOH HOH A . 
B 2 HOH 148 343 159 HOH HOH A . 
B 2 HOH 149 344 160 HOH HOH A . 
B 2 HOH 150 345 163 HOH HOH A . 
B 2 HOH 151 346 164 HOH HOH A . 
B 2 HOH 152 347 165 HOH HOH A . 
B 2 HOH 153 348 166 HOH HOH A . 
B 2 HOH 154 349 167 HOH HOH A . 
B 2 HOH 155 350 168 HOH HOH A . 
B 2 HOH 156 351 170 HOH HOH A . 
B 2 HOH 157 352 171 HOH HOH A . 
B 2 HOH 158 353 172 HOH HOH A . 
B 2 HOH 159 354 174 HOH HOH A . 
B 2 HOH 160 355 175 HOH HOH A . 
B 2 HOH 161 356 177 HOH HOH A . 
B 2 HOH 162 357 178 HOH HOH A . 
B 2 HOH 163 358 179 HOH HOH A . 
B 2 HOH 164 359 180 HOH HOH A . 
B 2 HOH 165 360 181 HOH HOH A . 
B 2 HOH 166 361 182 HOH HOH A . 
B 2 HOH 167 362 183 HOH HOH A . 
B 2 HOH 168 363 184 HOH HOH A . 
B 2 HOH 169 364 185 HOH HOH A . 
B 2 HOH 170 365 186 HOH HOH A . 
B 2 HOH 171 366 187 HOH HOH A . 
B 2 HOH 172 367 188 HOH HOH A . 
B 2 HOH 173 368 190 HOH HOH A . 
B 2 HOH 174 369 191 HOH HOH A . 
B 2 HOH 175 370 193 HOH HOH A . 
B 2 HOH 176 371 194 HOH HOH A . 
B 2 HOH 177 372 195 HOH HOH A . 
B 2 HOH 178 373 200 HOH HOH A . 
B 2 HOH 179 374 201 HOH HOH A . 
B 2 HOH 180 375 202 HOH HOH A . 
B 2 HOH 181 376 204 HOH HOH A . 
B 2 HOH 182 377 205 HOH HOH A . 
B 2 HOH 183 378 206 HOH HOH A . 
B 2 HOH 184 379 207 HOH HOH A . 
B 2 HOH 185 380 208 HOH HOH A . 
B 2 HOH 186 381 209 HOH HOH A . 
B 2 HOH 187 382 210 HOH HOH A . 
B 2 HOH 188 383 211 HOH HOH A . 
B 2 HOH 189 384 213 HOH HOH A . 
B 2 HOH 190 385 215 HOH HOH A . 
B 2 HOH 191 386 216 HOH HOH A . 
B 2 HOH 192 387 217 HOH HOH A . 
B 2 HOH 193 388 219 HOH HOH A . 
B 2 HOH 194 389 220 HOH HOH A . 
B 2 HOH 195 390 221 HOH HOH A . 
B 2 HOH 196 391 222 HOH HOH A . 
# 
loop_
_pdbx_struct_assembly.id 
_pdbx_struct_assembly.details 
_pdbx_struct_assembly.method_details 
_pdbx_struct_assembly.oligomeric_details 
_pdbx_struct_assembly.oligomeric_count 
1 author_defined_assembly   ?    monomeric 1 
2 software_defined_assembly PISA dimeric   2 
# 
loop_
_pdbx_struct_assembly_gen.assembly_id 
_pdbx_struct_assembly_gen.oper_expression 
_pdbx_struct_assembly_gen.asym_id_list 
1 1   A,B 
2 1,2 A,B 
# 
loop_
_pdbx_struct_assembly_prop.biol_id 
_pdbx_struct_assembly_prop.type 
_pdbx_struct_assembly_prop.value 
_pdbx_struct_assembly_prop.details 
2 'ABSA (A^2)' 2770  ? 
2 MORE         -16.4 ? 
2 'SSA (A^2)'  16730 ? 
# 
loop_
_pdbx_struct_oper_list.id 
_pdbx_struct_oper_list.type 
_pdbx_struct_oper_list.name 
_pdbx_struct_oper_list.symmetry_operation 
_pdbx_struct_oper_list.matrix[1][1] 
_pdbx_struct_oper_list.matrix[1][2] 
_pdbx_struct_oper_list.matrix[1][3] 
_pdbx_struct_oper_list.vector[1] 
_pdbx_struct_oper_list.matrix[2][1] 
_pdbx_struct_oper_list.matrix[2][2] 
_pdbx_struct_oper_list.matrix[2][3] 
_pdbx_struct_oper_list.vector[2] 
_pdbx_struct_oper_list.matrix[3][1] 
_pdbx_struct_oper_list.matrix[3][2] 
_pdbx_struct_oper_list.matrix[3][3] 
_pdbx_struct_oper_list.vector[3] 
1 'identity operation'         1_555 x,y,z     1.0000000000 0.0000000000 0.0000000000 0.0000000000  0.0000000000 1.0000000000  0.0000000000 0.0000000000   0.0000000000 0.0000000000 1.0000000000  0.0000000000  
2 'crystal symmetry operation' 3_655 -x+1,y,-z 0.2615169381 0.9616079551 0.0831807179 12.8945529120 0.9616079551 -0.2670016301 0.0634056014 -18.1286837438 0.0831807179 0.0634056014 -0.9945153080 14.0175466664 
# 
loop_
_pdbx_struct_special_symmetry.id 
_pdbx_struct_special_symmetry.PDB_model_num 
_pdbx_struct_special_symmetry.auth_asym_id 
_pdbx_struct_special_symmetry.auth_comp_id 
_pdbx_struct_special_symmetry.auth_seq_id 
_pdbx_struct_special_symmetry.PDB_ins_code 
_pdbx_struct_special_symmetry.label_asym_id 
_pdbx_struct_special_symmetry.label_comp_id 
_pdbx_struct_special_symmetry.label_seq_id 
1 1 A HOH 196 ? B HOH . 
2 1 A HOH 261 ? B HOH . 
3 1 A HOH 338 ? B HOH . 
# 
loop_
_pdbx_audit_revision_history.ordinal 
_pdbx_audit_revision_history.data_content_type 
_pdbx_audit_revision_history.major_revision 
_pdbx_audit_revision_history.minor_revision 
_pdbx_audit_revision_history.revision_date 
1 'Structure model' 1 0 2008-04-15 
2 'Structure model' 1 1 2011-07-13 
3 'Structure model' 1 2 2021-10-20 
4 'Structure model' 1 3 2023-08-30 
# 
_pdbx_audit_revision_details.ordinal             1 
_pdbx_audit_revision_details.revision_ordinal    1 
_pdbx_audit_revision_details.data_content_type   'Structure model' 
_pdbx_audit_revision_details.provider            repository 
_pdbx_audit_revision_details.type                'Initial release' 
_pdbx_audit_revision_details.description         ? 
_pdbx_audit_revision_details.details             ? 
# 
loop_
_pdbx_audit_revision_group.ordinal 
_pdbx_audit_revision_group.revision_ordinal 
_pdbx_audit_revision_group.data_content_type 
_pdbx_audit_revision_group.group 
1 2 'Structure model' 'Version format compliance' 
2 3 'Structure model' 'Database references'       
3 4 'Structure model' 'Data collection'           
4 4 'Structure model' 'Refinement description'    
# 
loop_
_pdbx_audit_revision_category.ordinal 
_pdbx_audit_revision_category.revision_ordinal 
_pdbx_audit_revision_category.data_content_type 
_pdbx_audit_revision_category.category 
1 3 'Structure model' database_2                    
2 3 'Structure model' struct_ref_seq_dif            
3 4 'Structure model' chem_comp_atom                
4 4 'Structure model' chem_comp_bond                
5 4 'Structure model' pdbx_initial_refinement_model 
# 
loop_
_pdbx_audit_revision_item.ordinal 
_pdbx_audit_revision_item.revision_ordinal 
_pdbx_audit_revision_item.data_content_type 
_pdbx_audit_revision_item.item 
1 3 'Structure model' '_database_2.pdbx_DOI'                
2 3 'Structure model' '_database_2.pdbx_database_accession' 
3 3 'Structure model' '_struct_ref_seq_dif.details'         
# 
_pdbx_phasing_MR.entry_id                     3COU 
_pdbx_phasing_MR.method_rotation              ? 
_pdbx_phasing_MR.method_translation           ? 
_pdbx_phasing_MR.model_details                'Phaser MODE: MR_AUTO' 
_pdbx_phasing_MR.R_factor                     ? 
_pdbx_phasing_MR.R_rigid_body                 ? 
_pdbx_phasing_MR.correlation_coeff_Fo_to_Fc   ? 
_pdbx_phasing_MR.correlation_coeff_Io_to_Ic   ? 
_pdbx_phasing_MR.d_res_high_rotation          2.500 
_pdbx_phasing_MR.d_res_low_rotation           19.710 
_pdbx_phasing_MR.d_res_high_translation       2.500 
_pdbx_phasing_MR.d_res_low_translation        19.710 
_pdbx_phasing_MR.packing                      ? 
_pdbx_phasing_MR.reflns_percent_rotation      ? 
_pdbx_phasing_MR.reflns_percent_translation   ? 
_pdbx_phasing_MR.sigma_F_rotation             ? 
_pdbx_phasing_MR.sigma_F_translation          ? 
_pdbx_phasing_MR.sigma_I_rotation             ? 
_pdbx_phasing_MR.sigma_I_translation          ? 
# 
_phasing.method   MR 
# 
loop_
_software.name 
_software.version 
_software.date 
_software.type 
_software.contact_author 
_software.contact_author_email 
_software.classification 
_software.location 
_software.language 
_software.citation_id 
_software.pdbx_ordinal 
SCALA       3.2.25 21/9/2006            other   'Phil Evans'      pre@mrc-lmb.cam.ac.uk       'data scaling'    
http://www.ccp4.ac.uk/dist/html/INDEX.html  Fortran_77 ? 1 
PHASER      .      ?                    other   'R. J. Read'      cimr-phaser@lists.cam.ac.uk phasing           
http://www-structmed.cimr.cam.ac.uk/phaser/ ?          ? 2 
REFMAC      .      ?                    program 'Murshudov, G.N.' ccp4@dl.ac.uk               refinement        
http://www.ccp4.ac.uk/main.html             Fortran_77 ? 3 
PDB_EXTRACT 3.005  'September 10, 2007' package PDB               sw-help@rcsb.rutgers.edu    'data extraction' 
http://pdb.rutgers.edu/software/            C++        ? 4 
MAR345dtb   .      ?                    ?       ?                 ?                           'data collection' ? ?          ? 5 
XDS         .      ?                    ?       ?                 ?                           'data reduction'  ? ?          ? 6 
# 
_pdbx_validate_close_contact.id               1 
_pdbx_validate_close_contact.PDB_model_num    1 
_pdbx_validate_close_contact.auth_atom_id_1   NZ 
_pdbx_validate_close_contact.auth_asym_id_1   A 
_pdbx_validate_close_contact.auth_comp_id_1   LYS 
_pdbx_validate_close_contact.auth_seq_id_1    131 
_pdbx_validate_close_contact.PDB_ins_code_1   ? 
_pdbx_validate_close_contact.label_alt_id_1   B 
_pdbx_validate_close_contact.auth_atom_id_2   O 
_pdbx_validate_close_contact.auth_asym_id_2   A 
_pdbx_validate_close_contact.auth_comp_id_2   HOH 
_pdbx_validate_close_contact.auth_seq_id_2    349 
_pdbx_validate_close_contact.PDB_ins_code_2   ? 
_pdbx_validate_close_contact.label_alt_id_2   ? 
_pdbx_validate_close_contact.dist             2.01 
# 
loop_
_pdbx_validate_torsion.id 
_pdbx_validate_torsion.PDB_model_num 
_pdbx_validate_torsion.auth_comp_id 
_pdbx_validate_torsion.auth_asym_id 
_pdbx_validate_torsion.auth_seq_id 
_pdbx_validate_torsion.PDB_ins_code 
_pdbx_validate_torsion.label_alt_id 
_pdbx_validate_torsion.phi 
_pdbx_validate_torsion.psi 
1 1 ARG A 38  ? ? -143.31 -17.65 
2 1 ARG A 42  ? ? 73.24   -61.33 
3 1 LEU A 135 ? ? -119.49 -94.96 
4 1 VAL A 152 ? ? -131.09 -35.02 
# 
loop_
_pdbx_unobs_or_zero_occ_residues.id 
_pdbx_unobs_or_zero_occ_residues.PDB_model_num 
_pdbx_unobs_or_zero_occ_residues.polymer_flag 
_pdbx_unobs_or_zero_occ_residues.occupancy_flag 
_pdbx_unobs_or_zero_occ_residues.auth_asym_id 
_pdbx_unobs_or_zero_occ_residues.auth_comp_id 
_pdbx_unobs_or_zero_occ_residues.auth_seq_id 
_pdbx_unobs_or_zero_occ_residues.PDB_ins_code 
_pdbx_unobs_or_zero_occ_residues.label_asym_id 
_pdbx_unobs_or_zero_occ_residues.label_comp_id 
_pdbx_unobs_or_zero_occ_residues.label_seq_id 
1  1 Y 1 A MET -21 ? A MET 1   
2  1 Y 1 A HIS -20 ? A HIS 2   
3  1 Y 1 A HIS -19 ? A HIS 3   
4  1 Y 1 A HIS -18 ? A HIS 4   
5  1 Y 1 A HIS -17 ? A HIS 5   
6  1 Y 1 A HIS -16 ? A HIS 6   
7  1 Y 1 A HIS -15 ? A HIS 7   
8  1 Y 1 A SER -14 ? A SER 8   
9  1 Y 1 A SER -13 ? A SER 9   
10 1 Y 1 A GLY -12 ? A GLY 10  
11 1 Y 1 A VAL -11 ? A VAL 11  
12 1 Y 1 A ASP -10 ? A ASP 12  
13 1 Y 1 A LEU -9  ? A LEU 13  
14 1 Y 1 A GLY -8  ? A GLY 14  
15 1 Y 1 A THR -7  ? A THR 15  
16 1 Y 1 A GLU -6  ? A GLU 16  
17 1 Y 1 A ASN -5  ? A ASN 17  
18 1 Y 1 A LEU -4  ? A LEU 18  
19 1 Y 1 A TYR -3  ? A TYR 19  
20 1 Y 1 A PHE -2  ? A PHE 20  
21 1 Y 1 A GLN -1  ? A GLN 21  
22 1 Y 1 A SER 0   ? A SER 22  
23 1 Y 1 A MET 1   ? A MET 23  
24 1 Y 1 A ALA 2   ? A ALA 24  
25 1 Y 1 A SER 183 ? A SER 205 
26 1 Y 1 A GLY 184 ? A GLY 206 
27 1 Y 1 A SER 185 ? A SER 207 
28 1 Y 1 A ILE 186 ? A ILE 208 
29 1 Y 1 A SER 187 ? A SER 209 
30 1 Y 1 A GLY 188 ? A GLY 210 
31 1 Y 1 A LEU 189 ? A LEU 211 
32 1 Y 1 A LYS 190 ? A LYS 212 
33 1 Y 1 A ILE 191 ? A ILE 213 
34 1 Y 1 A PRO 192 ? A PRO 214 
35 1 Y 1 A ALA 193 ? A ALA 215 
36 1 Y 1 A HIS 194 ? A HIS 216 
37 1 Y 1 A HIS 195 ? A HIS 217 
# 
loop_
_chem_comp_atom.comp_id 
_chem_comp_atom.atom_id 
_chem_comp_atom.type_symbol 
_chem_comp_atom.pdbx_aromatic_flag 
_chem_comp_atom.pdbx_stereo_config 
_chem_comp_atom.pdbx_ordinal 
ALA N    N N N 1   
ALA CA   C N S 2   
ALA C    C N N 3   
ALA O    O N N 4   
ALA CB   C N N 5   
ALA OXT  O N N 6   
ALA H    H N N 7   
ALA H2   H N N 8   
ALA HA   H N N 9   
ALA HB1  H N N 10  
ALA HB2  H N N 11  
ALA HB3  H N N 12  
ALA HXT  H N N 13  
ARG N    N N N 14  
ARG CA   C N S 15  
ARG C    C N N 16  
ARG O    O N N 17  
ARG CB   C N N 18  
ARG CG   C N N 19  
ARG CD   C N N 20  
ARG NE   N N N 21  
ARG CZ   C N N 22  
ARG NH1  N N N 23  
ARG NH2  N N N 24  
ARG OXT  O N N 25  
ARG H    H N N 26  
ARG H2   H N N 27  
ARG HA   H N N 28  
ARG HB2  H N N 29  
ARG HB3  H N N 30  
ARG HG2  H N N 31  
ARG HG3  H N N 32  
ARG HD2  H N N 33  
ARG HD3  H N N 34  
ARG HE   H N N 35  
ARG HH11 H N N 36  
ARG HH12 H N N 37  
ARG HH21 H N N 38  
ARG HH22 H N N 39  
ARG HXT  H N N 40  
ASN N    N N N 41  
ASN CA   C N S 42  
ASN C    C N N 43  
ASN O    O N N 44  
ASN CB   C N N 45  
ASN CG   C N N 46  
ASN OD1  O N N 47  
ASN ND2  N N N 48  
ASN OXT  O N N 49  
ASN H    H N N 50  
ASN H2   H N N 51  
ASN HA   H N N 52  
ASN HB2  H N N 53  
ASN HB3  H N N 54  
ASN HD21 H N N 55  
ASN HD22 H N N 56  
ASN HXT  H N N 57  
ASP N    N N N 58  
ASP CA   C N S 59  
ASP C    C N N 60  
ASP O    O N N 61  
ASP CB   C N N 62  
ASP CG   C N N 63  
ASP OD1  O N N 64  
ASP OD2  O N N 65  
ASP OXT  O N N 66  
ASP H    H N N 67  
ASP H2   H N N 68  
ASP HA   H N N 69  
ASP HB2  H N N 70  
ASP HB3  H N N 71  
ASP HD2  H N N 72  
ASP HXT  H N N 73  
CYS N    N N N 74  
CYS CA   C N R 75  
CYS C    C N N 76  
CYS O    O N N 77  
CYS CB   C N N 78  
CYS SG   S N N 79  
CYS OXT  O N N 80  
CYS H    H N N 81  
CYS H2   H N N 82  
CYS HA   H N N 83  
CYS HB2  H N N 84  
CYS HB3  H N N 85  
CYS HG   H N N 86  
CYS HXT  H N N 87  
GLN N    N N N 88  
GLN CA   C N S 89  
GLN C    C N N 90  
GLN O    O N N 91  
GLN CB   C N N 92  
GLN CG   C N N 93  
GLN CD   C N N 94  
GLN OE1  O N N 95  
GLN NE2  N N N 96  
GLN OXT  O N N 97  
GLN H    H N N 98  
GLN H2   H N N 99  
GLN HA   H N N 100 
GLN HB2  H N N 101 
GLN HB3  H N N 102 
GLN HG2  H N N 103 
GLN HG3  H N N 104 
GLN HE21 H N N 105 
GLN HE22 H N N 106 
GLN HXT  H N N 107 
GLU N    N N N 108 
GLU CA   C N S 109 
GLU C    C N N 110 
GLU O    O N N 111 
GLU CB   C N N 112 
GLU CG   C N N 113 
GLU CD   C N N 114 
GLU OE1  O N N 115 
GLU OE2  O N N 116 
GLU OXT  O N N 117 
GLU H    H N N 118 
GLU H2   H N N 119 
GLU HA   H N N 120 
GLU HB2  H N N 121 
GLU HB3  H N N 122 
GLU HG2  H N N 123 
GLU HG3  H N N 124 
GLU HE2  H N N 125 
GLU HXT  H N N 126 
GLY N    N N N 127 
GLY CA   C N N 128 
GLY C    C N N 129 
GLY O    O N N 130 
GLY OXT  O N N 131 
GLY H    H N N 132 
GLY H2   H N N 133 
GLY HA2  H N N 134 
GLY HA3  H N N 135 
GLY HXT  H N N 136 
HIS N    N N N 137 
HIS CA   C N S 138 
HIS C    C N N 139 
HIS O    O N N 140 
HIS CB   C N N 141 
HIS CG   C Y N 142 
HIS ND1  N Y N 143 
HIS CD2  C Y N 144 
HIS CE1  C Y N 145 
HIS NE2  N Y N 146 
HIS OXT  O N N 147 
HIS H    H N N 148 
HIS H2   H N N 149 
HIS HA   H N N 150 
HIS HB2  H N N 151 
HIS HB3  H N N 152 
HIS HD1  H N N 153 
HIS HD2  H N N 154 
HIS HE1  H N N 155 
HIS HE2  H N N 156 
HIS HXT  H N N 157 
HOH O    O N N 158 
HOH H1   H N N 159 
HOH H2   H N N 160 
ILE N    N N N 161 
ILE CA   C N S 162 
ILE C    C N N 163 
ILE O    O N N 164 
ILE CB   C N S 165 
ILE CG1  C N N 166 
ILE CG2  C N N 167 
ILE CD1  C N N 168 
ILE OXT  O N N 169 
ILE H    H N N 170 
ILE H2   H N N 171 
ILE HA   H N N 172 
ILE HB   H N N 173 
ILE HG12 H N N 174 
ILE HG13 H N N 175 
ILE HG21 H N N 176 
ILE HG22 H N N 177 
ILE HG23 H N N 178 
ILE HD11 H N N 179 
ILE HD12 H N N 180 
ILE HD13 H N N 181 
ILE HXT  H N N 182 
LEU N    N N N 183 
LEU CA   C N S 184 
LEU C    C N N 185 
LEU O    O N N 186 
LEU CB   C N N 187 
LEU CG   C N N 188 
LEU CD1  C N N 189 
LEU CD2  C N N 190 
LEU OXT  O N N 191 
LEU H    H N N 192 
LEU H2   H N N 193 
LEU HA   H N N 194 
LEU HB2  H N N 195 
LEU HB3  H N N 196 
LEU HG   H N N 197 
LEU HD11 H N N 198 
LEU HD12 H N N 199 
LEU HD13 H N N 200 
LEU HD21 H N N 201 
LEU HD22 H N N 202 
LEU HD23 H N N 203 
LEU HXT  H N N 204 
LYS N    N N N 205 
LYS CA   C N S 206 
LYS C    C N N 207 
LYS O    O N N 208 
LYS CB   C N N 209 
LYS CG   C N N 210 
LYS CD   C N N 211 
LYS CE   C N N 212 
LYS NZ   N N N 213 
LYS OXT  O N N 214 
LYS H    H N N 215 
LYS H2   H N N 216 
LYS HA   H N N 217 
LYS HB2  H N N 218 
LYS HB3  H N N 219 
LYS HG2  H N N 220 
LYS HG3  H N N 221 
LYS HD2  H N N 222 
LYS HD3  H N N 223 
LYS HE2  H N N 224 
LYS HE3  H N N 225 
LYS HZ1  H N N 226 
LYS HZ2  H N N 227 
LYS HZ3  H N N 228 
LYS HXT  H N N 229 
MET N    N N N 230 
MET CA   C N S 231 
MET C    C N N 232 
MET O    O N N 233 
MET CB   C N N 234 
MET CG   C N N 235 
MET SD   S N N 236 
MET CE   C N N 237 
MET OXT  O N N 238 
MET H    H N N 239 
MET H2   H N N 240 
MET HA   H N N 241 
MET HB2  H N N 242 
MET HB3  H N N 243 
MET HG2  H N N 244 
MET HG3  H N N 245 
MET HE1  H N N 246 
MET HE2  H N N 247 
MET HE3  H N N 248 
MET HXT  H N N 249 
PHE N    N N N 250 
PHE CA   C N S 251 
PHE C    C N N 252 
PHE O    O N N 253 
PHE CB   C N N 254 
PHE CG   C Y N 255 
PHE CD1  C Y N 256 
PHE CD2  C Y N 257 
PHE CE1  C Y N 258 
PHE CE2  C Y N 259 
PHE CZ   C Y N 260 
PHE OXT  O N N 261 
PHE H    H N N 262 
PHE H2   H N N 263 
PHE HA   H N N 264 
PHE HB2  H N N 265 
PHE HB3  H N N 266 
PHE HD1  H N N 267 
PHE HD2  H N N 268 
PHE HE1  H N N 269 
PHE HE2  H N N 270 
PHE HZ   H N N 271 
PHE HXT  H N N 272 
PRO N    N N N 273 
PRO CA   C N S 274 
PRO C    C N N 275 
PRO O    O N N 276 
PRO CB   C N N 277 
PRO CG   C N N 278 
PRO CD   C N N 279 
PRO OXT  O N N 280 
PRO H    H N N 281 
PRO HA   H N N 282 
PRO HB2  H N N 283 
PRO HB3  H N N 284 
PRO HG2  H N N 285 
PRO HG3  H N N 286 
PRO HD2  H N N 287 
PRO HD3  H N N 288 
PRO HXT  H N N 289 
SER N    N N N 290 
SER CA   C N S 291 
SER C    C N N 292 
SER O    O N N 293 
SER CB   C N N 294 
SER OG   O N N 295 
SER OXT  O N N 296 
SER H    H N N 297 
SER H2   H N N 298 
SER HA   H N N 299 
SER HB2  H N N 300 
SER HB3  H N N 301 
SER HG   H N N 302 
SER HXT  H N N 303 
THR N    N N N 304 
THR CA   C N S 305 
THR C    C N N 306 
THR O    O N N 307 
THR CB   C N R 308 
THR OG1  O N N 309 
THR CG2  C N N 310 
THR OXT  O N N 311 
THR H    H N N 312 
THR H2   H N N 313 
THR HA   H N N 314 
THR HB   H N N 315 
THR HG1  H N N 316 
THR HG21 H N N 317 
THR HG22 H N N 318 
THR HG23 H N N 319 
THR HXT  H N N 320 
TRP N    N N N 321 
TRP CA   C N S 322 
TRP C    C N N 323 
TRP O    O N N 324 
TRP CB   C N N 325 
TRP CG   C Y N 326 
TRP CD1  C Y N 327 
TRP CD2  C Y N 328 
TRP NE1  N Y N 329 
TRP CE2  C Y N 330 
TRP CE3  C Y N 331 
TRP CZ2  C Y N 332 
TRP CZ3  C Y N 333 
TRP CH2  C Y N 334 
TRP OXT  O N N 335 
TRP H    H N N 336 
TRP H2   H N N 337 
TRP HA   H N N 338 
TRP HB2  H N N 339 
TRP HB3  H N N 340 
TRP HD1  H N N 341 
TRP HE1  H N N 342 
TRP HE3  H N N 343 
TRP HZ2  H N N 344 
TRP HZ3  H N N 345 
TRP HH2  H N N 346 
TRP HXT  H N N 347 
TYR N    N N N 348 
TYR CA   C N S 349 
TYR C    C N N 350 
TYR O    O N N 351 
TYR CB   C N N 352 
TYR CG   C Y N 353 
TYR CD1  C Y N 354 
TYR CD2  C Y N 355 
TYR CE1  C Y N 356 
TYR CE2  C Y N 357 
TYR CZ   C Y N 358 
TYR OH   O N N 359 
TYR OXT  O N N 360 
TYR H    H N N 361 
TYR H2   H N N 362 
TYR HA   H N N 363 
TYR HB2  H N N 364 
TYR HB3  H N N 365 
TYR HD1  H N N 366 
TYR HD2  H N N 367 
TYR HE1  H N N 368 
TYR HE2  H N N 369 
TYR HH   H N N 370 
TYR HXT  H N N 371 
VAL N    N N N 372 
VAL CA   C N S 373 
VAL C    C N N 374 
VAL O    O N N 375 
VAL CB   C N N 376 
VAL CG1  C N N 377 
VAL CG2  C N N 378 
VAL OXT  O N N 379 
VAL H    H N N 380 
VAL H2   H N N 381 
VAL HA   H N N 382 
VAL HB   H N N 383 
VAL HG11 H N N 384 
VAL HG12 H N N 385 
VAL HG13 H N N 386 
VAL HG21 H N N 387 
VAL HG22 H N N 388 
VAL HG23 H N N 389 
VAL HXT  H N N 390 
# 
loop_
_chem_comp_bond.comp_id 
_chem_comp_bond.atom_id_1 
_chem_comp_bond.atom_id_2 
_chem_comp_bond.value_order 
_chem_comp_bond.pdbx_aromatic_flag 
_chem_comp_bond.pdbx_stereo_config 
_chem_comp_bond.pdbx_ordinal 
ALA N   CA   sing N N 1   
ALA N   H    sing N N 2   
ALA N   H2   sing N N 3   
ALA CA  C    sing N N 4   
ALA CA  CB   sing N N 5   
ALA CA  HA   sing N N 6   
ALA C   O    doub N N 7   
ALA C   OXT  sing N N 8   
ALA CB  HB1  sing N N 9   
ALA CB  HB2  sing N N 10  
ALA CB  HB3  sing N N 11  
ALA OXT HXT  sing N N 12  
ARG N   CA   sing N N 13  
ARG N   H    sing N N 14  
ARG N   H2   sing N N 15  
ARG CA  C    sing N N 16  
ARG CA  CB   sing N N 17  
ARG CA  HA   sing N N 18  
ARG C   O    doub N N 19  
ARG C   OXT  sing N N 20  
ARG CB  CG   sing N N 21  
ARG CB  HB2  sing N N 22  
ARG CB  HB3  sing N N 23  
ARG CG  CD   sing N N 24  
ARG CG  HG2  sing N N 25  
ARG CG  HG3  sing N N 26  
ARG CD  NE   sing N N 27  
ARG CD  HD2  sing N N 28  
ARG CD  HD3  sing N N 29  
ARG NE  CZ   sing N N 30  
ARG NE  HE   sing N N 31  
ARG CZ  NH1  sing N N 32  
ARG CZ  NH2  doub N N 33  
ARG NH1 HH11 sing N N 34  
ARG NH1 HH12 sing N N 35  
ARG NH2 HH21 sing N N 36  
ARG NH2 HH22 sing N N 37  
ARG OXT HXT  sing N N 38  
ASN N   CA   sing N N 39  
ASN N   H    sing N N 40  
ASN N   H2   sing N N 41  
ASN CA  C    sing N N 42  
ASN CA  CB   sing N N 43  
ASN CA  HA   sing N N 44  
ASN C   O    doub N N 45  
ASN C   OXT  sing N N 46  
ASN CB  CG   sing N N 47  
ASN CB  HB2  sing N N 48  
ASN CB  HB3  sing N N 49  
ASN CG  OD1  doub N N 50  
ASN CG  ND2  sing N N 51  
ASN ND2 HD21 sing N N 52  
ASN ND2 HD22 sing N N 53  
ASN OXT HXT  sing N N 54  
ASP N   CA   sing N N 55  
ASP N   H    sing N N 56  
ASP N   H2   sing N N 57  
ASP CA  C    sing N N 58  
ASP CA  CB   sing N N 59  
ASP CA  HA   sing N N 60  
ASP C   O    doub N N 61  
ASP C   OXT  sing N N 62  
ASP CB  CG   sing N N 63  
ASP CB  HB2  sing N N 64  
ASP CB  HB3  sing N N 65  
ASP CG  OD1  doub N N 66  
ASP CG  OD2  sing N N 67  
ASP OD2 HD2  sing N N 68  
ASP OXT HXT  sing N N 69  
CYS N   CA   sing N N 70  
CYS N   H    sing N N 71  
CYS N   H2   sing N N 72  
CYS CA  C    sing N N 73  
CYS CA  CB   sing N N 74  
CYS CA  HA   sing N N 75  
CYS C   O    doub N N 76  
CYS C   OXT  sing N N 77  
CYS CB  SG   sing N N 78  
CYS CB  HB2  sing N N 79  
CYS CB  HB3  sing N N 80  
CYS SG  HG   sing N N 81  
CYS OXT HXT  sing N N 82  
GLN N   CA   sing N N 83  
GLN N   H    sing N N 84  
GLN N   H2   sing N N 85  
GLN CA  C    sing N N 86  
GLN CA  CB   sing N N 87  
GLN CA  HA   sing N N 88  
GLN C   O    doub N N 89  
GLN C   OXT  sing N N 90  
GLN CB  CG   sing N N 91  
GLN CB  HB2  sing N N 92  
GLN CB  HB3  sing N N 93  
GLN CG  CD   sing N N 94  
GLN CG  HG2  sing N N 95  
GLN CG  HG3  sing N N 96  
GLN CD  OE1  doub N N 97  
GLN CD  NE2  sing N N 98  
GLN NE2 HE21 sing N N 99  
GLN NE2 HE22 sing N N 100 
GLN OXT HXT  sing N N 101 
GLU N   CA   sing N N 102 
GLU N   H    sing N N 103 
GLU N   H2   sing N N 104 
GLU CA  C    sing N N 105 
GLU CA  CB   sing N N 106 
GLU CA  HA   sing N N 107 
GLU C   O    doub N N 108 
GLU C   OXT  sing N N 109 
GLU CB  CG   sing N N 110 
GLU CB  HB2  sing N N 111 
GLU CB  HB3  sing N N 112 
GLU CG  CD   sing N N 113 
GLU CG  HG2  sing N N 114 
GLU CG  HG3  sing N N 115 
GLU CD  OE1  doub N N 116 
GLU CD  OE2  sing N N 117 
GLU OE2 HE2  sing N N 118 
GLU OXT HXT  sing N N 119 
GLY N   CA   sing N N 120 
GLY N   H    sing N N 121 
GLY N   H2   sing N N 122 
GLY CA  C    sing N N 123 
GLY CA  HA2  sing N N 124 
GLY CA  HA3  sing N N 125 
GLY C   O    doub N N 126 
GLY C   OXT  sing N N 127 
GLY OXT HXT  sing N N 128 
HIS N   CA   sing N N 129 
HIS N   H    sing N N 130 
HIS N   H2   sing N N 131 
HIS CA  C    sing N N 132 
HIS CA  CB   sing N N 133 
HIS CA  HA   sing N N 134 
HIS C   O    doub N N 135 
HIS C   OXT  sing N N 136 
HIS CB  CG   sing N N 137 
HIS CB  HB2  sing N N 138 
HIS CB  HB3  sing N N 139 
HIS CG  ND1  sing Y N 140 
HIS CG  CD2  doub Y N 141 
HIS ND1 CE1  doub Y N 142 
HIS ND1 HD1  sing N N 143 
HIS CD2 NE2  sing Y N 144 
HIS CD2 HD2  sing N N 145 
HIS CE1 NE2  sing Y N 146 
HIS CE1 HE1  sing N N 147 
HIS NE2 HE2  sing N N 148 
HIS OXT HXT  sing N N 149 
HOH O   H1   sing N N 150 
HOH O   H2   sing N N 151 
ILE N   CA   sing N N 152 
ILE N   H    sing N N 153 
ILE N   H2   sing N N 154 
ILE CA  C    sing N N 155 
ILE CA  CB   sing N N 156 
ILE CA  HA   sing N N 157 
ILE C   O    doub N N 158 
ILE C   OXT  sing N N 159 
ILE CB  CG1  sing N N 160 
ILE CB  CG2  sing N N 161 
ILE CB  HB   sing N N 162 
ILE CG1 CD1  sing N N 163 
ILE CG1 HG12 sing N N 164 
ILE CG1 HG13 sing N N 165 
ILE CG2 HG21 sing N N 166 
ILE CG2 HG22 sing N N 167 
ILE CG2 HG23 sing N N 168 
ILE CD1 HD11 sing N N 169 
ILE CD1 HD12 sing N N 170 
ILE CD1 HD13 sing N N 171 
ILE OXT HXT  sing N N 172 
LEU N   CA   sing N N 173 
LEU N   H    sing N N 174 
LEU N   H2   sing N N 175 
LEU CA  C    sing N N 176 
LEU CA  CB   sing N N 177 
LEU CA  HA   sing N N 178 
LEU C   O    doub N N 179 
LEU C   OXT  sing N N 180 
LEU CB  CG   sing N N 181 
LEU CB  HB2  sing N N 182 
LEU CB  HB3  sing N N 183 
LEU CG  CD1  sing N N 184 
LEU CG  CD2  sing N N 185 
LEU CG  HG   sing N N 186 
LEU CD1 HD11 sing N N 187 
LEU CD1 HD12 sing N N 188 
LEU CD1 HD13 sing N N 189 
LEU CD2 HD21 sing N N 190 
LEU CD2 HD22 sing N N 191 
LEU CD2 HD23 sing N N 192 
LEU OXT HXT  sing N N 193 
LYS N   CA   sing N N 194 
LYS N   H    sing N N 195 
LYS N   H2   sing N N 196 
LYS CA  C    sing N N 197 
LYS CA  CB   sing N N 198 
LYS CA  HA   sing N N 199 
LYS C   O    doub N N 200 
LYS C   OXT  sing N N 201 
LYS CB  CG   sing N N 202 
LYS CB  HB2  sing N N 203 
LYS CB  HB3  sing N N 204 
LYS CG  CD   sing N N 205 
LYS CG  HG2  sing N N 206 
LYS CG  HG3  sing N N 207 
LYS CD  CE   sing N N 208 
LYS CD  HD2  sing N N 209 
LYS CD  HD3  sing N N 210 
LYS CE  NZ   sing N N 211 
LYS CE  HE2  sing N N 212 
LYS CE  HE3  sing N N 213 
LYS NZ  HZ1  sing N N 214 
LYS NZ  HZ2  sing N N 215 
LYS NZ  HZ3  sing N N 216 
LYS OXT HXT  sing N N 217 
MET N   CA   sing N N 218 
MET N   H    sing N N 219 
MET N   H2   sing N N 220 
MET CA  C    sing N N 221 
MET CA  CB   sing N N 222 
MET CA  HA   sing N N 223 
MET C   O    doub N N 224 
MET C   OXT  sing N N 225 
MET CB  CG   sing N N 226 
MET CB  HB2  sing N N 227 
MET CB  HB3  sing N N 228 
MET CG  SD   sing N N 229 
MET CG  HG2  sing N N 230 
MET CG  HG3  sing N N 231 
MET SD  CE   sing N N 232 
MET CE  HE1  sing N N 233 
MET CE  HE2  sing N N 234 
MET CE  HE3  sing N N 235 
MET OXT HXT  sing N N 236 
PHE N   CA   sing N N 237 
PHE N   H    sing N N 238 
PHE N   H2   sing N N 239 
PHE CA  C    sing N N 240 
PHE CA  CB   sing N N 241 
PHE CA  HA   sing N N 242 
PHE C   O    doub N N 243 
PHE C   OXT  sing N N 244 
PHE CB  CG   sing N N 245 
PHE CB  HB2  sing N N 246 
PHE CB  HB3  sing N N 247 
PHE CG  CD1  doub Y N 248 
PHE CG  CD2  sing Y N 249 
PHE CD1 CE1  sing Y N 250 
PHE CD1 HD1  sing N N 251 
PHE CD2 CE2  doub Y N 252 
PHE CD2 HD2  sing N N 253 
PHE CE1 CZ   doub Y N 254 
PHE CE1 HE1  sing N N 255 
PHE CE2 CZ   sing Y N 256 
PHE CE2 HE2  sing N N 257 
PHE CZ  HZ   sing N N 258 
PHE OXT HXT  sing N N 259 
PRO N   CA   sing N N 260 
PRO N   CD   sing N N 261 
PRO N   H    sing N N 262 
PRO CA  C    sing N N 263 
PRO CA  CB   sing N N 264 
PRO CA  HA   sing N N 265 
PRO C   O    doub N N 266 
PRO C   OXT  sing N N 267 
PRO CB  CG   sing N N 268 
PRO CB  HB2  sing N N 269 
PRO CB  HB3  sing N N 270 
PRO CG  CD   sing N N 271 
PRO CG  HG2  sing N N 272 
PRO CG  HG3  sing N N 273 
PRO CD  HD2  sing N N 274 
PRO CD  HD3  sing N N 275 
PRO OXT HXT  sing N N 276 
SER N   CA   sing N N 277 
SER N   H    sing N N 278 
SER N   H2   sing N N 279 
SER CA  C    sing N N 280 
SER CA  CB   sing N N 281 
SER CA  HA   sing N N 282 
SER C   O    doub N N 283 
SER C   OXT  sing N N 284 
SER CB  OG   sing N N 285 
SER CB  HB2  sing N N 286 
SER CB  HB3  sing N N 287 
SER OG  HG   sing N N 288 
SER OXT HXT  sing N N 289 
THR N   CA   sing N N 290 
THR N   H    sing N N 291 
THR N   H2   sing N N 292 
THR CA  C    sing N N 293 
THR CA  CB   sing N N 294 
THR CA  HA   sing N N 295 
THR C   O    doub N N 296 
THR C   OXT  sing N N 297 
THR CB  OG1  sing N N 298 
THR CB  CG2  sing N N 299 
THR CB  HB   sing N N 300 
THR OG1 HG1  sing N N 301 
THR CG2 HG21 sing N N 302 
THR CG2 HG22 sing N N 303 
THR CG2 HG23 sing N N 304 
THR OXT HXT  sing N N 305 
TRP N   CA   sing N N 306 
TRP N   H    sing N N 307 
TRP N   H2   sing N N 308 
TRP CA  C    sing N N 309 
TRP CA  CB   sing N N 310 
TRP CA  HA   sing N N 311 
TRP C   O    doub N N 312 
TRP C   OXT  sing N N 313 
TRP CB  CG   sing N N 314 
TRP CB  HB2  sing N N 315 
TRP CB  HB3  sing N N 316 
TRP CG  CD1  doub Y N 317 
TRP CG  CD2  sing Y N 318 
TRP CD1 NE1  sing Y N 319 
TRP CD1 HD1  sing N N 320 
TRP CD2 CE2  doub Y N 321 
TRP CD2 CE3  sing Y N 322 
TRP NE1 CE2  sing Y N 323 
TRP NE1 HE1  sing N N 324 
TRP CE2 CZ2  sing Y N 325 
TRP CE3 CZ3  doub Y N 326 
TRP CE3 HE3  sing N N 327 
TRP CZ2 CH2  doub Y N 328 
TRP CZ2 HZ2  sing N N 329 
TRP CZ3 CH2  sing Y N 330 
TRP CZ3 HZ3  sing N N 331 
TRP CH2 HH2  sing N N 332 
TRP OXT HXT  sing N N 333 
TYR N   CA   sing N N 334 
TYR N   H    sing N N 335 
TYR N   H2   sing N N 336 
TYR CA  C    sing N N 337 
TYR CA  CB   sing N N 338 
TYR CA  HA   sing N N 339 
TYR C   O    doub N N 340 
TYR C   OXT  sing N N 341 
TYR CB  CG   sing N N 342 
TYR CB  HB2  sing N N 343 
TYR CB  HB3  sing N N 344 
TYR CG  CD1  doub Y N 345 
TYR CG  CD2  sing Y N 346 
TYR CD1 CE1  sing Y N 347 
TYR CD1 HD1  sing N N 348 
TYR CD2 CE2  doub Y N 349 
TYR CD2 HD2  sing N N 350 
TYR CE1 CZ   doub Y N 351 
TYR CE1 HE1  sing N N 352 
TYR CE2 CZ   sing Y N 353 
TYR CE2 HE2  sing N N 354 
TYR CZ  OH   sing N N 355 
TYR OH  HH   sing N N 356 
TYR OXT HXT  sing N N 357 
VAL N   CA   sing N N 358 
VAL N   H    sing N N 359 
VAL N   H2   sing N N 360 
VAL CA  C    sing N N 361 
VAL CA  CB   sing N N 362 
VAL CA  HA   sing N N 363 
VAL C   O    doub N N 364 
VAL C   OXT  sing N N 365 
VAL CB  CG1  sing N N 366 
VAL CB  CG2  sing N N 367 
VAL CB  HB   sing N N 368 
VAL CG1 HG11 sing N N 369 
VAL CG1 HG12 sing N N 370 
VAL CG1 HG13 sing N N 371 
VAL CG2 HG21 sing N N 372 
VAL CG2 HG22 sing N N 373 
VAL CG2 HG23 sing N N 374 
VAL OXT HXT  sing N N 375 
# 
_pdbx_entity_nonpoly.entity_id   2 
_pdbx_entity_nonpoly.name        water 
_pdbx_entity_nonpoly.comp_id     HOH 
# 
_pdbx_initial_refinement_model.id               1 
_pdbx_initial_refinement_model.entity_id_list   ? 
_pdbx_initial_refinement_model.type             'experimental model' 
_pdbx_initial_refinement_model.source_name      PDB 
_pdbx_initial_refinement_model.accession_code   1U20 
_pdbx_initial_refinement_model.details          'PDB entry 1U20' 
# 
